data_3IXC
# 
_entry.id   3IXC 
# 
_audit_conform.dict_name       mmcif_pdbx.dic 
_audit_conform.dict_version    5.378 
_audit_conform.dict_location   http://mmcif.pdb.org/dictionaries/ascii/mmcif_pdbx.dic 
# 
loop_
_database_2.database_id 
_database_2.database_code 
_database_2.pdbx_database_accession 
_database_2.pdbx_DOI 
PDB   3IXC         pdb_00003ixc 10.2210/pdb3ixc/pdb 
RCSB  RCSB054982   ?            ?                   
WWPDB D_1000054982 ?            ?                   
# 
_pdbx_database_related.db_name        TargetDB 
_pdbx_database_related.db_id          AnphA.01106.a 
_pdbx_database_related.details        . 
_pdbx_database_related.content_type   unspecified 
# 
_pdbx_database_status.entry_id                        3IXC 
_pdbx_database_status.deposit_site                    RCSB 
_pdbx_database_status.process_site                    RCSB 
_pdbx_database_status.recvd_initial_deposition_date   2009-09-03 
_pdbx_database_status.status_code                     REL 
_pdbx_database_status.status_code_sf                  REL 
_pdbx_database_status.status_code_mr                  ? 
_pdbx_database_status.SG_entry                        Y 
_pdbx_database_status.pdb_format_compatible           Y 
_pdbx_database_status.status_code_cs                  ? 
_pdbx_database_status.status_code_nmr_data            ? 
_pdbx_database_status.methods_development_category    ? 
# 
_audit_author.name           'Seattle Structural Genomics Center for Infectious Disease (SSGCID)' 
_audit_author.pdbx_ordinal   1 
# 
_citation.id                        primary 
_citation.title                     'Crystal structure of hexapeptide transferase family protein from Anaplasma phagocytophilum' 
_citation.journal_abbrev            'To be Published' 
_citation.journal_volume            ? 
_citation.page_first                ? 
_citation.page_last                 ? 
_citation.year                      ? 
_citation.journal_id_ASTM           ? 
_citation.country                   ? 
_citation.journal_id_ISSN           ? 
_citation.journal_id_CSD            0353 
_citation.book_publisher            ? 
_citation.pdbx_database_id_PubMed   ? 
_citation.pdbx_database_id_DOI      ? 
# 
loop_
_citation_author.citation_id 
_citation_author.name 
_citation_author.ordinal 
_citation_author.identifier_ORCID 
primary 'Edwards, T.E.'                                                      1 ? 
primary 'Davies, D.R.'                                                       2 ? 
primary 'Seattle Structural Genomics Center for Infectious Disease (SSGCID)' 3 ? 
# 
_cell.length_a           92.091 
_cell.length_b           92.091 
_cell.length_c           92.091 
_cell.angle_alpha        90.000 
_cell.angle_beta         90.000 
_cell.angle_gamma        90.000 
_cell.entry_id           3IXC 
_cell.pdbx_unique_axis   ? 
_cell.Z_PDB              12 
_cell.length_a_esd       ? 
_cell.length_b_esd       ? 
_cell.length_c_esd       ? 
_cell.angle_alpha_esd    ? 
_cell.angle_beta_esd     ? 
_cell.angle_gamma_esd    ? 
# 
_symmetry.space_group_name_H-M             'P 21 3' 
_symmetry.entry_id                         3IXC 
_symmetry.Int_Tables_number                198 
_symmetry.pdbx_full_space_group_name_H-M   ? 
_symmetry.cell_setting                     ? 
_symmetry.space_group_name_Hall            ? 
# 
loop_
_entity.id 
_entity.type 
_entity.src_method 
_entity.pdbx_description 
_entity.formula_weight 
_entity.pdbx_number_of_molecules 
_entity.pdbx_ec 
_entity.pdbx_mutation 
_entity.pdbx_fragment 
_entity.details 
1 polymer     man 'Hexapeptide transferase family protein' 20549.535 1   ? ? ? ? 
2 non-polymer syn 'MAGNESIUM ION'                          24.305    1   ? ? ? ? 
3 water       nat water                                    18.015    195 ? ? ? ? 
# 
_entity_poly.entity_id                      1 
_entity_poly.type                           'polypeptide(L)' 
_entity_poly.nstd_linkage                   no 
_entity_poly.nstd_monomer                   no 
_entity_poly.pdbx_seq_one_letter_code       
;MAHHHHHHMGTLEAQTQGPGSMREVLVPYAGVSPSVDSTAFIAGNARIIGDVCIGKNASIWYGTVLRGDVDKIEVGEGTN
IQDNTVVHTDSMHGDTVIGKFVTIGHSCILHACTLGNNAFVGMGSIVMDRAVMEEGSMLAAGSLLTRGKIVKSGELWAGR
PAKFLRMMTEEEILYLQKSAENYIALSRGYL
;
_entity_poly.pdbx_seq_one_letter_code_can   
;MAHHHHHHMGTLEAQTQGPGSMREVLVPYAGVSPSVDSTAFIAGNARIIGDVCIGKNASIWYGTVLRGDVDKIEVGEGTN
IQDNTVVHTDSMHGDTVIGKFVTIGHSCILHACTLGNNAFVGMGSIVMDRAVMEEGSMLAAGSLLTRGKIVKSGELWAGR
PAKFLRMMTEEEILYLQKSAENYIALSRGYL
;
_entity_poly.pdbx_strand_id                 A 
_entity_poly.pdbx_target_identifier         AnphA.01106.a 
# 
loop_
_entity_poly_seq.entity_id 
_entity_poly_seq.num 
_entity_poly_seq.mon_id 
_entity_poly_seq.hetero 
1 1   MET n 
1 2   ALA n 
1 3   HIS n 
1 4   HIS n 
1 5   HIS n 
1 6   HIS n 
1 7   HIS n 
1 8   HIS n 
1 9   MET n 
1 10  GLY n 
1 11  THR n 
1 12  LEU n 
1 13  GLU n 
1 14  ALA n 
1 15  GLN n 
1 16  THR n 
1 17  GLN n 
1 18  GLY n 
1 19  PRO n 
1 20  GLY n 
1 21  SER n 
1 22  MET n 
1 23  ARG n 
1 24  GLU n 
1 25  VAL n 
1 26  LEU n 
1 27  VAL n 
1 28  PRO n 
1 29  TYR n 
1 30  ALA n 
1 31  GLY n 
1 32  VAL n 
1 33  SER n 
1 34  PRO n 
1 35  SER n 
1 36  VAL n 
1 37  ASP n 
1 38  SER n 
1 39  THR n 
1 40  ALA n 
1 41  PHE n 
1 42  ILE n 
1 43  ALA n 
1 44  GLY n 
1 45  ASN n 
1 46  ALA n 
1 47  ARG n 
1 48  ILE n 
1 49  ILE n 
1 50  GLY n 
1 51  ASP n 
1 52  VAL n 
1 53  CYS n 
1 54  ILE n 
1 55  GLY n 
1 56  LYS n 
1 57  ASN n 
1 58  ALA n 
1 59  SER n 
1 60  ILE n 
1 61  TRP n 
1 62  TYR n 
1 63  GLY n 
1 64  THR n 
1 65  VAL n 
1 66  LEU n 
1 67  ARG n 
1 68  GLY n 
1 69  ASP n 
1 70  VAL n 
1 71  ASP n 
1 72  LYS n 
1 73  ILE n 
1 74  GLU n 
1 75  VAL n 
1 76  GLY n 
1 77  GLU n 
1 78  GLY n 
1 79  THR n 
1 80  ASN n 
1 81  ILE n 
1 82  GLN n 
1 83  ASP n 
1 84  ASN n 
1 85  THR n 
1 86  VAL n 
1 87  VAL n 
1 88  HIS n 
1 89  THR n 
1 90  ASP n 
1 91  SER n 
1 92  MET n 
1 93  HIS n 
1 94  GLY n 
1 95  ASP n 
1 96  THR n 
1 97  VAL n 
1 98  ILE n 
1 99  GLY n 
1 100 LYS n 
1 101 PHE n 
1 102 VAL n 
1 103 THR n 
1 104 ILE n 
1 105 GLY n 
1 106 HIS n 
1 107 SER n 
1 108 CYS n 
1 109 ILE n 
1 110 LEU n 
1 111 HIS n 
1 112 ALA n 
1 113 CYS n 
1 114 THR n 
1 115 LEU n 
1 116 GLY n 
1 117 ASN n 
1 118 ASN n 
1 119 ALA n 
1 120 PHE n 
1 121 VAL n 
1 122 GLY n 
1 123 MET n 
1 124 GLY n 
1 125 SER n 
1 126 ILE n 
1 127 VAL n 
1 128 MET n 
1 129 ASP n 
1 130 ARG n 
1 131 ALA n 
1 132 VAL n 
1 133 MET n 
1 134 GLU n 
1 135 GLU n 
1 136 GLY n 
1 137 SER n 
1 138 MET n 
1 139 LEU n 
1 140 ALA n 
1 141 ALA n 
1 142 GLY n 
1 143 SER n 
1 144 LEU n 
1 145 LEU n 
1 146 THR n 
1 147 ARG n 
1 148 GLY n 
1 149 LYS n 
1 150 ILE n 
1 151 VAL n 
1 152 LYS n 
1 153 SER n 
1 154 GLY n 
1 155 GLU n 
1 156 LEU n 
1 157 TRP n 
1 158 ALA n 
1 159 GLY n 
1 160 ARG n 
1 161 PRO n 
1 162 ALA n 
1 163 LYS n 
1 164 PHE n 
1 165 LEU n 
1 166 ARG n 
1 167 MET n 
1 168 MET n 
1 169 THR n 
1 170 GLU n 
1 171 GLU n 
1 172 GLU n 
1 173 ILE n 
1 174 LEU n 
1 175 TYR n 
1 176 LEU n 
1 177 GLN n 
1 178 LYS n 
1 179 SER n 
1 180 ALA n 
1 181 GLU n 
1 182 ASN n 
1 183 TYR n 
1 184 ILE n 
1 185 ALA n 
1 186 LEU n 
1 187 SER n 
1 188 ARG n 
1 189 GLY n 
1 190 TYR n 
1 191 LEU n 
# 
_entity_src_gen.entity_id                          1 
_entity_src_gen.pdbx_src_id                        1 
_entity_src_gen.pdbx_alt_source_flag               sample 
_entity_src_gen.pdbx_seq_type                      ? 
_entity_src_gen.pdbx_beg_seq_num                   ? 
_entity_src_gen.pdbx_end_seq_num                   ? 
_entity_src_gen.gene_src_common_name               ? 
_entity_src_gen.gene_src_genus                     ? 
_entity_src_gen.pdbx_gene_src_gene                 APH_1197 
_entity_src_gen.gene_src_species                   ? 
_entity_src_gen.gene_src_strain                    HZ 
_entity_src_gen.gene_src_tissue                    ? 
_entity_src_gen.gene_src_tissue_fraction           ? 
_entity_src_gen.gene_src_details                   ? 
_entity_src_gen.pdbx_gene_src_fragment             ? 
_entity_src_gen.pdbx_gene_src_scientific_name      'Anaplasma phagocytophilum' 
_entity_src_gen.pdbx_gene_src_ncbi_taxonomy_id     212042 
_entity_src_gen.pdbx_gene_src_variant              ? 
_entity_src_gen.pdbx_gene_src_cell_line            ? 
_entity_src_gen.pdbx_gene_src_atcc                 ? 
_entity_src_gen.pdbx_gene_src_organ                ? 
_entity_src_gen.pdbx_gene_src_organelle            ? 
_entity_src_gen.pdbx_gene_src_cell                 ? 
_entity_src_gen.pdbx_gene_src_cellular_location    ? 
_entity_src_gen.host_org_common_name               ? 
_entity_src_gen.pdbx_host_org_scientific_name      'Escherichia coli' 
_entity_src_gen.pdbx_host_org_ncbi_taxonomy_id     562 
_entity_src_gen.host_org_genus                     ? 
_entity_src_gen.pdbx_host_org_gene                 ? 
_entity_src_gen.pdbx_host_org_organ                ? 
_entity_src_gen.host_org_species                   ? 
_entity_src_gen.pdbx_host_org_tissue               ? 
_entity_src_gen.pdbx_host_org_tissue_fraction      ? 
_entity_src_gen.pdbx_host_org_strain               ? 
_entity_src_gen.pdbx_host_org_variant              ? 
_entity_src_gen.pdbx_host_org_cell_line            ? 
_entity_src_gen.pdbx_host_org_atcc                 ? 
_entity_src_gen.pdbx_host_org_culture_collection   ? 
_entity_src_gen.pdbx_host_org_cell                 ? 
_entity_src_gen.pdbx_host_org_organelle            ? 
_entity_src_gen.pdbx_host_org_cellular_location    ? 
_entity_src_gen.pdbx_host_org_vector_type          AVA0421 
_entity_src_gen.pdbx_host_org_vector               ? 
_entity_src_gen.host_org_details                   ? 
_entity_src_gen.expression_system_id               ? 
_entity_src_gen.plasmid_name                       ? 
_entity_src_gen.plasmid_details                    ? 
_entity_src_gen.pdbx_description                   ? 
# 
_struct_ref.id                         1 
_struct_ref.db_name                    UNP 
_struct_ref.db_code                    Q2GIS1_ANAPZ 
_struct_ref.pdbx_db_accession          Q2GIS1 
_struct_ref.entity_id                  1 
_struct_ref.pdbx_seq_one_letter_code   
;MREVLVPYAGVSPSVDSTAFIAGNARIIGDVCIGKNASIWYGTVLRGDVDKIEVGEGTNIQDNTVVHTDSMHGDTVIGKF
VTIGHSCILHACTLGNNAFVGMGSIVMDRAVMEEGSMLAAGSLLTRGKIVKSGELWAGRPAKFLRMMTEEEILYLQKSAE
NYIALSRGYL
;
_struct_ref.pdbx_align_begin           1 
_struct_ref.pdbx_db_isoform            ? 
# 
_struct_ref_seq.align_id                      1 
_struct_ref_seq.ref_id                        1 
_struct_ref_seq.pdbx_PDB_id_code              3IXC 
_struct_ref_seq.pdbx_strand_id                A 
_struct_ref_seq.seq_align_beg                 22 
_struct_ref_seq.pdbx_seq_align_beg_ins_code   ? 
_struct_ref_seq.seq_align_end                 191 
_struct_ref_seq.pdbx_seq_align_end_ins_code   ? 
_struct_ref_seq.pdbx_db_accession             Q2GIS1 
_struct_ref_seq.db_align_beg                  1 
_struct_ref_seq.pdbx_db_align_beg_ins_code    ? 
_struct_ref_seq.db_align_end                  170 
_struct_ref_seq.pdbx_db_align_end_ins_code    ? 
_struct_ref_seq.pdbx_auth_seq_align_beg       1 
_struct_ref_seq.pdbx_auth_seq_align_end       170 
# 
loop_
_struct_ref_seq_dif.align_id 
_struct_ref_seq_dif.pdbx_pdb_id_code 
_struct_ref_seq_dif.mon_id 
_struct_ref_seq_dif.pdbx_pdb_strand_id 
_struct_ref_seq_dif.seq_num 
_struct_ref_seq_dif.pdbx_pdb_ins_code 
_struct_ref_seq_dif.pdbx_seq_db_name 
_struct_ref_seq_dif.pdbx_seq_db_accession_code 
_struct_ref_seq_dif.db_mon_id 
_struct_ref_seq_dif.pdbx_seq_db_seq_num 
_struct_ref_seq_dif.details 
_struct_ref_seq_dif.pdbx_auth_seq_num 
_struct_ref_seq_dif.pdbx_ordinal 
1 3IXC MET A 1  ? UNP Q2GIS1 ? ? 'expression tag' -20 1  
1 3IXC ALA A 2  ? UNP Q2GIS1 ? ? 'expression tag' -19 2  
1 3IXC HIS A 3  ? UNP Q2GIS1 ? ? 'expression tag' -18 3  
1 3IXC HIS A 4  ? UNP Q2GIS1 ? ? 'expression tag' -17 4  
1 3IXC HIS A 5  ? UNP Q2GIS1 ? ? 'expression tag' -16 5  
1 3IXC HIS A 6  ? UNP Q2GIS1 ? ? 'expression tag' -15 6  
1 3IXC HIS A 7  ? UNP Q2GIS1 ? ? 'expression tag' -14 7  
1 3IXC HIS A 8  ? UNP Q2GIS1 ? ? 'expression tag' -13 8  
1 3IXC MET A 9  ? UNP Q2GIS1 ? ? 'expression tag' -12 9  
1 3IXC GLY A 10 ? UNP Q2GIS1 ? ? 'expression tag' -11 10 
1 3IXC THR A 11 ? UNP Q2GIS1 ? ? 'expression tag' -10 11 
1 3IXC LEU A 12 ? UNP Q2GIS1 ? ? 'expression tag' -9  12 
1 3IXC GLU A 13 ? UNP Q2GIS1 ? ? 'expression tag' -8  13 
1 3IXC ALA A 14 ? UNP Q2GIS1 ? ? 'expression tag' -7  14 
1 3IXC GLN A 15 ? UNP Q2GIS1 ? ? 'expression tag' -6  15 
1 3IXC THR A 16 ? UNP Q2GIS1 ? ? 'expression tag' -5  16 
1 3IXC GLN A 17 ? UNP Q2GIS1 ? ? 'expression tag' -4  17 
1 3IXC GLY A 18 ? UNP Q2GIS1 ? ? 'expression tag' -3  18 
1 3IXC PRO A 19 ? UNP Q2GIS1 ? ? 'expression tag' -2  19 
1 3IXC GLY A 20 ? UNP Q2GIS1 ? ? 'expression tag' -1  20 
1 3IXC SER A 21 ? UNP Q2GIS1 ? ? 'expression tag' 0   21 
# 
loop_
_chem_comp.id 
_chem_comp.type 
_chem_comp.mon_nstd_flag 
_chem_comp.name 
_chem_comp.pdbx_synonyms 
_chem_comp.formula 
_chem_comp.formula_weight 
ALA 'L-peptide linking' y ALANINE         ? 'C3 H7 N O2'     89.093  
ARG 'L-peptide linking' y ARGININE        ? 'C6 H15 N4 O2 1' 175.209 
ASN 'L-peptide linking' y ASPARAGINE      ? 'C4 H8 N2 O3'    132.118 
ASP 'L-peptide linking' y 'ASPARTIC ACID' ? 'C4 H7 N O4'     133.103 
CYS 'L-peptide linking' y CYSTEINE        ? 'C3 H7 N O2 S'   121.158 
GLN 'L-peptide linking' y GLUTAMINE       ? 'C5 H10 N2 O3'   146.144 
GLU 'L-peptide linking' y 'GLUTAMIC ACID' ? 'C5 H9 N O4'     147.129 
GLY 'peptide linking'   y GLYCINE         ? 'C2 H5 N O2'     75.067  
HIS 'L-peptide linking' y HISTIDINE       ? 'C6 H10 N3 O2 1' 156.162 
HOH non-polymer         . WATER           ? 'H2 O'           18.015  
ILE 'L-peptide linking' y ISOLEUCINE      ? 'C6 H13 N O2'    131.173 
LEU 'L-peptide linking' y LEUCINE         ? 'C6 H13 N O2'    131.173 
LYS 'L-peptide linking' y LYSINE          ? 'C6 H15 N2 O2 1' 147.195 
MET 'L-peptide linking' y METHIONINE      ? 'C5 H11 N O2 S'  149.211 
MG  non-polymer         . 'MAGNESIUM ION' ? 'Mg 2'           24.305  
PHE 'L-peptide linking' y PHENYLALANINE   ? 'C9 H11 N O2'    165.189 
PRO 'L-peptide linking' y PROLINE         ? 'C5 H9 N O2'     115.130 
SER 'L-peptide linking' y SERINE          ? 'C3 H7 N O3'     105.093 
THR 'L-peptide linking' y THREONINE       ? 'C4 H9 N O3'     119.119 
TRP 'L-peptide linking' y TRYPTOPHAN      ? 'C11 H12 N2 O2'  204.225 
TYR 'L-peptide linking' y TYROSINE        ? 'C9 H11 N O3'    181.189 
VAL 'L-peptide linking' y VALINE          ? 'C5 H11 N O2'    117.146 
# 
_exptl.crystals_number   1 
_exptl.entry_id          3IXC 
_exptl.method            'X-RAY DIFFRACTION' 
# 
_exptl_crystal.id                    1 
_exptl_crystal.density_Matthews      3.17 
_exptl_crystal.density_meas          ? 
_exptl_crystal.density_percent_sol   61.16 
_exptl_crystal.description           ? 
_exptl_crystal.F_000                 ? 
_exptl_crystal.preparation           ? 
# 
_exptl_crystal_grow.crystal_id      1 
_exptl_crystal_grow.method          'VAPOR DIFFUSION, SITTING DROP' 
_exptl_crystal_grow.pH              8.5 
_exptl_crystal_grow.temp            289 
_exptl_crystal_grow.temp_details    ? 
_exptl_crystal_grow.pdbx_details    
;Hampton CSHT condition D12, 2.0 M ammonium phosphate, 0.1 M Tris pH 8.5, 26.5 mg/mL protein, crystal tracking ID 204803d12, expression tag not removed prior to crystallization, VAPOR DIFFUSION, SITTING DROP, temperature 289K
;
_exptl_crystal_grow.pdbx_pH_range   ? 
# 
_diffrn.id                     1 
_diffrn.ambient_temp           100 
_diffrn.ambient_temp_details   ? 
_diffrn.crystal_id             1 
# 
_diffrn_detector.diffrn_id              1 
_diffrn_detector.detector               CCD 
_diffrn_detector.type                   'RIGAKU SATURN 944+' 
_diffrn_detector.pdbx_collection_date   2009-08-25 
_diffrn_detector.details                ? 
# 
_diffrn_radiation.diffrn_id                        1 
_diffrn_radiation.wavelength_id                    1 
_diffrn_radiation.pdbx_diffrn_protocol             'SINGLE WAVELENGTH' 
_diffrn_radiation.monochromator                    ? 
_diffrn_radiation.pdbx_monochromatic_or_laue_m_l   M 
_diffrn_radiation.pdbx_scattering_type             x-ray 
# 
_diffrn_radiation_wavelength.id           1 
_diffrn_radiation_wavelength.wavelength   1.5418 
_diffrn_radiation_wavelength.wt           1.0 
# 
_diffrn_source.diffrn_id                   1 
_diffrn_source.source                      'ROTATING ANODE' 
_diffrn_source.type                        'RIGAKU FR-E+ SUPERBRIGHT' 
_diffrn_source.pdbx_wavelength             ? 
_diffrn_source.pdbx_wavelength_list        1.5418 
_diffrn_source.pdbx_synchrotron_site       ? 
_diffrn_source.pdbx_synchrotron_beamline   ? 
# 
_reflns.entry_id                     3IXC 
_reflns.observed_criterion_sigma_F   ? 
_reflns.observed_criterion_sigma_I   ? 
_reflns.d_resolution_high            1.61 
_reflns.d_resolution_low             50 
_reflns.number_all                   ? 
_reflns.number_obs                   32905 
_reflns.percent_possible_obs         96.9 
_reflns.pdbx_Rmerge_I_obs            0.086 
_reflns.pdbx_Rsym_value              ? 
_reflns.pdbx_netI_over_sigmaI        12.46 
_reflns.B_iso_Wilson_estimate        ? 
_reflns.pdbx_redundancy              3.2 
_reflns.R_free_details               ? 
_reflns.limit_h_max                  ? 
_reflns.limit_h_min                  ? 
_reflns.limit_k_max                  ? 
_reflns.limit_k_min                  ? 
_reflns.limit_l_max                  ? 
_reflns.limit_l_min                  ? 
_reflns.observed_criterion_F_max     ? 
_reflns.observed_criterion_F_min     ? 
_reflns.pdbx_chi_squared             ? 
_reflns.pdbx_scaling_rejects         ? 
_reflns.pdbx_ordinal                 1 
_reflns.pdbx_diffrn_id               1 
# 
_reflns_shell.d_res_high             1.61 
_reflns_shell.d_res_low              1.67 
_reflns_shell.percent_possible_obs   ? 
_reflns_shell.percent_possible_all   84.2 
_reflns_shell.Rmerge_I_obs           0.395 
_reflns_shell.meanI_over_sigI_obs    2.09 
_reflns_shell.pdbx_Rsym_value        ? 
_reflns_shell.pdbx_redundancy        2.0 
_reflns_shell.number_unique_all      2802 
_reflns_shell.number_measured_all    ? 
_reflns_shell.number_measured_obs    ? 
_reflns_shell.number_unique_obs      ? 
_reflns_shell.pdbx_chi_squared       ? 
_reflns_shell.pdbx_ordinal           1 
_reflns_shell.pdbx_diffrn_id         1 
# 
_refine.entry_id                                 3IXC 
_refine.ls_d_res_high                            1.610 
_refine.ls_d_res_low                             50 
_refine.pdbx_ls_sigma_F                          0.00 
_refine.pdbx_data_cutoff_high_absF               ? 
_refine.pdbx_data_cutoff_low_absF                ? 
_refine.ls_percent_reflns_obs                    96.890 
_refine.ls_number_reflns_obs                     32887 
_refine.ls_number_reflns_all                     ? 
_refine.pdbx_ls_cross_valid_method               THROUGHOUT 
_refine.pdbx_R_Free_selection_details            RANDOM 
_refine.details                                  'HYDROGENS HAVE BEEN ADDED IN THE RIDING POSITIONS U VALUES      : RESIDUAL ONLY' 
_refine.ls_R_factor_all                          ? 
_refine.ls_R_factor_obs                          0.176 
_refine.ls_R_factor_R_work                       0.176 
_refine.ls_wR_factor_R_work                      0.181 
_refine.ls_R_factor_R_free                       0.194 
_refine.ls_wR_factor_R_free                      0.205 
_refine.ls_percent_reflns_R_free                 5.100 
_refine.ls_number_reflns_R_free                  1674 
_refine.ls_R_factor_R_free_error                 ? 
_refine.B_iso_mean                               12.376 
_refine.solvent_model_param_bsol                 ? 
_refine.solvent_model_param_ksol                 ? 
_refine.pdbx_isotropic_thermal_model             ? 
_refine.aniso_B[1][1]                            ? 
_refine.aniso_B[2][2]                            ? 
_refine.aniso_B[3][3]                            ? 
_refine.aniso_B[1][2]                            ? 
_refine.aniso_B[1][3]                            ? 
_refine.aniso_B[2][3]                            ? 
_refine.correlation_coeff_Fo_to_Fc               0.964 
_refine.correlation_coeff_Fo_to_Fc_free          0.960 
_refine.overall_SU_R_Cruickshank_DPI             0.072 
_refine.overall_SU_R_free                        0.071 
_refine.pdbx_overall_ESU_R                       0.072 
_refine.pdbx_overall_ESU_R_Free                  0.071 
_refine.overall_SU_ML                            0.044 
_refine.overall_SU_B                             2.803 
_refine.solvent_model_details                    MASK 
_refine.pdbx_solvent_vdw_probe_radii             1.400 
_refine.pdbx_solvent_ion_probe_radii             0.800 
_refine.pdbx_solvent_shrinkage_radii             0.800 
_refine.ls_number_parameters                     ? 
_refine.ls_number_restraints                     ? 
_refine.pdbx_starting_model                      'PDB ENTRY 1XHD' 
_refine.pdbx_method_to_determine_struct          'MOLECULAR REPLACEMENT' 
_refine.pdbx_stereochemistry_target_values       'MAXIMUM LIKELIHOOD' 
_refine.pdbx_stereochem_target_val_spec_case     ? 
_refine.overall_FOM_work_R_set                   0.872 
_refine.B_iso_max                                47.39 
_refine.B_iso_min                                5.42 
_refine.occupancy_max                            1.00 
_refine.occupancy_min                            0.25 
_refine.pdbx_ls_sigma_I                          ? 
_refine.ls_redundancy_reflns_obs                 ? 
_refine.ls_R_factor_R_free_error_details         ? 
_refine.pdbx_data_cutoff_high_rms_absF           ? 
_refine.overall_FOM_free_R_set                   ? 
_refine.pdbx_overall_phase_error                 ? 
_refine.pdbx_refine_id                           'X-RAY DIFFRACTION' 
_refine.pdbx_TLS_residual_ADP_flag               'LIKELY RESIDUAL' 
_refine.pdbx_diffrn_id                           1 
_refine.pdbx_overall_SU_R_free_Cruickshank_DPI   ? 
_refine.pdbx_overall_SU_R_Blow_DPI               ? 
_refine.pdbx_overall_SU_R_free_Blow_DPI          ? 
# 
_refine_hist.pdbx_refine_id                   'X-RAY DIFFRACTION' 
_refine_hist.cycle_id                         LAST 
_refine_hist.pdbx_number_atoms_protein        1227 
_refine_hist.pdbx_number_atoms_nucleic_acid   0 
_refine_hist.pdbx_number_atoms_ligand         1 
_refine_hist.number_atoms_solvent             195 
_refine_hist.number_atoms_total               1423 
_refine_hist.d_res_high                       1.610 
_refine_hist.d_res_low                        50 
# 
loop_
_refine_ls_restr.type 
_refine_ls_restr.number 
_refine_ls_restr.dev_ideal 
_refine_ls_restr.dev_ideal_target 
_refine_ls_restr.weight 
_refine_ls_restr.pdbx_refine_id 
_refine_ls_restr.pdbx_restraint_function 
r_bond_refined_d       1367 0.008  0.022  ? 'X-RAY DIFFRACTION' ? 
r_angle_refined_deg    1876 1.201  1.962  ? 'X-RAY DIFFRACTION' ? 
r_dihedral_angle_1_deg 198  6.078  5.000  ? 'X-RAY DIFFRACTION' ? 
r_dihedral_angle_2_deg 50   28.041 22.800 ? 'X-RAY DIFFRACTION' ? 
r_dihedral_angle_3_deg 246  12.528 15.000 ? 'X-RAY DIFFRACTION' ? 
r_dihedral_angle_4_deg 10   7.959  15.000 ? 'X-RAY DIFFRACTION' ? 
r_chiral_restr         225  0.080  0.200  ? 'X-RAY DIFFRACTION' ? 
r_gen_planes_refined   1016 0.005  0.020  ? 'X-RAY DIFFRACTION' ? 
r_mcbond_it            872  0.451  1.500  ? 'X-RAY DIFFRACTION' ? 
r_mcangle_it           1419 0.852  2.000  ? 'X-RAY DIFFRACTION' ? 
r_scbond_it            495  1.523  3.000  ? 'X-RAY DIFFRACTION' ? 
r_scangle_it           441  2.506  4.500  ? 'X-RAY DIFFRACTION' ? 
# 
_refine_ls_shell.d_res_high                       1.610 
_refine_ls_shell.d_res_low                        1.652 
_refine_ls_shell.pdbx_total_number_of_bins_used   20 
_refine_ls_shell.percent_reflns_obs               80.490 
_refine_ls_shell.number_reflns_R_work             1908 
_refine_ls_shell.R_factor_all                     ? 
_refine_ls_shell.R_factor_R_work                  0.338 
_refine_ls_shell.R_factor_R_free                  0.385 
_refine_ls_shell.percent_reflns_R_free            ? 
_refine_ls_shell.number_reflns_R_free             81 
_refine_ls_shell.R_factor_R_free_error            ? 
_refine_ls_shell.number_reflns_all                1989 
_refine_ls_shell.number_reflns_obs                ? 
_refine_ls_shell.redundancy_reflns_obs            ? 
_refine_ls_shell.pdbx_refine_id                   'X-RAY DIFFRACTION' 
# 
_struct.entry_id                  3IXC 
_struct.title                     'Crystal structure of hexapeptide transferase family protein from Anaplasma phagocytophilum' 
_struct.pdbx_model_details        ? 
_struct.pdbx_CASP_flag            ? 
_struct.pdbx_model_type_details   ? 
# 
_struct_keywords.entry_id        3IXC 
_struct_keywords.pdbx_keywords   TRANSFERASE 
_struct_keywords.text            
;NIAID, SSGCID, Seattle Structural Genomics Center for Infectious Disease, gram-negative bacteria, human granulocytic anaplasmosis, beta helix, Transferase
;
# 
loop_
_struct_asym.id 
_struct_asym.pdbx_blank_PDB_chainid_flag 
_struct_asym.pdbx_modified 
_struct_asym.entity_id 
_struct_asym.details 
A N N 1 ? 
B N N 2 ? 
C N N 3 ? 
# 
_struct_biol.id        1 
_struct_biol.details   ? 
# 
_struct_conf.conf_type_id            HELX_P 
_struct_conf.id                      HELX_P1 
_struct_conf.pdbx_PDB_helix_id       1 
_struct_conf.beg_label_comp_id       THR 
_struct_conf.beg_label_asym_id       A 
_struct_conf.beg_label_seq_id        169 
_struct_conf.pdbx_beg_PDB_ins_code   ? 
_struct_conf.end_label_comp_id       GLY 
_struct_conf.end_label_asym_id       A 
_struct_conf.end_label_seq_id        189 
_struct_conf.pdbx_end_PDB_ins_code   ? 
_struct_conf.beg_auth_comp_id        THR 
_struct_conf.beg_auth_asym_id        A 
_struct_conf.beg_auth_seq_id         148 
_struct_conf.end_auth_comp_id        GLY 
_struct_conf.end_auth_asym_id        A 
_struct_conf.end_auth_seq_id         168 
_struct_conf.pdbx_PDB_helix_class    1 
_struct_conf.details                 ? 
_struct_conf.pdbx_PDB_helix_length   21 
# 
_struct_conf_type.id          HELX_P 
_struct_conf_type.criteria    ? 
_struct_conf_type.reference   ? 
# 
loop_
_struct_conn.id 
_struct_conn.conn_type_id 
_struct_conn.pdbx_leaving_atom_flag 
_struct_conn.pdbx_PDB_id 
_struct_conn.ptnr1_label_asym_id 
_struct_conn.ptnr1_label_comp_id 
_struct_conn.ptnr1_label_seq_id 
_struct_conn.ptnr1_label_atom_id 
_struct_conn.pdbx_ptnr1_label_alt_id 
_struct_conn.pdbx_ptnr1_PDB_ins_code 
_struct_conn.pdbx_ptnr1_standard_comp_id 
_struct_conn.ptnr1_symmetry 
_struct_conn.ptnr2_label_asym_id 
_struct_conn.ptnr2_label_comp_id 
_struct_conn.ptnr2_label_seq_id 
_struct_conn.ptnr2_label_atom_id 
_struct_conn.pdbx_ptnr2_label_alt_id 
_struct_conn.pdbx_ptnr2_PDB_ins_code 
_struct_conn.ptnr1_auth_asym_id 
_struct_conn.ptnr1_auth_comp_id 
_struct_conn.ptnr1_auth_seq_id 
_struct_conn.ptnr2_auth_asym_id 
_struct_conn.ptnr2_auth_comp_id 
_struct_conn.ptnr2_auth_seq_id 
_struct_conn.ptnr2_symmetry 
_struct_conn.pdbx_ptnr3_label_atom_id 
_struct_conn.pdbx_ptnr3_label_seq_id 
_struct_conn.pdbx_ptnr3_label_comp_id 
_struct_conn.pdbx_ptnr3_label_asym_id 
_struct_conn.pdbx_ptnr3_label_alt_id 
_struct_conn.pdbx_ptnr3_PDB_ins_code 
_struct_conn.details 
_struct_conn.pdbx_dist_value 
_struct_conn.pdbx_value_order 
_struct_conn.pdbx_role 
metalc1 metalc ? ? A HIS 88  ND1 A ? ? 1_555 B MG  . MG ? ? A HIS 67  A MG  171 1_555 ? ? ? ? ? ? ? 2.300 ? ? 
metalc2 metalc ? ? A HIS 88  ND1 B ? ? 1_555 B MG  . MG ? ? A HIS 67  A MG  171 1_555 ? ? ? ? ? ? ? 2.277 ? ? 
metalc3 metalc ? ? A HIS 106 NE2 ? ? ? 8_645 B MG  . MG ? ? A HIS 85  A MG  171 1_555 ? ? ? ? ? ? ? 2.352 ? ? 
metalc4 metalc ? ? A HIS 111 NE2 A ? ? 1_555 B MG  . MG ? ? A HIS 90  A MG  171 1_555 ? ? ? ? ? ? ? 2.375 ? ? 
metalc5 metalc ? ? A HIS 111 NE2 B ? ? 1_555 B MG  . MG ? ? A HIS 90  A MG  171 1_555 ? ? ? ? ? ? ? 2.460 ? ? 
metalc6 metalc ? ? B MG  .   MG  ? ? ? 1_555 C HOH . O  ? ? A MG  171 A HOH 197 1_555 ? ? ? ? ? ? ? 1.971 ? ? 
# 
_struct_conn_type.id          metalc 
_struct_conn_type.criteria    ? 
_struct_conn_type.reference   ? 
# 
loop_
_struct_mon_prot_cis.pdbx_id 
_struct_mon_prot_cis.label_comp_id 
_struct_mon_prot_cis.label_seq_id 
_struct_mon_prot_cis.label_asym_id 
_struct_mon_prot_cis.label_alt_id 
_struct_mon_prot_cis.pdbx_PDB_ins_code 
_struct_mon_prot_cis.auth_comp_id 
_struct_mon_prot_cis.auth_seq_id 
_struct_mon_prot_cis.auth_asym_id 
_struct_mon_prot_cis.pdbx_label_comp_id_2 
_struct_mon_prot_cis.pdbx_label_seq_id_2 
_struct_mon_prot_cis.pdbx_label_asym_id_2 
_struct_mon_prot_cis.pdbx_PDB_ins_code_2 
_struct_mon_prot_cis.pdbx_auth_comp_id_2 
_struct_mon_prot_cis.pdbx_auth_seq_id_2 
_struct_mon_prot_cis.pdbx_auth_asym_id_2 
_struct_mon_prot_cis.pdbx_PDB_model_num 
_struct_mon_prot_cis.pdbx_omega_angle 
1 ARG 160 A . ? ARG 139 A PRO 161 A ? PRO 140 A 1 -3.01 
2 ARG 160 A . ? ARG 139 A PRO 161 A ? PRO 140 A 1 -3.23 
# 
loop_
_struct_sheet.id 
_struct_sheet.type 
_struct_sheet.number_strands 
_struct_sheet.details 
A ? 7 ? 
B ? 7 ? 
C ? 8 ? 
# 
loop_
_struct_sheet_order.sheet_id 
_struct_sheet_order.range_id_1 
_struct_sheet_order.range_id_2 
_struct_sheet_order.offset 
_struct_sheet_order.sense 
A 1 2 ? parallel      
A 2 3 ? parallel      
A 3 4 ? parallel      
A 4 5 ? parallel      
A 5 6 ? parallel      
A 6 7 ? parallel      
B 1 2 ? parallel      
B 2 3 ? parallel      
B 3 4 ? parallel      
B 4 5 ? parallel      
B 5 6 ? parallel      
B 6 7 ? parallel      
C 1 2 ? parallel      
C 2 3 ? parallel      
C 3 4 ? parallel      
C 4 5 ? parallel      
C 5 6 ? parallel      
C 6 7 ? parallel      
C 7 8 ? anti-parallel 
# 
loop_
_struct_sheet_range.sheet_id 
_struct_sheet_range.id 
_struct_sheet_range.beg_label_comp_id 
_struct_sheet_range.beg_label_asym_id 
_struct_sheet_range.beg_label_seq_id 
_struct_sheet_range.pdbx_beg_PDB_ins_code 
_struct_sheet_range.end_label_comp_id 
_struct_sheet_range.end_label_asym_id 
_struct_sheet_range.end_label_seq_id 
_struct_sheet_range.pdbx_end_PDB_ins_code 
_struct_sheet_range.beg_auth_comp_id 
_struct_sheet_range.beg_auth_asym_id 
_struct_sheet_range.beg_auth_seq_id 
_struct_sheet_range.end_auth_comp_id 
_struct_sheet_range.end_auth_asym_id 
_struct_sheet_range.end_auth_seq_id 
A 1 LEU A 26  ? VAL A 27  ? LEU A 5   VAL A 6   
A 2 ARG A 47  ? ILE A 54  ? ARG A 26  ILE A 33  
A 3 VAL A 65  ? VAL A 75  ? VAL A 44  VAL A 54  
A 4 VAL A 86  ? VAL A 87  ? VAL A 65  VAL A 66  
A 5 ILE A 109 ? LEU A 110 ? ILE A 88  LEU A 89  
A 6 ILE A 126 ? VAL A 127 ? ILE A 105 VAL A 106 
A 7 LEU A 144 ? LEU A 145 ? LEU A 123 LEU A 124 
B 1 SER A 35  ? VAL A 36  ? SER A 14  VAL A 15  
B 2 ARG A 47  ? ILE A 54  ? ARG A 26  ILE A 33  
B 3 VAL A 65  ? VAL A 75  ? VAL A 44  VAL A 54  
B 4 THR A 96  ? ILE A 98  ? THR A 75  ILE A 77  
B 5 THR A 114 ? LEU A 115 ? THR A 93  LEU A 94  
B 6 VAL A 132 ? MET A 133 ? VAL A 111 MET A 112 
B 7 ILE A 150 ? VAL A 151 ? ILE A 129 VAL A 130 
C 1 PHE A 41  ? ILE A 42  ? PHE A 20  ILE A 21  
C 2 SER A 59  ? ILE A 60  ? SER A 38  ILE A 39  
C 3 ASN A 80  ? ILE A 81  ? ASN A 59  ILE A 60  
C 4 THR A 103 ? ILE A 104 ? THR A 82  ILE A 83  
C 5 PHE A 120 ? VAL A 121 ? PHE A 99  VAL A 100 
C 6 MET A 138 ? LEU A 139 ? MET A 117 LEU A 118 
C 7 GLU A 155 ? ALA A 158 ? GLU A 134 ALA A 137 
C 8 LYS A 163 ? MET A 167 ? LYS A 142 MET A 146 
# 
loop_
_pdbx_struct_sheet_hbond.sheet_id 
_pdbx_struct_sheet_hbond.range_id_1 
_pdbx_struct_sheet_hbond.range_id_2 
_pdbx_struct_sheet_hbond.range_1_label_atom_id 
_pdbx_struct_sheet_hbond.range_1_label_comp_id 
_pdbx_struct_sheet_hbond.range_1_label_asym_id 
_pdbx_struct_sheet_hbond.range_1_label_seq_id 
_pdbx_struct_sheet_hbond.range_1_PDB_ins_code 
_pdbx_struct_sheet_hbond.range_1_auth_atom_id 
_pdbx_struct_sheet_hbond.range_1_auth_comp_id 
_pdbx_struct_sheet_hbond.range_1_auth_asym_id 
_pdbx_struct_sheet_hbond.range_1_auth_seq_id 
_pdbx_struct_sheet_hbond.range_2_label_atom_id 
_pdbx_struct_sheet_hbond.range_2_label_comp_id 
_pdbx_struct_sheet_hbond.range_2_label_asym_id 
_pdbx_struct_sheet_hbond.range_2_label_seq_id 
_pdbx_struct_sheet_hbond.range_2_PDB_ins_code 
_pdbx_struct_sheet_hbond.range_2_auth_atom_id 
_pdbx_struct_sheet_hbond.range_2_auth_comp_id 
_pdbx_struct_sheet_hbond.range_2_auth_asym_id 
_pdbx_struct_sheet_hbond.range_2_auth_seq_id 
A 1 2 N VAL A 27  ? N VAL A 6   O GLY A 50  ? O GLY A 29  
A 2 3 N ARG A 47  ? N ARG A 26  O LEU A 66  ? O LEU A 45  
A 3 4 N VAL A 65  ? N VAL A 44  O VAL A 87  ? O VAL A 66  
A 4 5 N VAL A 86  ? N VAL A 65  O LEU A 110 ? O LEU A 89  
A 5 6 N ILE A 109 ? N ILE A 88  O VAL A 127 ? O VAL A 106 
A 6 7 N ILE A 126 ? N ILE A 105 O LEU A 145 ? O LEU A 124 
B 1 2 N SER A 35  ? N SER A 14  O ILE A 54  ? O ILE A 33  
B 2 3 N ARG A 47  ? N ARG A 26  O LEU A 66  ? O LEU A 45  
B 3 4 N GLU A 74  ? N GLU A 53  O ILE A 98  ? O ILE A 77  
B 4 5 N VAL A 97  ? N VAL A 76  O LEU A 115 ? O LEU A 94  
B 5 6 N THR A 114 ? N THR A 93  O MET A 133 ? O MET A 112 
B 6 7 N VAL A 132 ? N VAL A 111 O VAL A 151 ? O VAL A 130 
C 1 2 N PHE A 41  ? N PHE A 20  O ILE A 60  ? O ILE A 39  
C 2 3 N SER A 59  ? N SER A 38  O ILE A 81  ? O ILE A 60  
C 3 4 N ASN A 80  ? N ASN A 59  O ILE A 104 ? O ILE A 83  
C 4 5 N THR A 103 ? N THR A 82  O VAL A 121 ? O VAL A 100 
C 5 6 N PHE A 120 ? N PHE A 99  O LEU A 139 ? O LEU A 118 
C 6 7 N MET A 138 ? N MET A 117 O GLU A 155 ? O GLU A 134 
C 7 8 N LEU A 156 ? N LEU A 135 O ARG A 166 ? O ARG A 145 
# 
_struct_site.id                   AC1 
_struct_site.pdbx_evidence_code   Software 
_struct_site.pdbx_auth_asym_id    A 
_struct_site.pdbx_auth_comp_id    MG 
_struct_site.pdbx_auth_seq_id     171 
_struct_site.pdbx_auth_ins_code   ? 
_struct_site.pdbx_num_residues    4 
_struct_site.details              'BINDING SITE FOR RESIDUE MG A 171' 
# 
loop_
_struct_site_gen.id 
_struct_site_gen.site_id 
_struct_site_gen.pdbx_num_res 
_struct_site_gen.label_comp_id 
_struct_site_gen.label_asym_id 
_struct_site_gen.label_seq_id 
_struct_site_gen.pdbx_auth_ins_code 
_struct_site_gen.auth_comp_id 
_struct_site_gen.auth_asym_id 
_struct_site_gen.auth_seq_id 
_struct_site_gen.label_atom_id 
_struct_site_gen.label_alt_id 
_struct_site_gen.symmetry 
_struct_site_gen.details 
1 AC1 4 HIS A 88  ? HIS A 67  . ? 1_555 ? 
2 AC1 4 HIS A 106 ? HIS A 85  . ? 8_645 ? 
3 AC1 4 HIS A 111 ? HIS A 90  . ? 1_555 ? 
4 AC1 4 HOH C .   ? HOH A 197 . ? 1_555 ? 
# 
_atom_sites.entry_id                    3IXC 
_atom_sites.fract_transf_matrix[1][1]   0.00519782 
_atom_sites.fract_transf_matrix[1][2]   0.00265241 
_atom_sites.fract_transf_matrix[1][3]   0.00915780 
_atom_sites.fract_transf_matrix[2][1]   -0.00176829 
_atom_sites.fract_transf_matrix[2][2]   -0.00998116 
_atom_sites.fract_transf_matrix[2][3]   0.00389454 
_atom_sites.fract_transf_matrix[3][1]   0.00936876 
_atom_sites.fract_transf_matrix[3][2]   -0.00335545 
_atom_sites.fract_transf_matrix[3][3]   -0.00434571 
_atom_sites.fract_transf_vector[1]      0.299394 
_atom_sites.fract_transf_vector[2]      0.016612 
_atom_sites.fract_transf_vector[3]      0.644278 
# 
loop_
_atom_type.symbol 
C  
MG 
N  
O  
S  
# 
loop_
_atom_site.group_PDB 
_atom_site.id 
_atom_site.type_symbol 
_atom_site.label_atom_id 
_atom_site.label_alt_id 
_atom_site.label_comp_id 
_atom_site.label_asym_id 
_atom_site.label_entity_id 
_atom_site.label_seq_id 
_atom_site.pdbx_PDB_ins_code 
_atom_site.Cartn_x 
_atom_site.Cartn_y 
_atom_site.Cartn_z 
_atom_site.occupancy 
_atom_site.B_iso_or_equiv 
_atom_site.pdbx_formal_charge 
_atom_site.auth_seq_id 
_atom_site.auth_comp_id 
_atom_site.auth_asym_id 
_atom_site.auth_atom_id 
_atom_site.pdbx_PDB_model_num 
ATOM   1    N  N   . MET A 1 22  ? -5.987  -0.659  20.681  1.00 22.84 ? 1   MET A N   1 
ATOM   2    C  CA  . MET A 1 22  ? -6.643  -0.544  19.341  1.00 22.59 ? 1   MET A CA  1 
ATOM   3    C  C   . MET A 1 22  ? -7.969  0.226   19.402  1.00 22.32 ? 1   MET A C   1 
ATOM   4    O  O   . MET A 1 22  ? -8.605  0.470   18.368  1.00 21.86 ? 1   MET A O   1 
ATOM   5    C  CB  . MET A 1 22  ? -6.861  -1.934  18.729  1.00 22.83 ? 1   MET A CB  1 
ATOM   6    N  N   . ARG A 1 23  ? -8.374  0.604   20.614  1.00 22.04 ? 2   ARG A N   1 
ATOM   7    C  CA  . ARG A 1 23  ? -9.593  1.392   20.830  1.00 21.48 ? 2   ARG A CA  1 
ATOM   8    C  C   . ARG A 1 23  ? -9.559  2.741   20.092  1.00 21.11 ? 2   ARG A C   1 
ATOM   9    O  O   . ARG A 1 23  ? -10.575 3.177   19.539  1.00 21.40 ? 2   ARG A O   1 
ATOM   10   C  CB  . ARG A 1 23  ? -9.844  1.602   22.329  1.00 21.67 ? 2   ARG A CB  1 
ATOM   11   N  N   . GLU A 1 24  ? -8.388  3.383   20.077  1.00 20.13 ? 3   GLU A N   1 
ATOM   12   C  CA  . GLU A 1 24  ? -8.199  4.650   19.368  1.00 18.84 ? 3   GLU A CA  1 
ATOM   13   C  C   . GLU A 1 24  ? -7.829  4.432   17.895  1.00 17.80 ? 3   GLU A C   1 
ATOM   14   O  O   . GLU A 1 24  ? -8.129  5.266   17.036  1.00 17.33 ? 3   GLU A O   1 
ATOM   15   C  CB  . GLU A 1 24  ? -7.120  5.486   20.063  1.00 19.07 ? 3   GLU A CB  1 
ATOM   16   N  N   . VAL A 1 25  ? -7.189  3.299   17.620  1.00 16.61 ? 4   VAL A N   1 
ATOM   17   C  CA  . VAL A 1 25  ? -6.655  2.990   16.291  1.00 15.66 ? 4   VAL A CA  1 
ATOM   18   C  C   . VAL A 1 25  ? -7.733  2.549   15.298  1.00 15.14 ? 4   VAL A C   1 
ATOM   19   O  O   . VAL A 1 25  ? -7.718  2.962   14.134  1.00 14.94 ? 4   VAL A O   1 
ATOM   20   C  CB  . VAL A 1 25  ? -5.549  1.911   16.383  1.00 15.48 ? 4   VAL A CB  1 
ATOM   21   C  CG1 . VAL A 1 25  ? -5.135  1.439   15.012  1.00 15.79 ? 4   VAL A CG1 1 
ATOM   22   C  CG2 . VAL A 1 25  ? -4.349  2.445   17.143  1.00 15.78 ? 4   VAL A CG2 1 
ATOM   23   N  N   . LEU A 1 26  ? -8.658  1.705   15.758  1.00 14.23 ? 5   LEU A N   1 
ATOM   24   C  CA  . LEU A 1 26  ? -9.719  1.179   14.902  1.00 14.06 ? 5   LEU A CA  1 
ATOM   25   C  C   . LEU A 1 26  ? -10.991 1.990   15.115  1.00 13.79 ? 5   LEU A C   1 
ATOM   26   O  O   . LEU A 1 26  ? -11.519 2.051   16.229  1.00 14.31 ? 5   LEU A O   1 
ATOM   27   C  CB  . LEU A 1 26  ? -9.954  -0.316  15.185  1.00 14.20 ? 5   LEU A CB  1 
ATOM   28   C  CG  . LEU A 1 26  ? -8.751  -1.261  15.109  1.00 14.17 ? 5   LEU A CG  1 
ATOM   29   C  CD1 . LEU A 1 26  ? -9.186  -2.689  15.440  1.00 15.90 ? 5   LEU A CD1 1 
ATOM   30   C  CD2 . LEU A 1 26  ? -8.064  -1.210  13.750  1.00 15.16 ? 5   LEU A CD2 1 
ATOM   31   N  N   . VAL A 1 27  ? -11.461 2.627   14.044  1.00 12.99 ? 6   VAL A N   1 
ATOM   32   C  CA  . VAL A 1 27  ? -12.578 3.569   14.112  1.00 12.52 ? 6   VAL A CA  1 
ATOM   33   C  C   . VAL A 1 27  ? -13.736 3.049   13.258  1.00 11.97 ? 6   VAL A C   1 
ATOM   34   O  O   . VAL A 1 27  ? -13.537 2.727   12.090  1.00 12.15 ? 6   VAL A O   1 
ATOM   35   C  CB  . VAL A 1 27  ? -12.155 4.973   13.586  1.00 12.53 ? 6   VAL A CB  1 
ATOM   36   C  CG1 . VAL A 1 27  ? -13.295 5.997   13.731  1.00 11.90 ? 6   VAL A CG1 1 
ATOM   37   C  CG2 . VAL A 1 27  ? -10.896 5.463   14.296  1.00 12.86 ? 6   VAL A CG2 1 
ATOM   38   N  N   . PRO A 1 28  ? -14.949 2.968   13.840  1.00 11.84 ? 7   PRO A N   1 
ATOM   39   C  CA  . PRO A 1 28  ? -16.094 2.560   13.027  1.00 11.55 ? 7   PRO A CA  1 
ATOM   40   C  C   . PRO A 1 28  ? -16.566 3.673   12.109  1.00 11.24 ? 7   PRO A C   1 
ATOM   41   O  O   . PRO A 1 28  ? -16.453 4.854   12.449  1.00 11.94 ? 7   PRO A O   1 
ATOM   42   C  CB  . PRO A 1 28  ? -17.182 2.267   14.067  1.00 11.71 ? 7   PRO A CB  1 
ATOM   43   C  CG  . PRO A 1 28  ? -16.843 3.130   15.219  1.00 12.56 ? 7   PRO A CG  1 
ATOM   44   C  CD  . PRO A 1 28  ? -15.333 3.251   15.237  1.00 11.92 ? 7   PRO A CD  1 
ATOM   45   N  N   . TYR A 1 29  ? -17.102 3.296   10.957  1.00 10.15 ? 8   TYR A N   1 
ATOM   46   C  CA  . TYR A 1 29  ? -17.824 4.241   10.125  1.00 9.80  ? 8   TYR A CA  1 
ATOM   47   C  C   . TYR A 1 29  ? -19.066 3.566   9.567   1.00 9.93  ? 8   TYR A C   1 
ATOM   48   O  O   . TYR A 1 29  ? -18.980 2.493   8.975   1.00 9.59  ? 8   TYR A O   1 
ATOM   49   C  CB  . TYR A 1 29  ? -16.960 4.790   8.981   1.00 9.79  ? 8   TYR A CB  1 
ATOM   50   C  CG  . TYR A 1 29  ? -17.734 5.792   8.159   1.00 9.02  ? 8   TYR A CG  1 
ATOM   51   C  CD1 . TYR A 1 29  ? -17.816 7.126   8.553   1.00 9.38  ? 8   TYR A CD1 1 
ATOM   52   C  CD2 . TYR A 1 29  ? -18.436 5.394   7.018   1.00 9.53  ? 8   TYR A CD2 1 
ATOM   53   C  CE1 . TYR A 1 29  ? -18.556 8.046   7.816   1.00 8.52  ? 8   TYR A CE1 1 
ATOM   54   C  CE2 . TYR A 1 29  ? -19.183 6.301   6.279   1.00 9.42  ? 8   TYR A CE2 1 
ATOM   55   C  CZ  . TYR A 1 29  ? -19.238 7.624   6.681   1.00 9.71  ? 8   TYR A CZ  1 
ATOM   56   O  OH  . TYR A 1 29  ? -19.975 8.521   5.939   1.00 10.20 ? 8   TYR A OH  1 
ATOM   57   N  N   . ALA A 1 30  ? -20.214 4.206   9.776   1.00 10.48 ? 9   ALA A N   1 
ATOM   58   C  CA  . ALA A 1 30  ? -21.502 3.684   9.314   1.00 10.83 ? 9   ALA A CA  1 
ATOM   59   C  C   . ALA A 1 30  ? -21.694 2.223   9.719   1.00 10.74 ? 9   ALA A C   1 
ATOM   60   O  O   . ALA A 1 30  ? -22.118 1.383   8.919   1.00 11.07 ? 9   ALA A O   1 
ATOM   61   C  CB  . ALA A 1 30  ? -21.638 3.865   7.799   1.00 11.68 ? 9   ALA A CB  1 
ATOM   62   N  N   . GLY A 1 31  ? -21.343 1.923   10.967  1.00 10.47 ? 10  GLY A N   1 
ATOM   63   C  CA  . GLY A 1 31  ? -21.580 0.604   11.548  1.00 10.96 ? 10  GLY A CA  1 
ATOM   64   C  C   . GLY A 1 31  ? -20.546 -0.450  11.187  1.00 11.50 ? 10  GLY A C   1 
ATOM   65   O  O   . GLY A 1 31  ? -20.659 -1.593  11.623  1.00 12.08 ? 10  GLY A O   1 
ATOM   66   N  N   . VAL A 1 32  ? -19.548 -0.074  10.390  1.00 11.53 ? 11  VAL A N   1 
ATOM   67   C  CA  . VAL A 1 32  ? -18.514 -1.021  9.959   1.00 11.80 ? 11  VAL A CA  1 
ATOM   68   C  C   . VAL A 1 32  ? -17.194 -0.702  10.636  1.00 12.07 ? 11  VAL A C   1 
ATOM   69   O  O   . VAL A 1 32  ? -16.755 0.450   10.638  1.00 11.36 ? 11  VAL A O   1 
ATOM   70   C  CB  . VAL A 1 32  ? -18.315 -1.007  8.423   1.00 11.86 ? 11  VAL A CB  1 
ATOM   71   C  CG1 . VAL A 1 32  ? -17.203 -2.005  8.002   1.00 12.89 ? 11  VAL A CG1 1 
ATOM   72   C  CG2 . VAL A 1 32  ? -19.629 -1.325  7.718   1.00 12.93 ? 11  VAL A CG2 1 
ATOM   73   N  N   . SER A 1 33  ? -16.570 -1.727  11.210  1.00 12.22 ? 12  SER A N   1 
ATOM   74   C  CA  . SER A 1 33  ? -15.253 -1.580  11.826  1.00 12.72 ? 12  SER A CA  1 
ATOM   75   C  C   . SER A 1 33  ? -14.243 -2.461  11.102  1.00 11.92 ? 12  SER A C   1 
ATOM   76   O  O   . SER A 1 33  ? -14.619 -3.465  10.491  1.00 11.70 ? 12  SER A O   1 
ATOM   77   C  CB  . SER A 1 33  ? -15.300 -1.930  13.319  1.00 13.56 ? 12  SER A CB  1 
ATOM   78   O  OG  . SER A 1 33  ? -15.916 -0.880  14.051  1.00 17.35 ? 12  SER A OG  1 
ATOM   79   N  N   . PRO A 1 34  ? -12.954 -2.081  11.151  1.00 11.17 ? 13  PRO A N   1 
ATOM   80   C  CA  . PRO A 1 34  ? -11.954 -2.850  10.411  1.00 11.03 ? 13  PRO A CA  1 
ATOM   81   C  C   . PRO A 1 34  ? -11.806 -4.284  10.897  1.00 10.68 ? 13  PRO A C   1 
ATOM   82   O  O   . PRO A 1 34  ? -12.086 -4.582  12.062  1.00 11.01 ? 13  PRO A O   1 
ATOM   83   C  CB  . PRO A 1 34  ? -10.659 -2.082  10.678  1.00 11.04 ? 13  PRO A CB  1 
ATOM   84   C  CG  . PRO A 1 34  ? -11.116 -0.663  10.930  1.00 11.13 ? 13  PRO A CG  1 
ATOM   85   C  CD  . PRO A 1 34  ? -12.393 -0.828  11.702  1.00 11.31 ? 13  PRO A CD  1 
ATOM   86   N  N   . SER A 1 35  ? -11.394 -5.153  9.979   1.00 10.31 ? 14  SER A N   1 
ATOM   87   C  CA  A SER A 1 35  ? -11.070 -6.536  10.298  0.50 10.47 ? 14  SER A CA  1 
ATOM   88   C  CA  B SER A 1 35  ? -11.075 -6.542  10.284  0.50 10.35 ? 14  SER A CA  1 
ATOM   89   C  C   . SER A 1 35  ? -9.561  -6.688  10.177  1.00 10.33 ? 14  SER A C   1 
ATOM   90   O  O   . SER A 1 35  ? -9.003  -6.576  9.085   1.00 10.51 ? 14  SER A O   1 
ATOM   91   C  CB  A SER A 1 35  ? -11.798 -7.493  9.355   0.50 10.14 ? 14  SER A CB  1 
ATOM   92   C  CB  B SER A 1 35  ? -11.787 -7.473  9.299   0.50 10.00 ? 14  SER A CB  1 
ATOM   93   O  OG  A SER A 1 35  ? -13.200 -7.431  9.553   0.50 10.88 ? 14  SER A OG  1 
ATOM   94   O  OG  B SER A 1 35  ? -11.391 -8.824  9.472   0.50 10.08 ? 14  SER A OG  1 
ATOM   95   N  N   . VAL A 1 36  ? -8.901  -6.917  11.311  1.00 10.07 ? 15  VAL A N   1 
ATOM   96   C  CA  . VAL A 1 36  ? -7.436  -6.973  11.359  1.00 10.54 ? 15  VAL A CA  1 
ATOM   97   C  C   . VAL A 1 36  ? -6.941  -8.332  11.862  1.00 10.16 ? 15  VAL A C   1 
ATOM   98   O  O   . VAL A 1 36  ? -7.280  -8.763  12.969  1.00 9.86  ? 15  VAL A O   1 
ATOM   99   C  CB  . VAL A 1 36  ? -6.854  -5.831  12.248  1.00 10.62 ? 15  VAL A CB  1 
ATOM   100  C  CG1 . VAL A 1 36  ? -5.324  -5.889  12.295  1.00 10.46 ? 15  VAL A CG1 1 
ATOM   101  C  CG2 . VAL A 1 36  ? -7.304  -4.465  11.741  1.00 11.30 ? 15  VAL A CG2 1 
ATOM   102  N  N   . ASP A 1 37  ? -6.142  -9.007  11.040  1.00 10.17 ? 16  ASP A N   1 
ATOM   103  C  CA  . ASP A 1 37  ? -5.535  -10.277 11.443  1.00 10.72 ? 16  ASP A CA  1 
ATOM   104  C  C   . ASP A 1 37  ? -4.694  -10.047 12.703  1.00 10.65 ? 16  ASP A C   1 
ATOM   105  O  O   . ASP A 1 37  ? -3.996  -9.037  12.818  1.00 10.77 ? 16  ASP A O   1 
ATOM   106  C  CB  . ASP A 1 37  ? -4.677  -10.838 10.303  1.00 10.73 ? 16  ASP A CB  1 
ATOM   107  C  CG  . ASP A 1 37  ? -4.293  -12.299 10.509  1.00 11.56 ? 16  ASP A CG  1 
ATOM   108  O  OD1 . ASP A 1 37  ? -3.411  -12.583 11.340  1.00 12.02 ? 16  ASP A OD1 1 
ATOM   109  O  OD2 . ASP A 1 37  ? -4.860  -13.167 9.819   1.00 13.87 ? 16  ASP A OD2 1 
ATOM   110  N  N   . SER A 1 38  ? -4.773  -10.980 13.650  1.00 11.07 ? 17  SER A N   1 
ATOM   111  C  CA  . SER A 1 38  ? -4.052  -10.852 14.921  1.00 11.38 ? 17  SER A CA  1 
ATOM   112  C  C   . SER A 1 38  ? -2.524  -10.812 14.767  1.00 11.31 ? 17  SER A C   1 
ATOM   113  O  O   . SER A 1 38  ? -1.820  -10.363 15.674  1.00 11.78 ? 17  SER A O   1 
ATOM   114  C  CB  . SER A 1 38  ? -4.461  -11.975 15.881  1.00 11.39 ? 17  SER A CB  1 
ATOM   115  O  OG  . SER A 1 38  ? -4.006  -13.226 15.403  1.00 12.65 ? 17  SER A OG  1 
ATOM   116  N  N   . THR A 1 39  ? -2.019  -11.266 13.619  1.00 10.78 ? 18  THR A N   1 
ATOM   117  C  CA  . THR A 1 39  ? -0.575  -11.292 13.375  1.00 10.59 ? 18  THR A CA  1 
ATOM   118  C  C   . THR A 1 39  ? -0.080  -10.020 12.695  1.00 10.26 ? 18  THR A C   1 
ATOM   119  O  O   . THR A 1 39  ? 1.125   -9.850  12.488  1.00 10.36 ? 18  THR A O   1 
ATOM   120  C  CB  . THR A 1 39  ? -0.141  -12.512 12.529  1.00 10.62 ? 18  THR A CB  1 
ATOM   121  O  OG1 . THR A 1 39  ? -0.708  -12.416 11.216  1.00 10.72 ? 18  THR A OG1 1 
ATOM   122  C  CG2 . THR A 1 39  ? -0.575  -13.823 13.189  1.00 10.87 ? 18  THR A CG2 1 
ATOM   123  N  N   . ALA A 1 40  ? -1.006  -9.131  12.339  1.00 9.88  ? 19  ALA A N   1 
ATOM   124  C  CA  . ALA A 1 40  ? -0.619  -7.858  11.736  1.00 9.98  ? 19  ALA A CA  1 
ATOM   125  C  C   . ALA A 1 40  ? -0.085  -6.907  12.801  1.00 10.54 ? 19  ALA A C   1 
ATOM   126  O  O   . ALA A 1 40  ? -0.585  -6.886  13.934  1.00 11.50 ? 19  ALA A O   1 
ATOM   127  C  CB  . ALA A 1 40  ? -1.791  -7.224  10.985  1.00 9.61  ? 19  ALA A CB  1 
ATOM   128  N  N   . PHE A 1 41  ? 0.947   -6.144  12.446  1.00 10.34 ? 20  PHE A N   1 
ATOM   129  C  CA  . PHE A 1 41  ? 1.424   -5.064  13.294  1.00 10.04 ? 20  PHE A CA  1 
ATOM   130  C  C   . PHE A 1 41  ? 0.710   -3.774  12.926  1.00 9.85  ? 20  PHE A C   1 
ATOM   131  O  O   . PHE A 1 41  ? 0.712   -3.367  11.762  1.00 9.56  ? 20  PHE A O   1 
ATOM   132  C  CB  . PHE A 1 41  ? 2.939   -4.873  13.157  1.00 10.58 ? 20  PHE A CB  1 
ATOM   133  C  CG  . PHE A 1 41  ? 3.447   -3.604  13.798  1.00 11.47 ? 20  PHE A CG  1 
ATOM   134  C  CD1 . PHE A 1 41  ? 3.433   -3.454  15.181  1.00 14.75 ? 20  PHE A CD1 1 
ATOM   135  C  CD2 . PHE A 1 41  ? 3.926   -2.559  13.017  1.00 12.42 ? 20  PHE A CD2 1 
ATOM   136  C  CE1 . PHE A 1 41  ? 3.903   -2.272  15.779  1.00 15.32 ? 20  PHE A CE1 1 
ATOM   137  C  CE2 . PHE A 1 41  ? 4.399   -1.388  13.599  1.00 12.92 ? 20  PHE A CE2 1 
ATOM   138  C  CZ  . PHE A 1 41  ? 4.394   -1.239  14.975  1.00 13.25 ? 20  PHE A CZ  1 
ATOM   139  N  N   . ILE A 1 42  ? 0.088   -3.141  13.921  1.00 9.71  ? 21  ILE A N   1 
ATOM   140  C  CA  . ILE A 1 42  ? -0.527  -1.831  13.728  1.00 9.96  ? 21  ILE A CA  1 
ATOM   141  C  C   . ILE A 1 42  ? 0.090   -0.850  14.710  1.00 9.57  ? 21  ILE A C   1 
ATOM   142  O  O   . ILE A 1 42  ? -0.052  -1.005  15.934  1.00 9.15  ? 21  ILE A O   1 
ATOM   143  C  CB  . ILE A 1 42  ? -2.060  -1.859  13.966  1.00 10.21 ? 21  ILE A CB  1 
ATOM   144  C  CG1 . ILE A 1 42  ? -2.720  -3.063  13.261  1.00 11.37 ? 21  ILE A CG1 1 
ATOM   145  C  CG2 . ILE A 1 42  ? -2.679  -0.526  13.575  1.00 10.98 ? 21  ILE A CG2 1 
ATOM   146  C  CD1 . ILE A 1 42  ? -2.662  -3.031  11.741  1.00 12.42 ? 21  ILE A CD1 1 
ATOM   147  N  N   . ALA A 1 43  ? 0.784   0.161   14.183  1.00 9.11  ? 22  ALA A N   1 
ATOM   148  C  CA  . ALA A 1 43  ? 1.383   1.175   15.038  1.00 9.15  ? 22  ALA A CA  1 
ATOM   149  C  C   . ALA A 1 43  ? 0.295   1.853   15.861  1.00 9.38  ? 22  ALA A C   1 
ATOM   150  O  O   . ALA A 1 43  ? -0.814  2.082   15.371  1.00 9.58  ? 22  ALA A O   1 
ATOM   151  C  CB  . ALA A 1 43  ? 2.134   2.203   14.204  1.00 9.28  ? 22  ALA A CB  1 
ATOM   152  N  N   . GLY A 1 44  ? 0.624   2.171   17.112  1.00 10.19 ? 23  GLY A N   1 
ATOM   153  C  CA  . GLY A 1 44  ? -0.349  2.713   18.051  1.00 10.71 ? 23  GLY A CA  1 
ATOM   154  C  C   . GLY A 1 44  ? -0.986  4.032   17.658  1.00 10.86 ? 23  GLY A C   1 
ATOM   155  O  O   . GLY A 1 44  ? -2.057  4.387   18.171  1.00 11.70 ? 23  GLY A O   1 
ATOM   156  N  N   . ASN A 1 45  ? -0.333  4.779   16.769  1.00 10.28 ? 24  ASN A N   1 
ATOM   157  C  CA  . ASN A 1 45  ? -0.891  6.047   16.312  1.00 10.19 ? 24  ASN A CA  1 
ATOM   158  C  C   . ASN A 1 45  ? -1.382  6.000   14.859  1.00 10.06 ? 24  ASN A C   1 
ATOM   159  O  O   . ASN A 1 45  ? -1.665  7.038   14.256  1.00 10.23 ? 24  ASN A O   1 
ATOM   160  C  CB  . ASN A 1 45  ? 0.093   7.201   16.541  1.00 10.23 ? 24  ASN A CB  1 
ATOM   161  C  CG  . ASN A 1 45  ? 1.211   7.231   15.512  1.00 9.96  ? 24  ASN A CG  1 
ATOM   162  O  OD1 . ASN A 1 45  ? 1.501   6.226   14.871  1.00 10.16 ? 24  ASN A OD1 1 
ATOM   163  N  ND2 . ASN A 1 45  ? 1.831   8.391   15.345  1.00 10.67 ? 24  ASN A ND2 1 
ATOM   164  N  N   . ALA A 1 46  ? -1.469  4.792   14.302  1.00 10.05 ? 25  ALA A N   1 
ATOM   165  C  CA  . ALA A 1 46  ? -2.136  4.601   13.015  1.00 9.96  ? 25  ALA A CA  1 
ATOM   166  C  C   . ALA A 1 46  ? -3.636  4.796   13.217  1.00 10.08 ? 25  ALA A C   1 
ATOM   167  O  O   . ALA A 1 46  ? -4.138  4.696   14.333  1.00 10.59 ? 25  ALA A O   1 
ATOM   168  C  CB  . ALA A 1 46  ? -1.854  3.201   12.449  1.00 10.43 ? 25  ALA A CB  1 
ATOM   169  N  N   . ARG A 1 47  ? -4.344  5.098   12.132  1.00 9.77  ? 26  ARG A N   1 
ATOM   170  C  CA  . ARG A 1 47  ? -5.802  5.237   12.182  1.00 9.41  ? 26  ARG A CA  1 
ATOM   171  C  C   . ARG A 1 47  ? -6.379  4.446   11.031  1.00 9.49  ? 26  ARG A C   1 
ATOM   172  O  O   . ARG A 1 47  ? -6.033  4.668   9.867   1.00 10.05 ? 26  ARG A O   1 
ATOM   173  C  CB  . ARG A 1 47  ? -6.232  6.714   12.147  1.00 9.50  ? 26  ARG A CB  1 
ATOM   174  C  CG  . ARG A 1 47  ? -5.891  7.503   13.427  1.00 9.51  ? 26  ARG A CG  1 
ATOM   175  C  CD  . ARG A 1 47  ? -6.703  7.030   14.637  1.00 10.59 ? 26  ARG A CD  1 
ATOM   176  N  NE  . ARG A 1 47  ? -6.397  7.767   15.871  1.00 11.34 ? 26  ARG A NE  1 
ATOM   177  C  CZ  . ARG A 1 47  ? -5.460  7.426   16.754  1.00 12.50 ? 26  ARG A CZ  1 
ATOM   178  N  NH1 . ARG A 1 47  ? -4.687  6.363   16.564  1.00 13.07 ? 26  ARG A NH1 1 
ATOM   179  N  NH2 . ARG A 1 47  ? -5.290  8.169   17.846  1.00 14.62 ? 26  ARG A NH2 1 
ATOM   180  N  N   . ILE A 1 48  ? -7.228  3.486   11.384  1.00 9.24  ? 27  ILE A N   1 
ATOM   181  C  CA  A ILE A 1 48  ? -7.837  2.587   10.415  0.50 8.94  ? 27  ILE A CA  1 
ATOM   182  C  CA  B ILE A 1 48  ? -7.838  2.561   10.431  0.50 9.13  ? 27  ILE A CA  1 
ATOM   183  C  C   . ILE A 1 48  ? -9.344  2.702   10.602  1.00 9.24  ? 27  ILE A C   1 
ATOM   184  O  O   . ILE A 1 48  ? -9.876  2.361   11.656  1.00 8.95  ? 27  ILE A O   1 
ATOM   185  C  CB  A ILE A 1 48  ? -7.352  1.136   10.606  0.50 9.11  ? 27  ILE A CB  1 
ATOM   186  C  CB  B ILE A 1 48  ? -7.430  1.096   10.723  0.50 9.45  ? 27  ILE A CB  1 
ATOM   187  C  CG1 A ILE A 1 48  ? -5.824  1.068   10.552  0.50 8.73  ? 27  ILE A CG1 1 
ATOM   188  C  CG1 B ILE A 1 48  ? -5.945  0.992   11.089  0.50 9.67  ? 27  ILE A CG1 1 
ATOM   189  C  CG2 A ILE A 1 48  ? -7.936  0.218   9.540   0.50 9.03  ? 27  ILE A CG2 1 
ATOM   190  C  CG2 B ILE A 1 48  ? -7.759  0.188   9.538   0.50 9.52  ? 27  ILE A CG2 1 
ATOM   191  C  CD1 A ILE A 1 48  ? -5.265  -0.313  10.798  0.50 7.43  ? 27  ILE A CD1 1 
ATOM   192  C  CD1 B ILE A 1 48  ? -5.011  1.245   9.938   0.50 10.08 ? 27  ILE A CD1 1 
ATOM   193  N  N   . ILE A 1 49  ? -10.013 3.216   9.574   1.00 8.54  ? 28  ILE A N   1 
ATOM   194  C  CA  . ILE A 1 49  ? -11.414 3.613   9.701   1.00 8.67  ? 28  ILE A CA  1 
ATOM   195  C  C   . ILE A 1 49  ? -12.319 2.836   8.767   1.00 8.43  ? 28  ILE A C   1 
ATOM   196  O  O   . ILE A 1 49  ? -12.060 2.747   7.566   1.00 8.19  ? 28  ILE A O   1 
ATOM   197  C  CB  . ILE A 1 49  ? -11.593 5.146   9.418   1.00 8.68  ? 28  ILE A CB  1 
ATOM   198  C  CG1 . ILE A 1 49  ? -10.676 6.002   10.309  1.00 10.14 ? 28  ILE A CG1 1 
ATOM   199  C  CG2 . ILE A 1 49  ? -13.062 5.564   9.573   1.00 9.10  ? 28  ILE A CG2 1 
ATOM   200  C  CD1 . ILE A 1 49  ? -9.444  6.543   9.604   1.00 10.41 ? 28  ILE A CD1 1 
ATOM   201  N  N   . GLY A 1 50  ? -13.402 2.295   9.324   1.00 8.15  ? 29  GLY A N   1 
ATOM   202  C  CA  . GLY A 1 50  ? -14.457 1.697   8.513   1.00 8.94  ? 29  GLY A CA  1 
ATOM   203  C  C   . GLY A 1 50  ? -14.128 0.385   7.829   1.00 9.35  ? 29  GLY A C   1 
ATOM   204  O  O   . GLY A 1 50  ? -13.647 -0.564  8.455   1.00 9.45  ? 29  GLY A O   1 
ATOM   205  N  N   . ASP A 1 51  ? -14.417 0.332   6.533   1.00 9.64  ? 30  ASP A N   1 
ATOM   206  C  CA  . ASP A 1 51  ? -14.392 -0.919  5.787   1.00 10.35 ? 30  ASP A CA  1 
ATOM   207  C  C   . ASP A 1 51  ? -12.981 -1.223  5.312   1.00 9.94  ? 30  ASP A C   1 
ATOM   208  O  O   . ASP A 1 51  ? -12.642 -1.006  4.152   1.00 10.25 ? 30  ASP A O   1 
ATOM   209  C  CB  . ASP A 1 51  ? -15.364 -0.840  4.609   1.00 10.84 ? 30  ASP A CB  1 
ATOM   210  C  CG  . ASP A 1 51  ? -15.690 -2.197  4.008   1.00 13.36 ? 30  ASP A CG  1 
ATOM   211  O  OD1 . ASP A 1 51  ? -15.119 -3.233  4.418   1.00 14.20 ? 30  ASP A OD1 1 
ATOM   212  O  OD2 . ASP A 1 51  ? -16.549 -2.217  3.103   1.00 17.19 ? 30  ASP A OD2 1 
ATOM   213  N  N   . VAL A 1 52  ? -12.159 -1.723  6.226   1.00 9.33  ? 31  VAL A N   1 
ATOM   214  C  CA  . VAL A 1 52  ? -10.761 -2.011  5.916   1.00 9.14  ? 31  VAL A CA  1 
ATOM   215  C  C   . VAL A 1 52  ? -10.437 -3.405  6.429   1.00 9.41  ? 31  VAL A C   1 
ATOM   216  O  O   . VAL A 1 52  ? -10.781 -3.739  7.564   1.00 9.71  ? 31  VAL A O   1 
ATOM   217  C  CB  . VAL A 1 52  ? -9.803  -1.002  6.594   1.00 8.98  ? 31  VAL A CB  1 
ATOM   218  C  CG1 . VAL A 1 52  ? -8.347  -1.323  6.265   1.00 9.37  ? 31  VAL A CG1 1 
ATOM   219  C  CG2 . VAL A 1 52  ? -10.132 0.439   6.182   1.00 8.63  ? 31  VAL A CG2 1 
ATOM   220  N  N   . CYS A 1 53  ? -9.800  -4.207  5.580   1.00 9.51  ? 32  CYS A N   1 
ATOM   221  C  CA  A CYS A 1 53  ? -9.337  -5.514  6.019   0.25 10.00 ? 32  CYS A CA  1 
ATOM   222  C  CA  B CYS A 1 53  ? -9.358  -5.552  5.939   0.25 9.99  ? 32  CYS A CA  1 
ATOM   223  C  CA  C CYS A 1 53  ? -9.347  -5.549  5.951   0.50 10.13 ? 32  CYS A CA  1 
ATOM   224  C  C   . CYS A 1 53  ? -7.833  -5.621  5.858   1.00 10.05 ? 32  CYS A C   1 
ATOM   225  O  O   . CYS A 1 53  ? -7.257  -5.250  4.829   1.00 10.40 ? 32  CYS A O   1 
ATOM   226  C  CB  A CYS A 1 53  ? -10.080 -6.664  5.331   0.25 10.07 ? 32  CYS A CB  1 
ATOM   227  C  CB  B CYS A 1 53  ? -9.992  -6.572  4.987   0.25 10.00 ? 32  CYS A CB  1 
ATOM   228  C  CB  C CYS A 1 53  ? -9.964  -6.603  5.030   0.50 10.20 ? 32  CYS A CB  1 
ATOM   229  S  SG  A CYS A 1 53  ? -9.917  -6.730  3.556   0.25 11.38 ? 32  CYS A SG  1 
ATOM   230  S  SG  B CYS A 1 53  ? -9.825  -8.293  5.483   0.25 11.32 ? 32  CYS A SG  1 
ATOM   231  S  SG  C CYS A 1 53  ? -11.719 -6.865  5.287   0.50 12.86 ? 32  CYS A SG  1 
ATOM   232  N  N   . ILE A 1 54  ? -7.201  -6.088  6.931   1.00 10.14 ? 33  ILE A N   1 
ATOM   233  C  CA  A ILE A 1 54  ? -5.737  -6.161  7.041   0.50 10.15 ? 33  ILE A CA  1 
ATOM   234  C  CA  B ILE A 1 54  ? -5.747  -6.182  6.971   0.50 10.26 ? 33  ILE A CA  1 
ATOM   235  C  C   . ILE A 1 54  ? -5.326  -7.629  7.227   1.00 10.22 ? 33  ILE A C   1 
ATOM   236  O  O   . ILE A 1 54  ? -5.724  -8.257  8.223   1.00 10.28 ? 33  ILE A O   1 
ATOM   237  C  CB  A ILE A 1 54  ? -5.218  -5.350  8.264   0.50 10.24 ? 33  ILE A CB  1 
ATOM   238  C  CB  B ILE A 1 54  ? -5.142  -5.203  7.997   0.50 10.39 ? 33  ILE A CB  1 
ATOM   239  C  CG1 A ILE A 1 54  ? -5.713  -3.896  8.243   0.50 10.37 ? 33  ILE A CG1 1 
ATOM   240  C  CG1 B ILE A 1 54  ? -5.532  -3.761  7.648   0.50 11.02 ? 33  ILE A CG1 1 
ATOM   241  C  CG2 A ILE A 1 54  ? -3.691  -5.392  8.342   0.50 10.46 ? 33  ILE A CG2 1 
ATOM   242  C  CG2 B ILE A 1 54  ? -3.625  -5.331  8.047   0.50 10.73 ? 33  ILE A CG2 1 
ATOM   243  C  CD1 A ILE A 1 54  ? -5.112  -3.066  7.138   0.50 9.27  ? 33  ILE A CD1 1 
ATOM   244  C  CD1 B ILE A 1 54  ? -5.189  -2.768  8.712   0.50 11.46 ? 33  ILE A CD1 1 
ATOM   245  N  N   . GLY A 1 55  ? -4.532  -8.158  6.299   1.00 9.39  ? 34  GLY A N   1 
ATOM   246  C  CA  . GLY A 1 55  ? -4.156  -9.568  6.297   1.00 9.26  ? 34  GLY A CA  1 
ATOM   247  C  C   . GLY A 1 55  ? -3.036  -9.982  7.230   1.00 8.69  ? 34  GLY A C   1 
ATOM   248  O  O   . GLY A 1 55  ? -2.403  -9.146  7.886   1.00 8.29  ? 34  GLY A O   1 
ATOM   249  N  N   . LYS A 1 56  ? -2.808  -11.295 7.272   1.00 8.39  ? 35  LYS A N   1 
ATOM   250  C  CA  . LYS A 1 56  ? -1.753  -11.923 8.060   1.00 8.56  ? 35  LYS A CA  1 
ATOM   251  C  C   . LYS A 1 56  ? -0.392  -11.266 7.821   1.00 8.53  ? 35  LYS A C   1 
ATOM   252  O  O   . LYS A 1 56  ? 0.002   -11.057 6.677   1.00 8.37  ? 35  LYS A O   1 
ATOM   253  C  CB  . LYS A 1 56  ? -1.701  -13.416 7.698   1.00 8.50  ? 35  LYS A CB  1 
ATOM   254  C  CG  . LYS A 1 56  ? -0.468  -14.162 8.127   1.00 10.53 ? 35  LYS A CG  1 
ATOM   255  C  CD  . LYS A 1 56  ? -0.601  -15.636 7.727   1.00 13.06 ? 35  LYS A CD  1 
ATOM   256  C  CE  . LYS A 1 56  ? 0.655   -16.426 8.068   1.00 14.99 ? 35  LYS A CE  1 
ATOM   257  N  NZ  . LYS A 1 56  ? 0.470   -17.880 7.745   1.00 16.29 ? 35  LYS A NZ  1 
ATOM   258  N  N   . ASN A 1 57  ? 0.316   -10.949 8.905   1.00 8.37  ? 36  ASN A N   1 
ATOM   259  C  CA  . ASN A 1 57  ? 1.696   -10.446 8.838   1.00 8.05  ? 36  ASN A CA  1 
ATOM   260  C  C   . ASN A 1 57  ? 1.874   -9.100  8.147   1.00 8.12  ? 36  ASN A C   1 
ATOM   261  O  O   . ASN A 1 57  ? 3.001   -8.722  7.844   1.00 8.12  ? 36  ASN A O   1 
ATOM   262  C  CB  . ASN A 1 57  ? 2.645   -11.472 8.190   1.00 8.50  ? 36  ASN A CB  1 
ATOM   263  C  CG  . ASN A 1 57  ? 2.782   -12.749 9.008   1.00 10.35 ? 36  ASN A CG  1 
ATOM   264  O  OD1 . ASN A 1 57  ? 2.630   -12.750 10.240  1.00 11.45 ? 36  ASN A OD1 1 
ATOM   265  N  ND2 . ASN A 1 57  ? 3.092   -13.847 8.325   1.00 12.34 ? 36  ASN A ND2 1 
ATOM   266  N  N   . ALA A 1 58  ? 0.775   -8.394  7.875   1.00 7.86  ? 37  ALA A N   1 
ATOM   267  C  CA  . ALA A 1 58  ? 0.885   -7.027  7.366   1.00 7.88  ? 37  ALA A CA  1 
ATOM   268  C  C   . ALA A 1 58  ? 1.436   -6.109  8.451   1.00 8.10  ? 37  ALA A C   1 
ATOM   269  O  O   . ALA A 1 58  ? 1.415   -6.449  9.634   1.00 8.62  ? 37  ALA A O   1 
ATOM   270  C  CB  . ALA A 1 58  ? -0.465  -6.519  6.868   1.00 8.03  ? 37  ALA A CB  1 
ATOM   271  N  N   . SER A 1 59  ? 1.938   -4.949  8.045   1.00 7.81  ? 38  SER A N   1 
ATOM   272  C  CA  . SER A 1 59  ? 2.413   -3.962  9.008   1.00 8.13  ? 38  SER A CA  1 
ATOM   273  C  C   . SER A 1 59  ? 2.010   -2.567  8.542   1.00 8.25  ? 38  SER A C   1 
ATOM   274  O  O   . SER A 1 59  ? 2.284   -2.159  7.405   1.00 8.59  ? 38  SER A O   1 
ATOM   275  C  CB  . SER A 1 59  ? 3.926   -4.080  9.275   1.00 8.51  ? 38  SER A CB  1 
ATOM   276  O  OG  . SER A 1 59  ? 4.711   -4.036  8.085   1.00 8.88  ? 38  SER A OG  1 
ATOM   277  N  N   . ILE A 1 60  ? 1.315   -1.873  9.430   1.00 8.36  ? 39  ILE A N   1 
ATOM   278  C  CA  . ILE A 1 60  ? 0.767   -0.543  9.158   1.00 8.52  ? 39  ILE A CA  1 
ATOM   279  C  C   . ILE A 1 60  ? 1.471   0.399   10.127  1.00 8.32  ? 39  ILE A C   1 
ATOM   280  O  O   . ILE A 1 60  ? 1.337   0.257   11.345  1.00 8.13  ? 39  ILE A O   1 
ATOM   281  C  CB  . ILE A 1 60  ? -0.770  -0.531  9.362   1.00 9.25  ? 39  ILE A CB  1 
ATOM   282  C  CG1 . ILE A 1 60  ? -1.439  -1.688  8.583   1.00 9.46  ? 39  ILE A CG1 1 
ATOM   283  C  CG2 . ILE A 1 60  ? -1.358  0.830   9.016   1.00 10.24 ? 39  ILE A CG2 1 
ATOM   284  C  CD1 . ILE A 1 60  ? -1.261  -1.635  7.046   1.00 10.87 ? 39  ILE A CD1 1 
ATOM   285  N  N   . TRP A 1 61  ? 2.224   1.350   9.578   1.00 7.82  ? 40  TRP A N   1 
ATOM   286  C  CA  . TRP A 1 61  ? 3.234   2.085   10.348  1.00 7.58  ? 40  TRP A CA  1 
ATOM   287  C  C   . TRP A 1 61  ? 2.745   3.411   10.943  1.00 7.67  ? 40  TRP A C   1 
ATOM   288  O  O   . TRP A 1 61  ? 1.554   3.742   10.872  1.00 7.59  ? 40  TRP A O   1 
ATOM   289  C  CB  . TRP A 1 61  ? 4.530   2.199   9.514   1.00 7.76  ? 40  TRP A CB  1 
ATOM   290  C  CG  . TRP A 1 61  ? 5.111   0.815   9.352   1.00 7.57  ? 40  TRP A CG  1 
ATOM   291  C  CD1 . TRP A 1 61  ? 4.789   -0.118  8.388   1.00 7.77  ? 40  TRP A CD1 1 
ATOM   292  C  CD2 . TRP A 1 61  ? 6.023   0.169   10.243  1.00 8.25  ? 40  TRP A CD2 1 
ATOM   293  N  NE1 . TRP A 1 61  ? 5.473   -1.297  8.625   1.00 7.08  ? 40  TRP A NE1 1 
ATOM   294  C  CE2 . TRP A 1 61  ? 6.238   -1.145  9.751   1.00 7.23  ? 40  TRP A CE2 1 
ATOM   295  C  CE3 . TRP A 1 61  ? 6.693   0.575   11.406  1.00 8.82  ? 40  TRP A CE3 1 
ATOM   296  C  CZ2 . TRP A 1 61  ? 7.101   -2.054  10.382  1.00 8.23  ? 40  TRP A CZ2 1 
ATOM   297  C  CZ3 . TRP A 1 61  ? 7.558   -0.327  12.031  1.00 8.15  ? 40  TRP A CZ3 1 
ATOM   298  C  CH2 . TRP A 1 61  ? 7.751   -1.633  11.512  1.00 8.27  ? 40  TRP A CH2 1 
ATOM   299  N  N   . TYR A 1 62  ? 3.656   4.122   11.603  1.00 7.63  ? 41  TYR A N   1 
ATOM   300  C  CA  . TYR A 1 62  ? 3.289   5.285   12.403  1.00 7.10  ? 41  TYR A CA  1 
ATOM   301  C  C   . TYR A 1 62  ? 2.657   6.371   11.557  1.00 7.59  ? 41  TYR A C   1 
ATOM   302  O  O   . TYR A 1 62  ? 3.151   6.686   10.480  1.00 7.35  ? 41  TYR A O   1 
ATOM   303  C  CB  . TYR A 1 62  ? 4.524   5.819   13.112  1.00 6.58  ? 41  TYR A CB  1 
ATOM   304  C  CG  . TYR A 1 62  ? 5.052   4.851   14.140  1.00 7.10  ? 41  TYR A CG  1 
ATOM   305  C  CD1 . TYR A 1 62  ? 4.498   4.810   15.426  1.00 7.80  ? 41  TYR A CD1 1 
ATOM   306  C  CD2 . TYR A 1 62  ? 6.096   3.972   13.833  1.00 8.25  ? 41  TYR A CD2 1 
ATOM   307  C  CE1 . TYR A 1 62  ? 4.968   3.906   16.381  1.00 7.30  ? 41  TYR A CE1 1 
ATOM   308  C  CE2 . TYR A 1 62  ? 6.575   3.064   14.790  1.00 8.29  ? 41  TYR A CE2 1 
ATOM   309  C  CZ  . TYR A 1 62  ? 6.001   3.045   16.054  1.00 8.03  ? 41  TYR A CZ  1 
ATOM   310  O  OH  . TYR A 1 62  ? 6.461   2.159   17.003  1.00 9.55  ? 41  TYR A OH  1 
ATOM   311  N  N   . GLY A 1 63  ? 1.544   6.913   12.045  1.00 7.73  ? 42  GLY A N   1 
ATOM   312  C  CA  . GLY A 1 63  ? 0.879   8.029   11.383  1.00 8.31  ? 42  GLY A CA  1 
ATOM   313  C  C   . GLY A 1 63  ? 0.167   7.697   10.080  1.00 8.88  ? 42  GLY A C   1 
ATOM   314  O  O   . GLY A 1 63  ? -0.308  8.599   9.387   1.00 8.63  ? 42  GLY A O   1 
ATOM   315  N  N   . THR A 1 64  ? 0.087   6.412   9.743   1.00 8.75  ? 43  THR A N   1 
ATOM   316  C  CA  A THR A 1 64  ? -0.631  5.998   8.548   0.50 8.93  ? 43  THR A CA  1 
ATOM   317  C  CA  B THR A 1 64  ? -0.646  5.953   8.562   0.50 9.19  ? 43  THR A CA  1 
ATOM   318  C  C   . THR A 1 64  ? -2.144  6.080   8.788   1.00 9.22  ? 43  THR A C   1 
ATOM   319  O  O   . THR A 1 64  ? -2.631  5.814   9.894   1.00 10.49 ? 43  THR A O   1 
ATOM   320  C  CB  A THR A 1 64  ? -0.134  4.611   8.054   0.50 8.91  ? 43  THR A CB  1 
ATOM   321  C  CB  B THR A 1 64  ? -0.376  4.475   8.276   0.50 9.03  ? 43  THR A CB  1 
ATOM   322  O  OG1 A THR A 1 64  ? 1.193   4.771   7.529   0.50 8.74  ? 43  THR A OG1 1 
ATOM   323  O  OG1 B THR A 1 64  ? -0.656  3.721   9.459   0.50 9.50  ? 43  THR A OG1 1 
ATOM   324  C  CG2 A THR A 1 64  ? -1.032  4.035   6.960   0.50 8.57  ? 43  THR A CG2 1 
ATOM   325  C  CG2 B THR A 1 64  ? 1.068   4.265   7.868   0.50 10.18 ? 43  THR A CG2 1 
ATOM   326  N  N   . VAL A 1 65  ? -2.864  6.489   7.750   1.00 8.86  ? 44  VAL A N   1 
ATOM   327  C  CA  . VAL A 1 65  ? -4.313  6.640   7.823   1.00 8.38  ? 44  VAL A CA  1 
ATOM   328  C  C   . VAL A 1 65  ? -4.913  5.808   6.699   1.00 9.09  ? 44  VAL A C   1 
ATOM   329  O  O   . VAL A 1 65  ? -4.668  6.083   5.522   1.00 9.70  ? 44  VAL A O   1 
ATOM   330  C  CB  . VAL A 1 65  ? -4.744  8.124   7.667   1.00 8.28  ? 44  VAL A CB  1 
ATOM   331  C  CG1 . VAL A 1 65  ? -6.275  8.238   7.725   1.00 8.15  ? 44  VAL A CG1 1 
ATOM   332  C  CG2 . VAL A 1 65  ? -4.102  8.997   8.745   1.00 8.83  ? 44  VAL A CG2 1 
ATOM   333  N  N   . LEU A 1 66  ? -5.669  4.771   7.061   1.00 8.72  ? 45  LEU A N   1 
ATOM   334  C  CA  . LEU A 1 66  ? -6.406  3.987   6.069   1.00 8.69  ? 45  LEU A CA  1 
ATOM   335  C  C   . LEU A 1 66  ? -7.877  4.298   6.276   1.00 8.71  ? 45  LEU A C   1 
ATOM   336  O  O   . LEU A 1 66  ? -8.520  3.745   7.172   1.00 8.43  ? 45  LEU A O   1 
ATOM   337  C  CB  . LEU A 1 66  ? -6.153  2.480   6.233   1.00 9.20  ? 45  LEU A CB  1 
ATOM   338  C  CG  . LEU A 1 66  ? -4.704  1.984   6.295   1.00 11.90 ? 45  LEU A CG  1 
ATOM   339  C  CD1 . LEU A 1 66  ? -4.687  0.460   6.307   1.00 12.01 ? 45  LEU A CD1 1 
ATOM   340  C  CD2 . LEU A 1 66  ? -3.836  2.480   5.173   1.00 13.50 ? 45  LEU A CD2 1 
ATOM   341  N  N   . ARG A 1 67  ? -8.402  5.193   5.443   1.00 8.00  ? 46  ARG A N   1 
ATOM   342  C  CA  . ARG A 1 67  ? -9.752  5.726   5.668   1.00 7.70  ? 46  ARG A CA  1 
ATOM   343  C  C   . ARG A 1 67  ? -10.757 5.081   4.721   1.00 8.43  ? 46  ARG A C   1 
ATOM   344  O  O   . ARG A 1 67  ? -10.935 5.514   3.572   1.00 8.75  ? 46  ARG A O   1 
ATOM   345  C  CB  . ARG A 1 67  ? -9.746  7.259   5.592   1.00 7.51  ? 46  ARG A CB  1 
ATOM   346  C  CG  . ARG A 1 67  ? -11.106 7.887   5.956   1.00 7.15  ? 46  ARG A CG  1 
ATOM   347  C  CD  . ARG A 1 67  ? -10.969 9.273   6.593   1.00 7.40  ? 46  ARG A CD  1 
ATOM   348  N  NE  . ARG A 1 67  ? -10.344 10.288  5.741   1.00 7.24  ? 46  ARG A NE  1 
ATOM   349  C  CZ  . ARG A 1 67  ? -10.985 10.993  4.810   1.00 7.83  ? 46  ARG A CZ  1 
ATOM   350  N  NH1 . ARG A 1 67  ? -10.334 11.916  4.113   1.00 6.64  ? 46  ARG A NH1 1 
ATOM   351  N  NH2 . ARG A 1 67  ? -12.278 10.787  4.570   1.00 6.78  ? 46  ARG A NH2 1 
ATOM   352  N  N   . GLY A 1 68  ? -11.399 4.021   5.207   1.00 7.93  ? 47  GLY A N   1 
ATOM   353  C  CA  . GLY A 1 68  ? -12.362 3.268   4.402   1.00 8.91  ? 47  GLY A CA  1 
ATOM   354  C  C   . GLY A 1 68  ? -13.791 3.673   4.724   1.00 9.59  ? 47  GLY A C   1 
ATOM   355  O  O   . GLY A 1 68  ? -14.633 2.823   5.044   1.00 9.62  ? 47  GLY A O   1 
ATOM   356  N  N   . ASP A 1 69  ? -14.075 4.971   4.635   1.00 10.30 ? 48  ASP A N   1 
ATOM   357  C  CA  . ASP A 1 69  ? -15.421 5.447   4.936   1.00 11.72 ? 48  ASP A CA  1 
ATOM   358  C  C   . ASP A 1 69  ? -16.357 5.317   3.724   1.00 13.41 ? 48  ASP A C   1 
ATOM   359  O  O   . ASP A 1 69  ? -17.404 4.664   3.814   1.00 15.51 ? 48  ASP A O   1 
ATOM   360  C  CB  . ASP A 1 69  ? -15.430 6.844   5.605   1.00 11.06 ? 48  ASP A CB  1 
ATOM   361  C  CG  . ASP A 1 69  ? -14.481 7.846   4.947   1.00 10.84 ? 48  ASP A CG  1 
ATOM   362  O  OD1 . ASP A 1 69  ? -14.070 7.640   3.791   1.00 11.05 ? 48  ASP A OD1 1 
ATOM   363  O  OD2 . ASP A 1 69  ? -14.167 8.859   5.608   1.00 8.64  ? 48  ASP A OD2 1 
ATOM   364  N  N   . VAL A 1 70  ? -15.940 5.878   2.591   1.00 14.54 ? 49  VAL A N   1 
ATOM   365  C  CA  . VAL A 1 70  ? -16.745 5.915   1.359   1.00 15.51 ? 49  VAL A CA  1 
ATOM   366  C  C   . VAL A 1 70  ? -16.675 4.596   0.588   1.00 15.29 ? 49  VAL A C   1 
ATOM   367  O  O   . VAL A 1 70  ? -17.663 4.171   -0.007  1.00 16.22 ? 49  VAL A O   1 
ATOM   368  C  CB  . VAL A 1 70  ? -16.296 7.074   0.426   1.00 15.77 ? 49  VAL A CB  1 
ATOM   369  C  CG1 . VAL A 1 70  ? -17.156 7.123   -0.838  1.00 17.32 ? 49  VAL A CG1 1 
ATOM   370  C  CG2 . VAL A 1 70  ? -16.368 8.402   1.148   1.00 16.54 ? 49  VAL A CG2 1 
ATOM   371  N  N   . ASP A 1 71  ? -15.506 3.965   0.579   1.00 14.92 ? 50  ASP A N   1 
ATOM   372  C  CA  . ASP A 1 71  ? -15.357 2.660   -0.064  1.00 14.65 ? 50  ASP A CA  1 
ATOM   373  C  C   . ASP A 1 71  ? -14.334 1.817   0.693   1.00 14.18 ? 50  ASP A C   1 
ATOM   374  O  O   . ASP A 1 71  ? -13.738 2.286   1.658   1.00 14.12 ? 50  ASP A O   1 
ATOM   375  C  CB  . ASP A 1 71  ? -14.995 2.793   -1.547  1.00 15.23 ? 50  ASP A CB  1 
ATOM   376  N  N   . LYS A 1 72  ? -14.158 0.570   0.277   1.00 13.14 ? 51  LYS A N   1 
ATOM   377  C  CA  . LYS A 1 72  ? -13.381 -0.360  1.080   1.00 12.99 ? 51  LYS A CA  1 
ATOM   378  C  C   . LYS A 1 72  ? -11.900 -0.352  0.740   1.00 11.89 ? 51  LYS A C   1 
ATOM   379  O  O   . LYS A 1 72  ? -11.502 0.021   -0.367  1.00 11.70 ? 51  LYS A O   1 
ATOM   380  C  CB  . LYS A 1 72  ? -13.968 -1.777  1.023   1.00 13.54 ? 51  LYS A CB  1 
ATOM   381  C  CG  . LYS A 1 72  ? -13.837 -2.499  -0.291  1.00 16.34 ? 51  LYS A CG  1 
ATOM   382  C  CD  . LYS A 1 72  ? -14.364 -3.928  -0.169  1.00 19.32 ? 51  LYS A CD  1 
ATOM   383  C  CE  . LYS A 1 72  ? -14.227 -4.681  -1.481  1.00 22.37 ? 51  LYS A CE  1 
ATOM   384  N  NZ  . LYS A 1 72  ? -14.766 -6.083  -1.399  1.00 24.84 ? 51  LYS A NZ  1 
ATOM   385  N  N   . ILE A 1 73  ? -11.091 -0.734  1.718   1.00 10.37 ? 52  ILE A N   1 
ATOM   386  C  CA  . ILE A 1 73  ? -9.657  -0.889  1.520   1.00 10.04 ? 52  ILE A CA  1 
ATOM   387  C  C   . ILE A 1 73  ? -9.295  -2.318  1.913   1.00 10.11 ? 52  ILE A C   1 
ATOM   388  O  O   . ILE A 1 73  ? -9.660  -2.779  2.989   1.00 10.27 ? 52  ILE A O   1 
ATOM   389  C  CB  . ILE A 1 73  ? -8.854  0.114   2.372   1.00 9.57  ? 52  ILE A CB  1 
ATOM   390  C  CG1 . ILE A 1 73  ? -9.202  1.560   1.987   1.00 8.74  ? 52  ILE A CG1 1 
ATOM   391  C  CG2 . ILE A 1 73  ? -7.339  -0.123  2.216   1.00 10.17 ? 52  ILE A CG2 1 
ATOM   392  C  CD1 . ILE A 1 73  ? -8.759  2.610   3.023   1.00 8.95  ? 52  ILE A CD1 1 
ATOM   393  N  N   . GLU A 1 74  ? -8.581  -3.011  1.032   1.00 10.17 ? 53  GLU A N   1 
ATOM   394  C  CA  . GLU A 1 74  ? -8.119  -4.366  1.325   1.00 10.26 ? 53  GLU A CA  1 
ATOM   395  C  C   . GLU A 1 74  ? -6.604  -4.374  1.294   1.00 9.95  ? 53  GLU A C   1 
ATOM   396  O  O   . GLU A 1 74  ? -5.998  -3.856  0.356   1.00 10.35 ? 53  GLU A O   1 
ATOM   397  C  CB  . GLU A 1 74  ? -8.677  -5.358  0.310   1.00 10.36 ? 53  GLU A CB  1 
ATOM   398  C  CG  . GLU A 1 74  ? -10.210 -5.448  0.321   1.00 13.91 ? 53  GLU A CG  1 
ATOM   399  C  CD  . GLU A 1 74  ? -10.760 -6.391  -0.731  1.00 18.36 ? 53  GLU A CD  1 
ATOM   400  O  OE1 . GLU A 1 74  ? -10.021 -6.746  -1.677  1.00 20.47 ? 53  GLU A OE1 1 
ATOM   401  O  OE2 . GLU A 1 74  ? -11.939 -6.785  -0.609  1.00 21.52 ? 53  GLU A OE2 1 
ATOM   402  N  N   . VAL A 1 75  ? -5.999  -4.933  2.340   1.00 9.43  ? 54  VAL A N   1 
ATOM   403  C  CA  . VAL A 1 75  ? -4.549  -5.030  2.431   1.00 9.18  ? 54  VAL A CA  1 
ATOM   404  C  C   . VAL A 1 75  ? -4.157  -6.492  2.629   1.00 9.08  ? 54  VAL A C   1 
ATOM   405  O  O   . VAL A 1 75  ? -4.467  -7.097  3.662   1.00 9.39  ? 54  VAL A O   1 
ATOM   406  C  CB  . VAL A 1 75  ? -3.999  -4.176  3.594   1.00 9.20  ? 54  VAL A CB  1 
ATOM   407  C  CG1 . VAL A 1 75  ? -2.472  -4.292  3.679   1.00 10.20 ? 54  VAL A CG1 1 
ATOM   408  C  CG2 . VAL A 1 75  ? -4.439  -2.698  3.451   1.00 9.75  ? 54  VAL A CG2 1 
ATOM   409  N  N   . GLY A 1 76  ? -3.461  -7.045  1.639   1.00 8.51  ? 55  GLY A N   1 
ATOM   410  C  CA  . GLY A 1 76  ? -3.122  -8.465  1.642   1.00 8.64  ? 55  GLY A CA  1 
ATOM   411  C  C   . GLY A 1 76  ? -2.040  -8.860  2.636   1.00 8.99  ? 55  GLY A C   1 
ATOM   412  O  O   . GLY A 1 76  ? -1.351  -8.012  3.207   1.00 8.91  ? 55  GLY A O   1 
ATOM   413  N  N   . GLU A 1 77  ? -1.913  -10.173 2.829   1.00 8.84  ? 56  GLU A N   1 
ATOM   414  C  CA  . GLU A 1 77  ? -0.890  -10.781 3.674   1.00 8.87  ? 56  GLU A CA  1 
ATOM   415  C  C   . GLU A 1 77  ? 0.507   -10.231 3.375   1.00 8.86  ? 56  GLU A C   1 
ATOM   416  O  O   . GLU A 1 77  ? 0.879   -10.084 2.212   1.00 8.52  ? 56  GLU A O   1 
ATOM   417  C  CB  . GLU A 1 77  ? -0.892  -12.303 3.453   1.00 9.59  ? 56  GLU A CB  1 
ATOM   418  C  CG  . GLU A 1 77  ? 0.306   -13.028 4.044   1.00 11.15 ? 56  GLU A CG  1 
ATOM   419  C  CD  . GLU A 1 77  ? 0.359   -14.511 3.686   1.00 12.69 ? 56  GLU A CD  1 
ATOM   420  O  OE1 . GLU A 1 77  ? -0.538  -15.004 2.962   1.00 15.87 ? 56  GLU A OE1 1 
ATOM   421  O  OE2 . GLU A 1 77  ? 1.307   -15.184 4.127   1.00 14.59 ? 56  GLU A OE2 1 
ATOM   422  N  N   . GLY A 1 78  ? 1.270   -9.938  4.430   1.00 8.29  ? 57  GLY A N   1 
ATOM   423  C  CA  . GLY A 1 78  ? 2.698   -9.637  4.297   1.00 7.97  ? 57  GLY A CA  1 
ATOM   424  C  C   . GLY A 1 78  ? 3.012   -8.286  3.679   1.00 7.90  ? 57  GLY A C   1 
ATOM   425  O  O   . GLY A 1 78  ? 4.138   -8.048  3.254   1.00 8.10  ? 57  GLY A O   1 
ATOM   426  N  N   . THR A 1 79  ? 2.014   -7.407  3.635   1.00 7.26  ? 58  THR A N   1 
ATOM   427  C  CA  . THR A 1 79  ? 2.181   -6.079  3.051   1.00 7.51  ? 58  THR A CA  1 
ATOM   428  C  C   . THR A 1 79  ? 2.537   -5.043  4.107   1.00 7.56  ? 58  THR A C   1 
ATOM   429  O  O   . THR A 1 79  ? 1.974   -5.051  5.209   1.00 7.70  ? 58  THR A O   1 
ATOM   430  C  CB  . THR A 1 79  ? 0.912   -5.694  2.260   1.00 7.69  ? 58  THR A CB  1 
ATOM   431  O  OG1 . THR A 1 79  ? 0.896   -6.459  1.046   1.00 7.81  ? 58  THR A OG1 1 
ATOM   432  C  CG2 . THR A 1 79  ? 0.854   -4.190  1.918   1.00 7.60  ? 58  THR A CG2 1 
ATOM   433  N  N   . ASN A 1 80  ? 3.470   -4.156  3.764   1.00 7.40  ? 59  ASN A N   1 
ATOM   434  C  CA  . ASN A 1 80  ? 3.801   -3.027  4.636   1.00 7.81  ? 59  ASN A CA  1 
ATOM   435  C  C   . ASN A 1 80  ? 3.321   -1.714  4.024   1.00 8.00  ? 59  ASN A C   1 
ATOM   436  O  O   . ASN A 1 80  ? 3.467   -1.480  2.815   1.00 8.44  ? 59  ASN A O   1 
ATOM   437  C  CB  . ASN A 1 80  ? 5.302   -2.991  4.975   1.00 8.09  ? 59  ASN A CB  1 
ATOM   438  C  CG  . ASN A 1 80  ? 6.182   -2.794  3.750   1.00 8.01  ? 59  ASN A CG  1 
ATOM   439  O  OD1 . ASN A 1 80  ? 6.478   -1.666  3.362   1.00 8.01  ? 59  ASN A OD1 1 
ATOM   440  N  ND2 . ASN A 1 80  ? 6.607   -3.894  3.140   1.00 7.43  ? 59  ASN A ND2 1 
ATOM   441  N  N   . ILE A 1 81  ? 2.687   -0.888  4.850   1.00 7.45  ? 60  ILE A N   1 
ATOM   442  C  CA  . ILE A 1 81  ? 2.294   0.455   4.437   1.00 7.78  ? 60  ILE A CA  1 
ATOM   443  C  C   . ILE A 1 81  ? 2.986   1.413   5.392   1.00 8.11  ? 60  ILE A C   1 
ATOM   444  O  O   . ILE A 1 81  ? 2.607   1.534   6.563   1.00 8.50  ? 60  ILE A O   1 
ATOM   445  C  CB  . ILE A 1 81  ? 0.767   0.632   4.453   1.00 8.05  ? 60  ILE A CB  1 
ATOM   446  C  CG1 . ILE A 1 81  ? 0.104   -0.466  3.610   1.00 8.69  ? 60  ILE A CG1 1 
ATOM   447  C  CG2 . ILE A 1 81  ? 0.399   2.036   3.942   1.00 7.64  ? 60  ILE A CG2 1 
ATOM   448  C  CD1 . ILE A 1 81  ? -1.423  -0.386  3.528   1.00 10.31 ? 60  ILE A CD1 1 
ATOM   449  N  N   . GLN A 1 82  ? 4.013   2.077   4.885   1.00 7.48  ? 61  GLN A N   1 
ATOM   450  C  CA  . GLN A 1 82  ? 4.964   2.781   5.744   1.00 7.74  ? 61  GLN A CA  1 
ATOM   451  C  C   . GLN A 1 82  ? 4.456   4.149   6.214   1.00 7.47  ? 61  GLN A C   1 
ATOM   452  O  O   . GLN A 1 82  ? 3.363   4.597   5.826   1.00 8.40  ? 61  GLN A O   1 
ATOM   453  C  CB  . GLN A 1 82  ? 6.318   2.878   5.045   1.00 7.21  ? 61  GLN A CB  1 
ATOM   454  C  CG  . GLN A 1 82  ? 6.983   1.518   4.885   1.00 7.94  ? 61  GLN A CG  1 
ATOM   455  C  CD  . GLN A 1 82  ? 8.220   1.582   4.028   1.00 8.32  ? 61  GLN A CD  1 
ATOM   456  O  OE1 . GLN A 1 82  ? 8.909   2.610   3.987   1.00 9.67  ? 61  GLN A OE1 1 
ATOM   457  N  NE2 . GLN A 1 82  ? 8.523   0.479   3.333   1.00 6.61  ? 61  GLN A NE2 1 
ATOM   458  N  N   . ASP A 1 83  ? 5.260   4.774   7.066   1.00 7.76  ? 62  ASP A N   1 
ATOM   459  C  CA  . ASP A 1 83  ? 4.831   5.855   7.954   1.00 7.28  ? 62  ASP A CA  1 
ATOM   460  C  C   . ASP A 1 83  ? 4.227   7.040   7.231   1.00 7.45  ? 62  ASP A C   1 
ATOM   461  O  O   . ASP A 1 83  ? 4.736   7.469   6.191   1.00 7.00  ? 62  ASP A O   1 
ATOM   462  C  CB  . ASP A 1 83  ? 6.011   6.329   8.809   1.00 7.15  ? 62  ASP A CB  1 
ATOM   463  C  CG  . ASP A 1 83  ? 6.917   5.185   9.215   1.00 8.31  ? 62  ASP A CG  1 
ATOM   464  O  OD1 . ASP A 1 83  ? 6.906   4.797   10.406  1.00 6.72  ? 62  ASP A OD1 1 
ATOM   465  O  OD2 . ASP A 1 83  ? 7.621   4.655   8.321   1.00 8.30  ? 62  ASP A OD2 1 
ATOM   466  N  N   . ASN A 1 84  ? 3.145   7.562   7.809   1.00 7.40  ? 63  ASN A N   1 
ATOM   467  C  CA  . ASN A 1 84  ? 2.476   8.771   7.318   1.00 8.05  ? 63  ASN A CA  1 
ATOM   468  C  C   . ASN A 1 84  ? 1.836   8.631   5.932   1.00 8.52  ? 63  ASN A C   1 
ATOM   469  O  O   . ASN A 1 84  ? 1.465   9.628   5.330   1.00 9.53  ? 63  ASN A O   1 
ATOM   470  C  CB  . ASN A 1 84  ? 3.421   9.992   7.375   1.00 8.44  ? 63  ASN A CB  1 
ATOM   471  C  CG  . ASN A 1 84  ? 3.618   10.512  8.797   1.00 9.54  ? 63  ASN A CG  1 
ATOM   472  O  OD1 . ASN A 1 84  ? 3.052   9.975   9.748   1.00 11.06 ? 63  ASN A OD1 1 
ATOM   473  N  ND2 . ASN A 1 84  ? 4.403   11.578  8.941   1.00 11.50 ? 63  ASN A ND2 1 
ATOM   474  N  N   . THR A 1 85  ? 1.692   7.402   5.437   1.00 8.19  ? 64  THR A N   1 
ATOM   475  C  CA  . THR A 1 85  ? 0.930   7.173   4.203   1.00 8.29  ? 64  THR A CA  1 
ATOM   476  C  C   . THR A 1 85  ? -0.575  7.351   4.454   1.00 8.42  ? 64  THR A C   1 
ATOM   477  O  O   . THR A 1 85  ? -1.070  7.027   5.529   1.00 8.90  ? 64  THR A O   1 
ATOM   478  C  CB  . THR A 1 85  ? 1.245   5.782   3.640   1.00 8.11  ? 64  THR A CB  1 
ATOM   479  O  OG1 . THR A 1 85  ? 2.573   5.806   3.115   1.00 8.51  ? 64  THR A OG1 1 
ATOM   480  C  CG2 . THR A 1 85  ? 0.281   5.386   2.510   1.00 8.75  ? 64  THR A CG2 1 
ATOM   481  N  N   . VAL A 1 86  ? -1.283  7.878   3.458   1.00 8.05  ? 65  VAL A N   1 
ATOM   482  C  CA  . VAL A 1 86  ? -2.733  8.033   3.522   1.00 8.06  ? 65  VAL A CA  1 
ATOM   483  C  C   . VAL A 1 86  ? -3.345  7.202   2.404   1.00 9.08  ? 65  VAL A C   1 
ATOM   484  O  O   . VAL A 1 86  ? -2.898  7.269   1.253   1.00 8.83  ? 65  VAL A O   1 
ATOM   485  C  CB  . VAL A 1 86  ? -3.156  9.513   3.369   1.00 8.26  ? 65  VAL A CB  1 
ATOM   486  C  CG1 . VAL A 1 86  ? -4.695  9.635   3.367   1.00 8.00  ? 65  VAL A CG1 1 
ATOM   487  C  CG2 . VAL A 1 86  ? -2.555  10.352  4.499   1.00 8.75  ? 65  VAL A CG2 1 
ATOM   488  N  N   . VAL A 1 87  ? -4.349  6.397   2.755   1.00 9.31  ? 66  VAL A N   1 
ATOM   489  C  CA  . VAL A 1 87  ? -5.090  5.615   1.769   1.00 9.76  ? 66  VAL A CA  1 
ATOM   490  C  C   . VAL A 1 87  ? -6.559  5.997   1.879   1.00 10.29 ? 66  VAL A C   1 
ATOM   491  O  O   . VAL A 1 87  ? -7.144  5.929   2.970   1.00 10.01 ? 66  VAL A O   1 
ATOM   492  C  CB  . VAL A 1 87  ? -4.925  4.090   1.996   1.00 9.77  ? 66  VAL A CB  1 
ATOM   493  C  CG1 . VAL A 1 87  ? -5.682  3.298   0.916   1.00 10.55 ? 66  VAL A CG1 1 
ATOM   494  C  CG2 . VAL A 1 87  ? -3.446  3.701   2.007   1.00 10.65 ? 66  VAL A CG2 1 
ATOM   495  N  N   A HIS A 1 88  ? -7.143  6.433   0.762   0.50 10.59 ? 67  HIS A N   1 
ATOM   496  N  N   B HIS A 1 88  ? -7.148  6.371   0.748   0.50 10.40 ? 67  HIS A N   1 
ATOM   497  C  CA  A HIS A 1 88  ? -8.536  6.898   0.727   0.50 11.36 ? 67  HIS A CA  1 
ATOM   498  C  CA  B HIS A 1 88  ? -8.548  6.763   0.701   0.50 11.06 ? 67  HIS A CA  1 
ATOM   499  C  C   A HIS A 1 88  ? -9.030  7.101   -0.702  0.50 12.31 ? 67  HIS A C   1 
ATOM   500  C  C   B HIS A 1 88  ? -9.116  6.526   -0.693  0.50 12.10 ? 67  HIS A C   1 
ATOM   501  O  O   A HIS A 1 88  ? -8.243  7.371   -1.603  0.50 12.57 ? 67  HIS A O   1 
ATOM   502  O  O   B HIS A 1 88  ? -8.482  5.897   -1.539  0.50 12.24 ? 67  HIS A O   1 
ATOM   503  C  CB  A HIS A 1 88  ? -8.699  8.209   1.509   0.50 11.47 ? 67  HIS A CB  1 
ATOM   504  C  CB  B HIS A 1 88  ? -8.694  8.239   1.098   0.50 10.97 ? 67  HIS A CB  1 
ATOM   505  C  CG  A HIS A 1 88  ? -10.116 8.683   1.592   0.50 11.00 ? 67  HIS A CG  1 
ATOM   506  C  CG  B HIS A 1 88  ? -10.106 8.654   1.369   0.50 10.25 ? 67  HIS A CG  1 
ATOM   507  N  ND1 A HIS A 1 88  ? -10.574 9.801   0.927   0.50 11.30 ? 67  HIS A ND1 1 
ATOM   508  N  ND1 B HIS A 1 88  ? -10.703 9.731   0.746   0.50 10.76 ? 67  HIS A ND1 1 
ATOM   509  C  CD2 A HIS A 1 88  ? -11.187 8.171   2.246   0.50 10.34 ? 67  HIS A CD2 1 
ATOM   510  C  CD2 B HIS A 1 88  ? -11.048 8.122   2.184   0.50 9.50  ? 67  HIS A CD2 1 
ATOM   511  C  CE1 A HIS A 1 88  ? -11.863 9.962   1.174   0.50 9.58  ? 67  HIS A CE1 1 
ATOM   512  C  CE1 B HIS A 1 88  ? -11.949 9.847   1.172   0.50 8.54  ? 67  HIS A CE1 1 
ATOM   513  N  NE2 A HIS A 1 88  ? -12.258 8.985   1.971   0.50 11.17 ? 67  HIS A NE2 1 
ATOM   514  N  NE2 B HIS A 1 88  ? -12.184 8.880   2.042   0.50 9.96  ? 67  HIS A NE2 1 
ATOM   515  N  N   . THR A 1 89  ? -10.343 6.991   -0.884  1.00 13.01 ? 68  THR A N   1 
ATOM   516  C  CA  . THR A 1 89  ? -10.989 7.133   -2.189  1.00 14.97 ? 68  THR A CA  1 
ATOM   517  C  C   . THR A 1 89  ? -12.163 8.057   -1.946  1.00 15.06 ? 68  THR A C   1 
ATOM   518  O  O   . THR A 1 89  ? -12.897 7.864   -0.977  1.00 16.29 ? 68  THR A O   1 
ATOM   519  C  CB  . THR A 1 89  ? -11.544 5.794   -2.728  1.00 15.65 ? 68  THR A CB  1 
ATOM   520  O  OG1 . THR A 1 89  ? -12.766 6.034   -3.443  1.00 17.70 ? 68  THR A OG1 1 
ATOM   521  C  CG2 . THR A 1 89  ? -11.868 4.858   -1.598  1.00 17.31 ? 68  THR A CG2 1 
ATOM   522  N  N   . GLY A 1 94  ? -15.422 2.637   -6.518  1.00 19.48 ? 73  GLY A N   1 
ATOM   523  C  CA  . GLY A 1 94  ? -13.967 2.549   -6.587  1.00 18.90 ? 73  GLY A CA  1 
ATOM   524  C  C   . GLY A 1 94  ? -13.285 2.324   -5.248  1.00 18.45 ? 73  GLY A C   1 
ATOM   525  O  O   . GLY A 1 94  ? -13.146 3.242   -4.440  1.00 19.63 ? 73  GLY A O   1 
ATOM   526  N  N   . ASP A 1 95  ? -12.821 1.102   -5.021  1.00 16.76 ? 74  ASP A N   1 
ATOM   527  C  CA  . ASP A 1 95  ? -12.127 0.784   -3.779  1.00 15.45 ? 74  ASP A CA  1 
ATOM   528  C  C   . ASP A 1 95  ? -10.620 0.713   -3.992  1.00 13.75 ? 74  ASP A C   1 
ATOM   529  O  O   . ASP A 1 95  ? -10.139 0.906   -5.115  1.00 12.57 ? 74  ASP A O   1 
ATOM   530  C  CB  . ASP A 1 95  ? -12.646 -0.530  -3.197  1.00 16.35 ? 74  ASP A CB  1 
ATOM   531  C  CG  . ASP A 1 95  ? -12.531 -1.688  -4.164  1.00 18.56 ? 74  ASP A CG  1 
ATOM   532  O  OD1 . ASP A 1 95  ? -11.981 -1.509  -5.275  1.00 21.55 ? 74  ASP A OD1 1 
ATOM   533  O  OD2 . ASP A 1 95  ? -13.003 -2.792  -3.810  1.00 22.01 ? 74  ASP A OD2 1 
ATOM   534  N  N   . THR A 1 96  ? -9.894  0.430   -2.911  1.00 12.03 ? 75  THR A N   1 
ATOM   535  C  CA  . THR A 1 96  ? -8.441  0.276   -2.948  1.00 10.87 ? 75  THR A CA  1 
ATOM   536  C  C   . THR A 1 96  ? -8.118  -1.163  -2.575  1.00 10.72 ? 75  THR A C   1 
ATOM   537  O  O   . THR A 1 96  ? -8.433  -1.605  -1.466  1.00 10.81 ? 75  THR A O   1 
ATOM   538  C  CB  . THR A 1 96  ? -7.740  1.238   -1.970  1.00 11.17 ? 75  THR A CB  1 
ATOM   539  O  OG1 . THR A 1 96  ? -8.121  2.580   -2.284  1.00 11.17 ? 75  THR A OG1 1 
ATOM   540  C  CG2 . THR A 1 96  ? -6.213  1.113   -2.071  1.00 10.28 ? 75  THR A CG2 1 
ATOM   541  N  N   . VAL A 1 97  ? -7.518  -1.888  -3.514  1.00 9.89  ? 76  VAL A N   1 
ATOM   542  C  CA  . VAL A 1 97  ? -7.201  -3.303  -3.313  1.00 9.60  ? 76  VAL A CA  1 
ATOM   543  C  C   . VAL A 1 97  ? -5.694  -3.443  -3.415  1.00 9.18  ? 76  VAL A C   1 
ATOM   544  O  O   . VAL A 1 97  ? -5.111  -3.177  -4.464  1.00 9.04  ? 76  VAL A O   1 
ATOM   545  C  CB  . VAL A 1 97  ? -7.903  -4.206  -4.346  1.00 9.75  ? 76  VAL A CB  1 
ATOM   546  C  CG1 . VAL A 1 97  ? -7.481  -5.673  -4.147  1.00 10.41 ? 76  VAL A CG1 1 
ATOM   547  C  CG2 . VAL A 1 97  ? -9.428  -4.065  -4.235  1.00 9.64  ? 76  VAL A CG2 1 
ATOM   548  N  N   . ILE A 1 98  ? -5.078  -3.818  -2.298  1.00 8.70  ? 77  ILE A N   1 
ATOM   549  C  CA  . ILE A 1 98  ? -3.627  -3.968  -2.206  1.00 8.42  ? 77  ILE A CA  1 
ATOM   550  C  C   . ILE A 1 98  ? -3.338  -5.435  -1.942  1.00 8.17  ? 77  ILE A C   1 
ATOM   551  O  O   . ILE A 1 98  ? -3.884  -6.029  -1.001  1.00 8.46  ? 77  ILE A O   1 
ATOM   552  C  CB  . ILE A 1 98  ? -3.041  -3.068  -1.092  1.00 8.24  ? 77  ILE A CB  1 
ATOM   553  C  CG1 . ILE A 1 98  ? -3.378  -1.596  -1.381  1.00 8.76  ? 77  ILE A CG1 1 
ATOM   554  C  CG2 . ILE A 1 98  ? -1.518  -3.258  -0.983  1.00 7.97  ? 77  ILE A CG2 1 
ATOM   555  C  CD1 . ILE A 1 98  ? -3.228  -0.650  -0.191  1.00 8.74  ? 77  ILE A CD1 1 
ATOM   556  N  N   . GLY A 1 99  ? -2.510  -6.022  -2.802  1.00 7.88  ? 78  GLY A N   1 
ATOM   557  C  CA  . GLY A 1 99  ? -2.240  -7.461  -2.761  1.00 7.90  ? 78  GLY A CA  1 
ATOM   558  C  C   . GLY A 1 99  ? -1.285  -7.870  -1.656  1.00 8.02  ? 78  GLY A C   1 
ATOM   559  O  O   . GLY A 1 99  ? -1.109  -7.148  -0.664  1.00 7.96  ? 78  GLY A O   1 
ATOM   560  N  N   . LYS A 1 100 ? -0.675  -9.038  -1.845  1.00 7.77  ? 79  LYS A N   1 
ATOM   561  C  CA  . LYS A 1 100 ? 0.205   -9.655  -0.862  1.00 7.80  ? 79  LYS A CA  1 
ATOM   562  C  C   . LYS A 1 100 ? 1.649   -9.227  -1.075  1.00 7.69  ? 79  LYS A C   1 
ATOM   563  O  O   . LYS A 1 100 ? 2.080   -9.026  -2.205  1.00 7.75  ? 79  LYS A O   1 
ATOM   564  C  CB  . LYS A 1 100 ? 0.132   -11.180 -0.982  1.00 8.15  ? 79  LYS A CB  1 
ATOM   565  C  CG  . LYS A 1 100 ? -1.248  -11.765 -0.830  1.00 10.03 ? 79  LYS A CG  1 
ATOM   566  C  CD  . LYS A 1 100 ? -1.147  -13.273 -0.980  1.00 13.83 ? 79  LYS A CD  1 
ATOM   567  C  CE  . LYS A 1 100 ? -2.503  -13.925 -1.086  1.00 17.31 ? 79  LYS A CE  1 
ATOM   568  N  NZ  . LYS A 1 100 ? -2.356  -15.386 -1.347  1.00 20.10 ? 79  LYS A NZ  1 
ATOM   569  N  N   . PHE A 1 101 ? 2.398   -9.107  0.021   1.00 7.09  ? 80  PHE A N   1 
ATOM   570  C  CA  . PHE A 1 101 ? 3.841   -8.819  -0.045  1.00 7.18  ? 80  PHE A CA  1 
ATOM   571  C  C   . PHE A 1 101 ? 4.156   -7.555  -0.838  1.00 7.56  ? 80  PHE A C   1 
ATOM   572  O  O   . PHE A 1 101 ? 5.140   -7.492  -1.578  1.00 7.68  ? 80  PHE A O   1 
ATOM   573  C  CB  . PHE A 1 101 ? 4.610   -10.055 -0.552  1.00 6.91  ? 80  PHE A CB  1 
ATOM   574  C  CG  . PHE A 1 101 ? 4.320   -11.288 0.247   1.00 7.38  ? 80  PHE A CG  1 
ATOM   575  C  CD1 . PHE A 1 101 ? 4.785   -11.410 1.556   1.00 7.25  ? 80  PHE A CD1 1 
ATOM   576  C  CD2 . PHE A 1 101 ? 3.553   -12.314 -0.295  1.00 7.87  ? 80  PHE A CD2 1 
ATOM   577  C  CE1 . PHE A 1 101 ? 4.498   -12.551 2.314   1.00 7.78  ? 80  PHE A CE1 1 
ATOM   578  C  CE2 . PHE A 1 101 ? 3.262   -13.452 0.450   1.00 8.90  ? 80  PHE A CE2 1 
ATOM   579  C  CZ  . PHE A 1 101 ? 3.738   -13.574 1.753   1.00 8.07  ? 80  PHE A CZ  1 
ATOM   580  N  N   . VAL A 1 102 ? 3.296   -6.552  -0.661  1.00 7.10  ? 81  VAL A N   1 
ATOM   581  C  CA  . VAL A 1 102 ? 3.449   -5.245  -1.296  1.00 7.16  ? 81  VAL A CA  1 
ATOM   582  C  C   . VAL A 1 102 ? 4.227   -4.340  -0.339  1.00 7.06  ? 81  VAL A C   1 
ATOM   583  O  O   . VAL A 1 102 ? 4.055   -4.420  0.884   1.00 6.85  ? 81  VAL A O   1 
ATOM   584  C  CB  . VAL A 1 102 ? 2.062   -4.617  -1.604  1.00 7.32  ? 81  VAL A CB  1 
ATOM   585  C  CG1 . VAL A 1 102 ? 2.188   -3.133  -1.978  1.00 8.24  ? 81  VAL A CG1 1 
ATOM   586  C  CG2 . VAL A 1 102 ? 1.374   -5.374  -2.740  1.00 7.21  ? 81  VAL A CG2 1 
ATOM   587  N  N   . THR A 1 103 ? 5.093   -3.497  -0.902  1.00 6.79  ? 82  THR A N   1 
ATOM   588  C  CA  . THR A 1 103 ? 5.804   -2.482  -0.127  1.00 7.01  ? 82  THR A CA  1 
ATOM   589  C  C   . THR A 1 103 ? 5.305   -1.111  -0.561  1.00 7.30  ? 82  THR A C   1 
ATOM   590  O  O   . THR A 1 103 ? 5.386   -0.767  -1.754  1.00 7.88  ? 82  THR A O   1 
ATOM   591  C  CB  . THR A 1 103 ? 7.334   -2.577  -0.337  1.00 7.03  ? 82  THR A CB  1 
ATOM   592  O  OG1 . THR A 1 103 ? 7.829   -3.801  0.236   1.00 6.61  ? 82  THR A OG1 1 
ATOM   593  C  CG2 . THR A 1 103 ? 8.059   -1.396  0.346   1.00 6.55  ? 82  THR A CG2 1 
ATOM   594  N  N   . ILE A 1 104 ? 4.757   -0.358  0.400   1.00 7.44  ? 83  ILE A N   1 
ATOM   595  C  CA  A ILE A 1 104 ? 4.386   1.033   0.162   0.50 7.37  ? 83  ILE A CA  1 
ATOM   596  C  CA  B ILE A 1 104 ? 4.348   1.037   0.197   0.50 7.52  ? 83  ILE A CA  1 
ATOM   597  C  C   . ILE A 1 104 ? 5.253   1.911   1.056   1.00 7.51  ? 83  ILE A C   1 
ATOM   598  O  O   . ILE A 1 104 ? 5.206   1.820   2.281   1.00 7.12  ? 83  ILE A O   1 
ATOM   599  C  CB  A ILE A 1 104 ? 2.875   1.286   0.392   0.50 7.36  ? 83  ILE A CB  1 
ATOM   600  C  CB  B ILE A 1 104 ? 2.877   1.285   0.641   0.50 7.47  ? 83  ILE A CB  1 
ATOM   601  C  CG1 A ILE A 1 104 ? 2.060   0.493   -0.633  0.50 7.40  ? 83  ILE A CG1 1 
ATOM   602  C  CG1 B ILE A 1 104 ? 1.928   0.293   -0.034  0.50 8.31  ? 83  ILE A CG1 1 
ATOM   603  C  CG2 A ILE A 1 104 ? 2.545   2.795   0.290   0.50 7.29  ? 83  ILE A CG2 1 
ATOM   604  C  CG2 B ILE A 1 104 ? 2.453   2.748   0.369   0.50 7.63  ? 83  ILE A CG2 1 
ATOM   605  C  CD1 A ILE A 1 104 ? 0.751   -0.052  -0.101  0.50 8.11  ? 83  ILE A CD1 1 
ATOM   606  C  CD1 B ILE A 1 104 ? 1.912   0.400   -1.519  0.50 8.43  ? 83  ILE A CD1 1 
ATOM   607  N  N   . GLY A 1 105 ? 6.072   2.742   0.412   1.00 7.17  ? 84  GLY A N   1 
ATOM   608  C  CA  . GLY A 1 105 ? 7.030   3.586   1.120   1.00 7.03  ? 84  GLY A CA  1 
ATOM   609  C  C   . GLY A 1 105 ? 6.411   4.698   1.955   1.00 7.15  ? 84  GLY A C   1 
ATOM   610  O  O   . GLY A 1 105 ? 5.189   4.910   1.942   1.00 7.58  ? 84  GLY A O   1 
ATOM   611  N  N   . HIS A 1 106 ? 7.260   5.414   2.689   1.00 6.85  ? 85  HIS A N   1 
ATOM   612  C  CA  . HIS A 1 106 ? 6.761   6.459   3.602   1.00 7.11  ? 85  HIS A CA  1 
ATOM   613  C  C   . HIS A 1 106 ? 6.008   7.528   2.835   1.00 7.03  ? 85  HIS A C   1 
ATOM   614  O  O   . HIS A 1 106 ? 6.371   7.862   1.699   1.00 7.34  ? 85  HIS A O   1 
ATOM   615  C  CB  . HIS A 1 106 ? 7.899   7.165   4.343   1.00 7.44  ? 85  HIS A CB  1 
ATOM   616  C  CG  . HIS A 1 106 ? 8.984   6.251   4.817   1.00 8.43  ? 85  HIS A CG  1 
ATOM   617  N  ND1 . HIS A 1 106 ? 8.881   5.508   5.975   1.00 8.26  ? 85  HIS A ND1 1 
ATOM   618  C  CD2 . HIS A 1 106 ? 10.204  5.973   4.296   1.00 9.13  ? 85  HIS A CD2 1 
ATOM   619  C  CE1 . HIS A 1 106 ? 9.987   4.805   6.142   1.00 10.12 ? 85  HIS A CE1 1 
ATOM   620  N  NE2 . HIS A 1 106 ? 10.805  5.065   5.136   1.00 10.86 ? 85  HIS A NE2 1 
ATOM   621  N  N   . SER A 1 107 ? 4.970   8.063   3.469   1.00 6.78  ? 86  SER A N   1 
ATOM   622  C  CA  . SER A 1 107 ? 4.334   9.303   3.023   1.00 7.09  ? 86  SER A CA  1 
ATOM   623  C  C   . SER A 1 107 ? 3.820   9.236   1.586   1.00 6.98  ? 86  SER A C   1 
ATOM   624  O  O   . SER A 1 107 ? 3.947   10.195  0.811   1.00 7.38  ? 86  SER A O   1 
ATOM   625  C  CB  . SER A 1 107 ? 5.285   10.487  3.219   1.00 7.55  ? 86  SER A CB  1 
ATOM   626  O  OG  . SER A 1 107 ? 5.661   10.583  4.583   1.00 9.56  ? 86  SER A OG  1 
ATOM   627  N  N   . CYS A 1 108 ? 3.261   8.081   1.232   1.00 7.06  ? 87  CYS A N   1 
ATOM   628  C  CA  . CYS A 1 108 ? 2.551   7.931   -0.032  1.00 7.09  ? 87  CYS A CA  1 
ATOM   629  C  C   . CYS A 1 108 ? 1.098   8.378   0.116   1.00 6.94  ? 87  CYS A C   1 
ATOM   630  O  O   . CYS A 1 108 ? 0.609   8.551   1.227   1.00 7.11  ? 87  CYS A O   1 
ATOM   631  C  CB  . CYS A 1 108 ? 2.599   6.484   -0.509  1.00 7.29  ? 87  CYS A CB  1 
ATOM   632  S  SG  . CYS A 1 108 ? 4.233   6.017   -1.139  1.00 8.01  ? 87  CYS A SG  1 
ATOM   633  N  N   . ILE A 1 109 ? 0.428   8.592   -1.016  1.00 6.94  ? 88  ILE A N   1 
ATOM   634  C  CA  . ILE A 1 109 ? -1.016  8.800   -1.025  1.00 7.57  ? 88  ILE A CA  1 
ATOM   635  C  C   . ILE A 1 109 ? -1.571  7.815   -2.044  1.00 8.12  ? 88  ILE A C   1 
ATOM   636  O  O   . ILE A 1 109 ? -1.168  7.837   -3.210  1.00 8.66  ? 88  ILE A O   1 
ATOM   637  C  CB  . ILE A 1 109 ? -1.435  10.245  -1.416  1.00 7.39  ? 88  ILE A CB  1 
ATOM   638  C  CG1 . ILE A 1 109 ? -0.633  11.302  -0.654  1.00 8.00  ? 88  ILE A CG1 1 
ATOM   639  C  CG2 . ILE A 1 109 ? -2.946  10.444  -1.142  1.00 8.50  ? 88  ILE A CG2 1 
ATOM   640  C  CD1 . ILE A 1 109 ? -0.796  12.727  -1.230  1.00 9.21  ? 88  ILE A CD1 1 
ATOM   641  N  N   . LEU A 1 110 ? -2.458  6.933   -1.593  1.00 8.88  ? 89  LEU A N   1 
ATOM   642  C  CA  . LEU A 1 110 ? -3.077  5.927   -2.473  1.00 9.60  ? 89  LEU A CA  1 
ATOM   643  C  C   . LEU A 1 110 ? -4.567  6.189   -2.522  1.00 10.36 ? 89  LEU A C   1 
ATOM   644  O  O   . LEU A 1 110 ? -5.213  6.269   -1.472  1.00 9.69  ? 89  LEU A O   1 
ATOM   645  C  CB  . LEU A 1 110 ? -2.821  4.506   -1.960  1.00 10.14 ? 89  LEU A CB  1 
ATOM   646  C  CG  . LEU A 1 110 ? -1.377  4.109   -1.649  1.00 11.14 ? 89  LEU A CG  1 
ATOM   647  C  CD1 . LEU A 1 110 ? -1.324  2.663   -1.134  1.00 14.05 ? 89  LEU A CD1 1 
ATOM   648  C  CD2 . LEU A 1 110 ? -0.501  4.287   -2.877  1.00 12.51 ? 89  LEU A CD2 1 
ATOM   649  N  N   A HIS A 1 111 ? -5.090  6.326   -3.739  0.50 10.42 ? 90  HIS A N   1 
ATOM   650  N  N   B HIS A 1 111 ? -5.082  6.344   -3.714  0.50 10.16 ? 90  HIS A N   1 
ATOM   651  C  CA  A HIS A 1 111 ? -6.495  6.630   -4.033  0.50 11.10 ? 90  HIS A CA  1 
ATOM   652  C  CA  B HIS A 1 111 ? -6.482  6.541   -3.826  0.50 10.70 ? 90  HIS A CA  1 
ATOM   653  C  C   A HIS A 1 111 ? -7.185  5.700   -5.072  0.50 11.35 ? 90  HIS A C   1 
ATOM   654  C  C   B HIS A 1 111 ? -7.163  5.196   -4.224  0.50 10.73 ? 90  HIS A C   1 
ATOM   655  O  O   A HIS A 1 111 ? -6.761  5.618   -6.185  0.50 11.95 ? 90  HIS A O   1 
ATOM   656  O  O   B HIS A 1 111 ? -6.646  4.160   -3.933  0.50 10.80 ? 90  HIS A O   1 
ATOM   657  C  CB  A HIS A 1 111 ? -6.571  8.010   -4.661  0.50 11.27 ? 90  HIS A CB  1 
ATOM   658  C  CB  B HIS A 1 111 ? -6.770  7.777   -4.670  0.50 11.00 ? 90  HIS A CB  1 
ATOM   659  C  CG  A HIS A 1 111 ? -7.273  9.011   -3.836  0.50 11.91 ? 90  HIS A CG  1 
ATOM   660  C  CG  B HIS A 1 111 ? -7.319  8.916   -3.874  0.50 11.05 ? 90  HIS A CG  1 
ATOM   661  N  ND1 A HIS A 1 111 ? -8.229  9.849   -4.345  0.50 12.30 ? 90  HIS A ND1 1 
ATOM   662  N  ND1 B HIS A 1 111 ? -8.227  9.810   -4.379  0.50 11.59 ? 90  HIS A ND1 1 
ATOM   663  C  CD2 A HIS A 1 111 ? -7.168  9.308   -2.532  0.50 12.72 ? 90  HIS A CD2 1 
ATOM   664  C  CD2 B HIS A 1 111 ? -7.181  9.229   -2.573  0.50 12.24 ? 90  HIS A CD2 1 
ATOM   665  C  CE1 A HIS A 1 111 ? -8.661  10.638  -3.385  0.50 13.51 ? 90  HIS A CE1 1 
ATOM   666  C  CE1 B HIS A 1 111 ? -8.571  10.664  -3.437  0.50 11.82 ? 90  HIS A CE1 1 
ATOM   667  N  NE2 A HIS A 1 111 ? -8.030  10.328  -2.278  0.50 12.82 ? 90  HIS A NE2 1 
ATOM   668  N  NE2 B HIS A 1 111 ? -7.955  10.324  -2.328  0.50 11.66 ? 90  HIS A NE2 1 
ATOM   669  N  N   . ALA A 1 112 ? -8.337  5.208   -4.755  1.00 11.52 ? 91  ALA A N   1 
ATOM   670  C  CA  . ALA A 1 112 ? -8.985  4.037   -5.397  1.00 11.15 ? 91  ALA A CA  1 
ATOM   671  C  C   . ALA A 1 112 ? -8.181  3.277   -6.463  1.00 11.63 ? 91  ALA A C   1 
ATOM   672  O  O   . ALA A 1 112 ? -8.574  3.222   -7.632  1.00 12.40 ? 91  ALA A O   1 
ATOM   673  C  CB  . ALA A 1 112 ? -10.360 4.437   -5.943  1.00 11.83 ? 91  ALA A CB  1 
ATOM   674  N  N   . CYS A 1 113 ? -7.075  2.670   -6.047  1.00 10.86 ? 92  CYS A N   1 
ATOM   675  C  CA  . CYS A 1 113 ? -6.181  1.981   -6.973  1.00 10.91 ? 92  CYS A CA  1 
ATOM   676  C  C   . CYS A 1 113 ? -6.094  0.485   -6.681  1.00 10.54 ? 92  CYS A C   1 
ATOM   677  O  O   . CYS A 1 113 ? -6.610  0.005   -5.670  1.00 10.60 ? 92  CYS A O   1 
ATOM   678  C  CB  . CYS A 1 113 ? -4.784  2.608   -6.934  1.00 10.85 ? 92  CYS A CB  1 
ATOM   679  S  SG  . CYS A 1 113 ? -3.993  2.595   -5.294  1.00 12.77 ? 92  CYS A SG  1 
ATOM   680  N  N   . THR A 1 114 ? -5.437  -0.244  -7.575  1.00 10.37 ? 93  THR A N   1 
ATOM   681  C  CA  . THR A 1 114 ? -5.239  -1.678  -7.396  1.00 10.56 ? 93  THR A CA  1 
ATOM   682  C  C   . THR A 1 114 ? -3.752  -1.984  -7.519  1.00 10.43 ? 93  THR A C   1 
ATOM   683  O  O   . THR A 1 114 ? -3.135  -1.658  -8.532  1.00 10.91 ? 93  THR A O   1 
ATOM   684  C  CB  . THR A 1 114 ? -6.032  -2.476  -8.448  1.00 11.09 ? 93  THR A CB  1 
ATOM   685  O  OG1 . THR A 1 114 ? -7.421  -2.151  -8.330  1.00 12.43 ? 93  THR A OG1 1 
ATOM   686  C  CG2 . THR A 1 114 ? -5.847  -3.978  -8.255  1.00 11.76 ? 93  THR A CG2 1 
ATOM   687  N  N   . LEU A 1 115 ? -3.184  -2.602  -6.484  1.00 9.92  ? 94  LEU A N   1 
ATOM   688  C  CA  . LEU A 1 115 ? -1.757  -2.943  -6.473  1.00 9.74  ? 94  LEU A CA  1 
ATOM   689  C  C   . LEU A 1 115 ? -1.610  -4.451  -6.356  1.00 9.65  ? 94  LEU A C   1 
ATOM   690  O  O   . LEU A 1 115 ? -2.046  -5.053  -5.367  1.00 9.78  ? 94  LEU A O   1 
ATOM   691  C  CB  . LEU A 1 115 ? -1.036  -2.234  -5.313  1.00 9.89  ? 94  LEU A CB  1 
ATOM   692  C  CG  . LEU A 1 115 ? -1.283  -0.728  -5.119  1.00 10.22 ? 94  LEU A CG  1 
ATOM   693  C  CD1 . LEU A 1 115 ? -0.475  -0.214  -3.944  1.00 10.27 ? 94  LEU A CD1 1 
ATOM   694  C  CD2 . LEU A 1 115 ? -0.967  0.094   -6.389  1.00 12.77 ? 94  LEU A CD2 1 
ATOM   695  N  N   . GLY A 1 116 ? -1.016  -5.063  -7.376  1.00 9.21  ? 95  GLY A N   1 
ATOM   696  C  CA  . GLY A 1 116 ? -0.870  -6.517  -7.408  1.00 9.58  ? 95  GLY A CA  1 
ATOM   697  C  C   . GLY A 1 116 ? 0.165   -7.006  -6.421  1.00 9.39  ? 95  GLY A C   1 
ATOM   698  O  O   . GLY A 1 116 ? 0.930   -6.216  -5.850  1.00 8.88  ? 95  GLY A O   1 
ATOM   699  N  N   . ASN A 1 117 ? 0.204   -8.322  -6.211  1.00 9.20  ? 96  ASN A N   1 
ATOM   700  C  CA  . ASN A 1 117 ? 1.194   -8.899  -5.304  1.00 9.26  ? 96  ASN A CA  1 
ATOM   701  C  C   . ASN A 1 117 ? 2.598   -8.449  -5.675  1.00 9.26  ? 96  ASN A C   1 
ATOM   702  O  O   . ASN A 1 117 ? 2.931   -8.354  -6.856  1.00 9.04  ? 96  ASN A O   1 
ATOM   703  C  CB  . ASN A 1 117 ? 1.157   -10.426 -5.334  1.00 9.48  ? 96  ASN A CB  1 
ATOM   704  C  CG  . ASN A 1 117 ? -0.207  -10.992 -5.004  1.00 10.18 ? 96  ASN A CG  1 
ATOM   705  O  OD1 . ASN A 1 117 ? -1.038  -10.343 -4.358  1.00 10.40 ? 96  ASN A OD1 1 
ATOM   706  N  ND2 . ASN A 1 117 ? -0.445  -12.226 -5.447  1.00 10.40 ? 96  ASN A ND2 1 
ATOM   707  N  N   . ASN A 1 118 ? 3.411   -8.179  -4.659  1.00 8.87  ? 97  ASN A N   1 
ATOM   708  C  CA  . ASN A 1 118 ? 4.813   -7.785  -4.847  1.00 9.19  ? 97  ASN A CA  1 
ATOM   709  C  C   . ASN A 1 118 ? 5.007   -6.450  -5.565  1.00 8.82  ? 97  ASN A C   1 
ATOM   710  O  O   . ASN A 1 118 ? 6.118   -6.162  -6.009  1.00 9.60  ? 97  ASN A O   1 
ATOM   711  C  CB  . ASN A 1 118 ? 5.620   -8.860  -5.604  1.00 9.20  ? 97  ASN A CB  1 
ATOM   712  C  CG  . ASN A 1 118 ? 6.071   -10.032 -4.731  1.00 12.09 ? 97  ASN A CG  1 
ATOM   713  O  OD1 . ASN A 1 118 ? 6.250   -11.134 -5.247  1.00 15.21 ? 97  ASN A OD1 1 
ATOM   714  N  ND2 . ASN A 1 118 ? 6.313   -9.798  -3.437  1.00 11.58 ? 97  ASN A ND2 1 
ATOM   715  N  N   . ALA A 1 119 ? 3.949   -5.644  -5.690  1.00 8.53  ? 98  ALA A N   1 
ATOM   716  C  CA  . ALA A 1 119 ? 4.107   -4.255  -6.150  1.00 8.84  ? 98  ALA A CA  1 
ATOM   717  C  C   . ALA A 1 119 ? 4.948   -3.475  -5.141  1.00 8.95  ? 98  ALA A C   1 
ATOM   718  O  O   . ALA A 1 119 ? 4.920   -3.768  -3.934  1.00 9.01  ? 98  ALA A O   1 
ATOM   719  C  CB  . ALA A 1 119 ? 2.755   -3.580  -6.338  1.00 8.71  ? 98  ALA A CB  1 
ATOM   720  N  N   . PHE A 1 120 ? 5.699   -2.494  -5.632  1.00 8.55  ? 99  PHE A N   1 
ATOM   721  C  CA  . PHE A 1 120 ? 6.603   -1.711  -4.785  1.00 8.82  ? 99  PHE A CA  1 
ATOM   722  C  C   . PHE A 1 120 ? 6.378   -0.254  -5.140  1.00 8.56  ? 99  PHE A C   1 
ATOM   723  O  O   . PHE A 1 120 ? 6.629   0.166   -6.278  1.00 8.43  ? 99  PHE A O   1 
ATOM   724  C  CB  . PHE A 1 120 ? 8.060   -2.125  -5.040  1.00 8.50  ? 99  PHE A CB  1 
ATOM   725  C  CG  . PHE A 1 120 ? 9.065   -1.524  -4.081  1.00 10.20 ? 99  PHE A CG  1 
ATOM   726  C  CD1 . PHE A 1 120 ? 9.699   -2.329  -3.133  1.00 12.33 ? 99  PHE A CD1 1 
ATOM   727  C  CD2 . PHE A 1 120 ? 9.392   -0.168  -4.133  1.00 12.27 ? 99  PHE A CD2 1 
ATOM   728  C  CE1 . PHE A 1 120 ? 10.638  -1.797  -2.245  1.00 12.56 ? 99  PHE A CE1 1 
ATOM   729  C  CE2 . PHE A 1 120 ? 10.341  0.384   -3.240  1.00 12.63 ? 99  PHE A CE2 1 
ATOM   730  C  CZ  . PHE A 1 120 ? 10.966  -0.434  -2.303  1.00 12.78 ? 99  PHE A CZ  1 
ATOM   731  N  N   . VAL A 1 121 ? 5.889   0.509   -4.169  1.00 8.22  ? 100 VAL A N   1 
ATOM   732  C  CA  . VAL A 1 121 ? 5.607   1.931   -4.380  1.00 8.54  ? 100 VAL A CA  1 
ATOM   733  C  C   . VAL A 1 121 ? 6.640   2.737   -3.617  1.00 8.82  ? 100 VAL A C   1 
ATOM   734  O  O   . VAL A 1 121 ? 6.665   2.725   -2.381  1.00 9.00  ? 100 VAL A O   1 
ATOM   735  C  CB  . VAL A 1 121 ? 4.181   2.310   -3.909  1.00 8.57  ? 100 VAL A CB  1 
ATOM   736  C  CG1 . VAL A 1 121 ? 3.912   3.800   -4.155  1.00 9.23  ? 100 VAL A CG1 1 
ATOM   737  C  CG2 . VAL A 1 121 ? 3.136   1.465   -4.615  1.00 9.56  ? 100 VAL A CG2 1 
ATOM   738  N  N   . GLY A 1 122 ? 7.510   3.422   -4.356  1.00 8.47  ? 101 GLY A N   1 
ATOM   739  C  CA  . GLY A 1 122 ? 8.584   4.211   -3.758  1.00 8.60  ? 101 GLY A CA  1 
ATOM   740  C  C   . GLY A 1 122 ? 8.033   5.300   -2.857  1.00 8.52  ? 101 GLY A C   1 
ATOM   741  O  O   . GLY A 1 122 ? 6.954   5.826   -3.105  1.00 8.55  ? 101 GLY A O   1 
ATOM   742  N  N   . MET A 1 123 ? 8.776   5.607   -1.794  1.00 8.63  ? 102 MET A N   1 
ATOM   743  C  CA  . MET A 1 123 ? 8.359   6.633   -0.833  1.00 8.02  ? 102 MET A CA  1 
ATOM   744  C  C   . MET A 1 123 ? 7.972   7.945   -1.514  1.00 7.77  ? 102 MET A C   1 
ATOM   745  O  O   . MET A 1 123 ? 8.572   8.339   -2.522  1.00 7.62  ? 102 MET A O   1 
ATOM   746  C  CB  . MET A 1 123 ? 9.468   6.873   0.188   1.00 8.47  ? 102 MET A CB  1 
ATOM   747  C  CG  . MET A 1 123 ? 10.768  7.426   -0.398  1.00 9.47  ? 102 MET A CG  1 
ATOM   748  S  SD  . MET A 1 123 ? 12.035  7.378   0.872   1.00 13.65 ? 102 MET A SD  1 
ATOM   749  C  CE  . MET A 1 123 ? 13.467  7.989   0.028   1.00 16.30 ? 102 MET A CE  1 
ATOM   750  N  N   . GLY A 1 124 ? 6.964   8.619   -0.959  1.00 7.35  ? 103 GLY A N   1 
ATOM   751  C  CA  . GLY A 1 124 ? 6.577   9.936   -1.454  1.00 7.51  ? 103 GLY A CA  1 
ATOM   752  C  C   . GLY A 1 124 ? 5.847   9.911   -2.785  1.00 7.87  ? 103 GLY A C   1 
ATOM   753  O  O   . GLY A 1 124 ? 5.806   10.934  -3.482  1.00 8.76  ? 103 GLY A O   1 
ATOM   754  N  N   . SER A 1 125 ? 5.263   8.760   -3.131  1.00 7.73  ? 104 SER A N   1 
ATOM   755  C  CA  . SER A 1 125 ? 4.504   8.628   -4.385  1.00 7.77  ? 104 SER A CA  1 
ATOM   756  C  C   . SER A 1 125 ? 3.006   8.815   -4.180  1.00 8.36  ? 104 SER A C   1 
ATOM   757  O  O   . SER A 1 125 ? 2.484   8.616   -3.081  1.00 8.63  ? 104 SER A O   1 
ATOM   758  C  CB  . SER A 1 125 ? 4.757   7.264   -5.043  1.00 8.24  ? 104 SER A CB  1 
ATOM   759  O  OG  . SER A 1 125 ? 6.110   7.143   -5.461  1.00 8.04  ? 104 SER A OG  1 
ATOM   760  N  N   . ILE A 1 126 ? 2.326   9.195   -5.258  1.00 7.90  ? 105 ILE A N   1 
ATOM   761  C  CA  . ILE A 1 126 ? 0.881   9.388   -5.274  1.00 8.56  ? 105 ILE A CA  1 
ATOM   762  C  C   . ILE A 1 126 ? 0.342   8.467   -6.353  1.00 8.99  ? 105 ILE A C   1 
ATOM   763  O  O   . ILE A 1 126 ? 0.841   8.482   -7.480  1.00 9.10  ? 105 ILE A O   1 
ATOM   764  C  CB  . ILE A 1 126 ? 0.507   10.851  -5.603  1.00 8.72  ? 105 ILE A CB  1 
ATOM   765  C  CG1 . ILE A 1 126 ? 1.108   11.815  -4.568  1.00 9.15  ? 105 ILE A CG1 1 
ATOM   766  C  CG2 . ILE A 1 126 ? -1.021  11.012  -5.700  1.00 10.09 ? 105 ILE A CG2 1 
ATOM   767  C  CD1 . ILE A 1 126 ? 0.914   13.300  -4.919  1.00 9.18  ? 105 ILE A CD1 1 
ATOM   768  N  N   . VAL A 1 127 ? -0.644  7.643   -6.001  1.00 8.85  ? 106 VAL A N   1 
ATOM   769  C  CA  . VAL A 1 127 ? -1.282  6.738   -6.968  1.00 9.16  ? 106 VAL A CA  1 
ATOM   770  C  C   . VAL A 1 127 ? -2.753  7.131   -7.023  1.00 9.51  ? 106 VAL A C   1 
ATOM   771  O  O   . VAL A 1 127 ? -3.464  7.059   -6.010  1.00 9.52  ? 106 VAL A O   1 
ATOM   772  C  CB  . VAL A 1 127 ? -1.117  5.251   -6.569  1.00 9.43  ? 106 VAL A CB  1 
ATOM   773  C  CG1 . VAL A 1 127 ? -1.733  4.339   -7.630  1.00 9.59  ? 106 VAL A CG1 1 
ATOM   774  C  CG2 . VAL A 1 127 ? 0.370   4.914   -6.401  1.00 9.48  ? 106 VAL A CG2 1 
ATOM   775  N  N   . MET A 1 128 ? -3.206  7.532   -8.213  1.00 9.92  ? 107 MET A N   1 
ATOM   776  C  CA  A MET A 1 128 ? -4.531  8.137   -8.397  0.50 10.64 ? 107 MET A CA  1 
ATOM   777  C  CA  B MET A 1 128 ? -4.539  8.117   -8.337  0.50 10.10 ? 107 MET A CA  1 
ATOM   778  C  C   . MET A 1 128 ? -5.618  7.100   -8.683  1.00 10.62 ? 107 MET A C   1 
ATOM   779  O  O   . MET A 1 128 ? -5.321  5.931   -8.961  1.00 10.49 ? 107 MET A O   1 
ATOM   780  C  CB  A MET A 1 128 ? -4.499  9.182   -9.526  0.50 11.20 ? 107 MET A CB  1 
ATOM   781  C  CB  B MET A 1 128 ? -4.523  9.275   -9.330  0.50 10.31 ? 107 MET A CB  1 
ATOM   782  C  CG  A MET A 1 128 ? -3.491  10.321  -9.335  0.50 12.98 ? 107 MET A CG  1 
ATOM   783  C  CG  B MET A 1 128 ? -3.576  10.375  -8.911  0.50 9.58  ? 107 MET A CG  1 
ATOM   784  S  SD  A MET A 1 128 ? -3.965  11.589  -8.148  0.50 18.51 ? 107 MET A SD  1 
ATOM   785  S  SD  B MET A 1 128 ? -3.652  11.775  -10.017 0.50 9.88  ? 107 MET A SD  1 
ATOM   786  C  CE  A MET A 1 128 ? -5.350  12.352  -8.985  0.50 16.88 ? 107 MET A CE  1 
ATOM   787  C  CE  B MET A 1 128 ? -5.135  12.589  -9.427  0.50 10.69 ? 107 MET A CE  1 
ATOM   788  N  N   . ASP A 1 129 ? -6.872  7.555   -8.628  1.00 10.68 ? 108 ASP A N   1 
ATOM   789  C  CA  . ASP A 1 129 ? -8.051  6.723   -8.874  1.00 11.08 ? 108 ASP A CA  1 
ATOM   790  C  C   . ASP A 1 129 ? -7.907  5.889   -10.140 1.00 10.52 ? 108 ASP A C   1 
ATOM   791  O  O   . ASP A 1 129 ? -7.507  6.394   -11.190 1.00 10.23 ? 108 ASP A O   1 
ATOM   792  C  CB  . ASP A 1 129 ? -9.318  7.594   -8.977  1.00 11.44 ? 108 ASP A CB  1 
ATOM   793  C  CG  . ASP A 1 129 ? -9.920  7.957   -7.614  1.00 14.18 ? 108 ASP A CG  1 
ATOM   794  O  OD1 . ASP A 1 129 ? -9.446  7.464   -6.569  1.00 18.11 ? 108 ASP A OD1 1 
ATOM   795  O  OD2 . ASP A 1 129 ? -10.898 8.732   -7.592  1.00 15.91 ? 108 ASP A OD2 1 
ATOM   796  N  N   . ARG A 1 130 ? -8.230  4.605   -10.028 1.00 10.45 ? 109 ARG A N   1 
ATOM   797  C  CA  . ARG A 1 130 ? -8.277  3.684   -11.170 1.00 10.62 ? 109 ARG A CA  1 
ATOM   798  C  C   . ARG A 1 130 ? -6.899  3.268   -11.704 1.00 10.19 ? 109 ARG A C   1 
ATOM   799  O  O   . ARG A 1 130 ? -6.821  2.442   -12.609 1.00 10.27 ? 109 ARG A O   1 
ATOM   800  C  CB  . ARG A 1 130 ? -9.166  4.219   -12.316 1.00 11.22 ? 109 ARG A CB  1 
ATOM   801  C  CG  . ARG A 1 130 ? -10.636 4.394   -11.951 1.00 13.47 ? 109 ARG A CG  1 
ATOM   802  C  CD  . ARG A 1 130 ? -11.475 4.866   -13.144 1.00 17.74 ? 109 ARG A CD  1 
ATOM   803  N  NE  . ARG A 1 130 ? -11.288 6.289   -13.428 1.00 21.37 ? 109 ARG A NE  1 
ATOM   804  C  CZ  . ARG A 1 130 ? -10.525 6.779   -14.403 1.00 22.49 ? 109 ARG A CZ  1 
ATOM   805  N  NH1 . ARG A 1 130 ? -9.863  5.966   -15.219 1.00 23.00 ? 109 ARG A NH1 1 
ATOM   806  N  NH2 . ARG A 1 130 ? -10.435 8.094   -14.571 1.00 23.83 ? 109 ARG A NH2 1 
ATOM   807  N  N   . ALA A 1 131 ? -5.814  3.813   -11.148 1.00 9.89  ? 110 ALA A N   1 
ATOM   808  C  CA  . ALA A 1 131 ? -4.489  3.325   -11.526 1.00 9.64  ? 110 ALA A CA  1 
ATOM   809  C  C   . ALA A 1 131 ? -4.316  1.872   -11.079 1.00 9.81  ? 110 ALA A C   1 
ATOM   810  O  O   . ALA A 1 131 ? -4.916  1.435   -10.096 1.00 9.83  ? 110 ALA A O   1 
ATOM   811  C  CB  . ALA A 1 131 ? -3.379  4.215   -10.958 1.00 9.67  ? 110 ALA A CB  1 
ATOM   812  N  N   . VAL A 1 132 ? -3.514  1.123   -11.826 1.00 9.58  ? 111 VAL A N   1 
ATOM   813  C  CA  . VAL A 1 132 ? -3.262  -0.285  -11.523 1.00 9.90  ? 111 VAL A CA  1 
ATOM   814  C  C   . VAL A 1 132 ? -1.769  -0.528  -11.589 1.00 9.89  ? 111 VAL A C   1 
ATOM   815  O  O   . VAL A 1 132 ? -1.111  -0.115  -12.544 1.00 10.47 ? 111 VAL A O   1 
ATOM   816  C  CB  . VAL A 1 132 ? -3.968  -1.230  -12.537 1.00 10.22 ? 111 VAL A CB  1 
ATOM   817  C  CG1 . VAL A 1 132 ? -3.570  -2.695  -12.292 1.00 10.90 ? 111 VAL A CG1 1 
ATOM   818  C  CG2 . VAL A 1 132 ? -5.485  -1.063  -12.471 1.00 10.29 ? 111 VAL A CG2 1 
ATOM   819  N  N   . MET A 1 133 ? -1.232  -1.187  -10.567 1.00 9.61  ? 112 MET A N   1 
ATOM   820  C  CA  . MET A 1 133 ? 0.092   -1.780  -10.672 1.00 9.26  ? 112 MET A CA  1 
ATOM   821  C  C   . MET A 1 133 ? -0.088  -3.291  -10.740 1.00 9.82  ? 112 MET A C   1 
ATOM   822  O  O   . MET A 1 133 ? -0.686  -3.899  -9.845  1.00 10.12 ? 112 MET A O   1 
ATOM   823  C  CB  . MET A 1 133 ? 0.983   -1.378  -9.493  1.00 9.38  ? 112 MET A CB  1 
ATOM   824  C  CG  . MET A 1 133 ? 1.349   0.101   -9.518  1.00 9.47  ? 112 MET A CG  1 
ATOM   825  S  SD  . MET A 1 133 ? 2.467   0.574   -8.195  1.00 11.71 ? 112 MET A SD  1 
ATOM   826  C  CE  . MET A 1 133 ? 3.964   -0.281  -8.700  1.00 10.91 ? 112 MET A CE  1 
ATOM   827  N  N   . GLU A 1 134 ? 0.388   -3.893  -11.825 1.00 9.53  ? 113 GLU A N   1 
ATOM   828  C  CA  . GLU A 1 134 ? 0.322   -5.342  -11.947 1.00 10.10 ? 113 GLU A CA  1 
ATOM   829  C  C   . GLU A 1 134 ? 1.288   -5.994  -10.960 1.00 9.72  ? 113 GLU A C   1 
ATOM   830  O  O   . GLU A 1 134 ? 2.146   -5.327  -10.377 1.00 9.82  ? 113 GLU A O   1 
ATOM   831  C  CB  . GLU A 1 134 ? 0.628   -5.776  -13.381 1.00 9.79  ? 113 GLU A CB  1 
ATOM   832  C  CG  . GLU A 1 134 ? -0.423  -5.279  -14.382 1.00 11.63 ? 113 GLU A CG  1 
ATOM   833  C  CD  . GLU A 1 134 ? -0.237  -5.860  -15.764 1.00 13.19 ? 113 GLU A CD  1 
ATOM   834  O  OE1 . GLU A 1 134 ? 0.848   -6.421  -16.056 1.00 12.84 ? 113 GLU A OE1 1 
ATOM   835  O  OE2 . GLU A 1 134 ? -1.193  -5.755  -16.569 1.00 15.46 ? 113 GLU A OE2 1 
ATOM   836  N  N   . GLU A 1 135 ? 1.126   -7.299  -10.756 1.00 10.36 ? 114 GLU A N   1 
ATOM   837  C  CA  . GLU A 1 135 ? 2.014   -8.053  -9.879  1.00 10.81 ? 114 GLU A CA  1 
ATOM   838  C  C   . GLU A 1 135 ? 3.477   -7.759  -10.229 1.00 10.62 ? 114 GLU A C   1 
ATOM   839  O  O   . GLU A 1 135 ? 3.843   -7.722  -11.402 1.00 10.32 ? 114 GLU A O   1 
ATOM   840  C  CB  . GLU A 1 135 ? 1.706   -9.554  -10.012 1.00 11.46 ? 114 GLU A CB  1 
ATOM   841  C  CG  . GLU A 1 135 ? 2.704   -10.501 -9.345  1.00 15.79 ? 114 GLU A CG  1 
ATOM   842  C  CD  . GLU A 1 135 ? 3.981   -10.719 -10.154 1.00 18.24 ? 114 GLU A CD  1 
ATOM   843  O  OE1 . GLU A 1 135 ? 3.910   -10.835 -11.404 1.00 22.17 ? 114 GLU A OE1 1 
ATOM   844  O  OE2 . GLU A 1 135 ? 5.062   -10.788 -9.531  1.00 21.43 ? 114 GLU A OE2 1 
ATOM   845  N  N   . GLY A 1 136 ? 4.308   -7.539  -9.213  1.00 9.62  ? 115 GLY A N   1 
ATOM   846  C  CA  . GLY A 1 136 ? 5.753   -7.443  -9.437  1.00 9.37  ? 115 GLY A CA  1 
ATOM   847  C  C   . GLY A 1 136 ? 6.197   -6.277  -10.302 1.00 9.50  ? 115 GLY A C   1 
ATOM   848  O  O   . GLY A 1 136 ? 7.090   -6.420  -11.142 1.00 8.95  ? 115 GLY A O   1 
ATOM   849  N  N   . SER A 1 137 ? 5.569   -5.126  -10.082 1.00 9.34  ? 116 SER A N   1 
ATOM   850  C  CA  . SER A 1 137 ? 5.910   -3.876  -10.766 1.00 9.27  ? 116 SER A CA  1 
ATOM   851  C  C   . SER A 1 137 ? 6.360   -2.841  -9.737  1.00 9.46  ? 116 SER A C   1 
ATOM   852  O  O   . SER A 1 137 ? 6.153   -3.024  -8.535  1.00 9.40  ? 116 SER A O   1 
ATOM   853  C  CB  . SER A 1 137 ? 4.710   -3.354  -11.568 1.00 9.43  ? 116 SER A CB  1 
ATOM   854  O  OG  . SER A 1 137 ? 3.611   -3.051  -10.716 1.00 10.68 ? 116 SER A OG  1 
ATOM   855  N  N   . MET A 1 138 ? 6.972   -1.755  -10.203 1.00 8.86  ? 117 MET A N   1 
ATOM   856  C  CA  . MET A 1 138 ? 7.545   -0.775  -9.284  1.00 8.81  ? 117 MET A CA  1 
ATOM   857  C  C   . MET A 1 138 ? 7.379   0.663   -9.742  1.00 8.84  ? 117 MET A C   1 
ATOM   858  O  O   . MET A 1 138 ? 7.444   0.950   -10.938 1.00 8.82  ? 117 MET A O   1 
ATOM   859  C  CB  . MET A 1 138 ? 9.032   -1.071  -9.046  1.00 9.45  ? 117 MET A CB  1 
ATOM   860  C  CG  . MET A 1 138 ? 9.679   -0.143  -8.028  1.00 9.97  ? 117 MET A CG  1 
ATOM   861  S  SD  . MET A 1 138 ? 11.220  -0.760  -7.336  1.00 17.68 ? 117 MET A SD  1 
ATOM   862  C  CE  . MET A 1 138 ? 12.258  -0.714  -8.731  1.00 12.67 ? 117 MET A CE  1 
ATOM   863  N  N   . LEU A 1 139 ? 7.163   1.539   -8.761  1.00 8.59  ? 118 LEU A N   1 
ATOM   864  C  CA  A LEU A 1 139 ? 7.127   2.969   -8.969  0.50 8.70  ? 118 LEU A CA  1 
ATOM   865  C  CA  B LEU A 1 139 ? 7.141   2.985   -8.963  0.50 8.77  ? 118 LEU A CA  1 
ATOM   866  C  C   . LEU A 1 139 ? 8.307   3.570   -8.205  1.00 8.81  ? 118 LEU A C   1 
ATOM   867  O  O   . LEU A 1 139 ? 8.499   3.267   -7.020  1.00 9.51  ? 118 LEU A O   1 
ATOM   868  C  CB  A LEU A 1 139 ? 5.798   3.500   -8.433  0.50 8.82  ? 118 LEU A CB  1 
ATOM   869  C  CB  B LEU A 1 139 ? 5.861   3.608   -8.405  0.50 8.99  ? 118 LEU A CB  1 
ATOM   870  C  CG  A LEU A 1 139 ? 5.263   4.852   -8.880  0.50 8.12  ? 118 LEU A CG  1 
ATOM   871  C  CG  B LEU A 1 139 ? 4.535   3.472   -9.137  0.50 8.50  ? 118 LEU A CG  1 
ATOM   872  C  CD1 A LEU A 1 139 ? 5.118   4.915   -10.391 0.50 7.28  ? 118 LEU A CD1 1 
ATOM   873  C  CD1 B LEU A 1 139 ? 3.470   4.270   -8.399  0.50 7.10  ? 118 LEU A CD1 1 
ATOM   874  C  CD2 A LEU A 1 139 ? 3.931   5.104   -8.188  0.50 7.40  ? 118 LEU A CD2 1 
ATOM   875  C  CD2 B LEU A 1 139 ? 4.643   3.945   -10.572 0.50 9.91  ? 118 LEU A CD2 1 
ATOM   876  N  N   . ALA A 1 140 ? 9.100   4.405   -8.878  1.00 8.13  ? 119 ALA A N   1 
ATOM   877  C  CA  . ALA A 1 140 ? 10.226  5.083   -8.225  1.00 8.45  ? 119 ALA A CA  1 
ATOM   878  C  C   . ALA A 1 140 ? 9.722   6.035   -7.149  1.00 8.42  ? 119 ALA A C   1 
ATOM   879  O  O   . ALA A 1 140 ? 8.583   6.514   -7.222  1.00 8.91  ? 119 ALA A O   1 
ATOM   880  C  CB  . ALA A 1 140 ? 11.034  5.862   -9.238  1.00 8.37  ? 119 ALA A CB  1 
ATOM   881  N  N   . ALA A 1 141 ? 10.585  6.331   -6.177  1.00 8.78  ? 120 ALA A N   1 
ATOM   882  C  CA  . ALA A 1 141 ? 10.292  7.359   -5.176  1.00 8.57  ? 120 ALA A CA  1 
ATOM   883  C  C   . ALA A 1 141 ? 9.811   8.645   -5.845  1.00 8.36  ? 120 ALA A C   1 
ATOM   884  O  O   . ALA A 1 141 ? 10.323  9.042   -6.896  1.00 8.83  ? 120 ALA A O   1 
ATOM   885  C  CB  . ALA A 1 141 ? 11.519  7.647   -4.332  1.00 8.87  ? 120 ALA A CB  1 
ATOM   886  N  N   . GLY A 1 142 ? 8.813   9.274   -5.232  1.00 8.77  ? 121 GLY A N   1 
ATOM   887  C  CA  . GLY A 1 142 ? 8.359   10.595  -5.664  1.00 9.13  ? 121 GLY A CA  1 
ATOM   888  C  C   . GLY A 1 142 ? 7.555   10.608  -6.949  1.00 9.26  ? 121 GLY A C   1 
ATOM   889  O  O   . GLY A 1 142 ? 7.419   11.659  -7.576  1.00 10.29 ? 121 GLY A O   1 
ATOM   890  N  N   . SER A 1 143 ? 7.015   9.455   -7.341  1.00 9.19  ? 122 SER A N   1 
ATOM   891  C  CA  . SER A 1 143 ? 6.232   9.376   -8.576  1.00 9.39  ? 122 SER A CA  1 
ATOM   892  C  C   . SER A 1 143 ? 4.795   9.835   -8.383  1.00 9.34  ? 122 SER A C   1 
ATOM   893  O  O   . SER A 1 143 ? 4.273   9.809   -7.268  1.00 9.78  ? 122 SER A O   1 
ATOM   894  C  CB  . SER A 1 143 ? 6.193   7.949   -9.105  1.00 9.78  ? 122 SER A CB  1 
ATOM   895  O  OG  . SER A 1 143 ? 7.488   7.470   -9.419  1.00 10.60 ? 122 SER A OG  1 
ATOM   896  N  N   . LEU A 1 144 ? 4.177   10.247  -9.488  1.00 8.77  ? 123 LEU A N   1 
ATOM   897  C  CA  A LEU A 1 144 ? 2.758   10.590  -9.520  0.50 8.96  ? 123 LEU A CA  1 
ATOM   898  C  CA  B LEU A 1 144 ? 2.754   10.566  -9.502  0.50 8.96  ? 123 LEU A CA  1 
ATOM   899  C  C   . LEU A 1 144 ? 2.103   9.754   -10.613 1.00 8.74  ? 123 LEU A C   1 
ATOM   900  O  O   . LEU A 1 144 ? 2.191   10.098  -11.801 1.00 9.09  ? 123 LEU A O   1 
ATOM   901  C  CB  A LEU A 1 144 ? 2.575   12.089  -9.796  0.50 8.96  ? 123 LEU A CB  1 
ATOM   902  C  CB  B LEU A 1 144 ? 2.520   12.069  -9.684  0.50 8.96  ? 123 LEU A CB  1 
ATOM   903  C  CG  A LEU A 1 144 ? 1.164   12.609  -10.114 0.50 9.36  ? 123 LEU A CG  1 
ATOM   904  C  CG  B LEU A 1 144 ? 1.170   12.607  -9.189  0.50 9.37  ? 123 LEU A CG  1 
ATOM   905  C  CD1 A LEU A 1 144 ? 0.209   12.311  -8.974  0.50 9.68  ? 123 LEU A CD1 1 
ATOM   906  C  CD1 B LEU A 1 144 ? 1.158   14.132  -9.171  0.50 9.63  ? 123 LEU A CD1 1 
ATOM   907  C  CD2 A LEU A 1 144 ? 1.179   14.098  -10.427 0.50 9.78  ? 123 LEU A CD2 1 
ATOM   908  C  CD2 B LEU A 1 144 ? 0.009   12.071  -10.018 0.50 9.43  ? 123 LEU A CD2 1 
ATOM   909  N  N   . LEU A 1 145 ? 1.477   8.645   -10.218 1.00 8.96  ? 124 LEU A N   1 
ATOM   910  C  CA  . LEU A 1 145 ? 0.835   7.745   -11.178 1.00 8.71  ? 124 LEU A CA  1 
ATOM   911  C  C   . LEU A 1 145 ? -0.604  8.191   -11.375 1.00 9.45  ? 124 LEU A C   1 
ATOM   912  O  O   . LEU A 1 145 ? -1.424  8.092   -10.456 1.00 9.21  ? 124 LEU A O   1 
ATOM   913  C  CB  . LEU A 1 145 ? 0.900   6.288   -10.692 1.00 9.20  ? 124 LEU A CB  1 
ATOM   914  C  CG  . LEU A 1 145 ? 0.398   5.221   -11.681 1.00 8.88  ? 124 LEU A CG  1 
ATOM   915  C  CD1 . LEU A 1 145 ? 1.227   5.219   -12.964 1.00 10.49 ? 124 LEU A CD1 1 
ATOM   916  C  CD2 . LEU A 1 145 ? 0.418   3.837   -11.037 1.00 11.08 ? 124 LEU A CD2 1 
ATOM   917  N  N   . THR A 1 146 ? -0.902  8.695   -12.569 1.00 9.79  ? 125 THR A N   1 
ATOM   918  C  CA  . THR A 1 146 ? -2.169  9.398   -12.811 1.00 10.46 ? 125 THR A CA  1 
ATOM   919  C  C   . THR A 1 146 ? -3.329  8.438   -13.080 1.00 10.66 ? 125 THR A C   1 
ATOM   920  O  O   . THR A 1 146 ? -3.120  7.226   -13.216 1.00 10.45 ? 125 THR A O   1 
ATOM   921  C  CB  . THR A 1 146 ? -2.020  10.451  -13.930 1.00 10.63 ? 125 THR A CB  1 
ATOM   922  O  OG1 . THR A 1 146 ? -1.579  9.813   -15.136 1.00 11.58 ? 125 THR A OG1 1 
ATOM   923  C  CG2 . THR A 1 146 ? -0.996  11.509  -13.521 1.00 11.26 ? 125 THR A CG2 1 
ATOM   924  N  N   . ARG A 1 147 ? -4.544  8.988   -13.150 1.00 10.87 ? 126 ARG A N   1 
ATOM   925  C  CA  A ARG A 1 147 ? -5.743  8.159   -13.183 0.50 10.98 ? 126 ARG A CA  1 
ATOM   926  C  CA  B ARG A 1 147 ? -5.766  8.185   -13.206 0.50 11.19 ? 126 ARG A CA  1 
ATOM   927  C  C   . ARG A 1 147 ? -5.752  7.157   -14.340 1.00 10.83 ? 126 ARG A C   1 
ATOM   928  O  O   . ARG A 1 147 ? -5.482  7.499   -15.493 1.00 11.41 ? 126 ARG A O   1 
ATOM   929  C  CB  A ARG A 1 147 ? -7.017  9.014   -13.163 0.50 11.00 ? 126 ARG A CB  1 
ATOM   930  C  CB  B ARG A 1 147 ? -7.006  9.084   -13.330 0.50 11.35 ? 126 ARG A CB  1 
ATOM   931  C  CG  A ARG A 1 147 ? -7.317  9.638   -11.797 0.50 11.74 ? 126 ARG A CG  1 
ATOM   932  C  CG  B ARG A 1 147 ? -7.242  10.034  -12.153 0.50 13.06 ? 126 ARG A CG  1 
ATOM   933  C  CD  A ARG A 1 147 ? -8.689  10.305  -11.780 0.50 12.65 ? 126 ARG A CD  1 
ATOM   934  C  CD  B ARG A 1 147 ? -8.366  11.015  -12.478 0.50 15.02 ? 126 ARG A CD  1 
ATOM   935  N  NE  A ARG A 1 147 ? -9.032  10.841  -10.463 0.50 13.23 ? 126 ARG A NE  1 
ATOM   936  N  NE  B ARG A 1 147 ? -8.599  11.994  -11.417 0.50 17.20 ? 126 ARG A NE  1 
ATOM   937  C  CZ  A ARG A 1 147 ? -10.179 11.452  -10.183 0.50 14.61 ? 126 ARG A CZ  1 
ATOM   938  C  CZ  B ARG A 1 147 ? -8.119  13.234  -11.424 0.50 17.94 ? 126 ARG A CZ  1 
ATOM   939  N  NH1 A ARG A 1 147 ? -11.095 11.611  -11.129 0.50 15.47 ? 126 ARG A NH1 1 
ATOM   940  N  NH1 B ARG A 1 147 ? -7.367  13.650  -12.433 0.50 18.36 ? 126 ARG A NH1 1 
ATOM   941  N  NH2 A ARG A 1 147 ? -10.412 11.910  -8.960  0.50 14.60 ? 126 ARG A NH2 1 
ATOM   942  N  NH2 B ARG A 1 147 ? -8.385  14.062  -10.421 0.50 18.75 ? 126 ARG A NH2 1 
ATOM   943  N  N   . GLY A 1 148 ? -6.038  5.905   -14.004 1.00 10.94 ? 127 GLY A N   1 
ATOM   944  C  CA  . GLY A 1 148 ? -6.213  4.848   -14.998 1.00 10.79 ? 127 GLY A CA  1 
ATOM   945  C  C   . GLY A 1 148 ? -4.969  4.249   -15.629 1.00 10.88 ? 127 GLY A C   1 
ATOM   946  O  O   . GLY A 1 148 ? -5.079  3.348   -16.458 1.00 11.07 ? 127 GLY A O   1 
ATOM   947  N  N   . LYS A 1 149 ? -3.791  4.741   -15.252 1.00 10.85 ? 128 LYS A N   1 
ATOM   948  C  CA  . LYS A 1 149 ? -2.540  4.229   -15.823 1.00 11.42 ? 128 LYS A CA  1 
ATOM   949  C  C   . LYS A 1 149 ? -2.239  2.839   -15.285 1.00 11.14 ? 128 LYS A C   1 
ATOM   950  O  O   . LYS A 1 149 ? -2.544  2.545   -14.128 1.00 11.52 ? 128 LYS A O   1 
ATOM   951  C  CB  . LYS A 1 149 ? -1.369  5.185   -15.558 1.00 11.44 ? 128 LYS A CB  1 
ATOM   952  C  CG  . LYS A 1 149 ? -1.467  6.522   -16.303 1.00 12.91 ? 128 LYS A CG  1 
ATOM   953  C  CD  . LYS A 1 149 ? -1.047  6.369   -17.774 1.00 15.48 ? 128 LYS A CD  1 
ATOM   954  C  CE  . LYS A 1 149 ? -1.160  7.684   -18.543 1.00 17.10 ? 128 LYS A CE  1 
ATOM   955  N  NZ  . LYS A 1 149 ? -2.516  7.919   -19.122 1.00 19.15 ? 128 LYS A NZ  1 
ATOM   956  N  N   . ILE A 1 150 ? -1.657  1.997   -16.139 1.00 11.22 ? 129 ILE A N   1 
ATOM   957  C  CA  A ILE A 1 150 ? -1.360  0.606   -15.797 0.50 11.62 ? 129 ILE A CA  1 
ATOM   958  C  CA  B ILE A 1 150 ? -1.355  0.610   -15.784 0.50 11.39 ? 129 ILE A CA  1 
ATOM   959  C  C   . ILE A 1 150 ? 0.143   0.339   -15.872 1.00 11.56 ? 129 ILE A C   1 
ATOM   960  O  O   . ILE A 1 150 ? 0.736   0.410   -16.956 1.00 12.02 ? 129 ILE A O   1 
ATOM   961  C  CB  A ILE A 1 150 ? -2.086  -0.392  -16.745 0.50 11.66 ? 129 ILE A CB  1 
ATOM   962  C  CB  B ILE A 1 150 ? -2.119  -0.398  -16.687 0.50 11.33 ? 129 ILE A CB  1 
ATOM   963  C  CG1 A ILE A 1 150 ? -3.504  0.080   -17.091 0.50 12.37 ? 129 ILE A CG1 1 
ATOM   964  C  CG1 B ILE A 1 150 ? -3.631  -0.246  -16.518 0.50 11.33 ? 129 ILE A CG1 1 
ATOM   965  C  CG2 A ILE A 1 150 ? -2.094  -1.799  -16.146 0.50 11.99 ? 129 ILE A CG2 1 
ATOM   966  C  CG2 B ILE A 1 150 ? -1.700  -1.838  -16.373 0.50 11.25 ? 129 ILE A CG2 1 
ATOM   967  C  CD1 A ILE A 1 150 ? -4.483  0.006   -15.949 0.50 13.29 ? 129 ILE A CD1 1 
ATOM   968  C  CD1 B ILE A 1 150 ? -4.443  -0.924  -17.614 0.50 11.07 ? 129 ILE A CD1 1 
ATOM   969  N  N   . VAL A 1 151 ? 0.750   0.037   -14.725 1.00 11.37 ? 130 VAL A N   1 
ATOM   970  C  CA  . VAL A 1 151 ? 2.163   -0.353  -14.666 1.00 11.14 ? 130 VAL A CA  1 
ATOM   971  C  C   . VAL A 1 151 ? 2.200   -1.876  -14.818 1.00 10.96 ? 130 VAL A C   1 
ATOM   972  O  O   . VAL A 1 151 ? 1.645   -2.599  -13.995 1.00 10.77 ? 130 VAL A O   1 
ATOM   973  C  CB  . VAL A 1 151 ? 2.832   0.071   -13.334 1.00 11.36 ? 130 VAL A CB  1 
ATOM   974  C  CG1 . VAL A 1 151 ? 4.326   -0.262  -13.340 1.00 11.21 ? 130 VAL A CG1 1 
ATOM   975  C  CG2 . VAL A 1 151 ? 2.618   1.579   -13.059 1.00 11.36 ? 130 VAL A CG2 1 
ATOM   976  N  N   . LYS A 1 152 ? 2.842   -2.362  -15.878 1.00 10.48 ? 131 LYS A N   1 
ATOM   977  C  CA  . LYS A 1 152 ? 2.834   -3.803  -16.154 1.00 10.38 ? 131 LYS A CA  1 
ATOM   978  C  C   . LYS A 1 152 ? 3.909   -4.526  -15.352 1.00 9.98  ? 131 LYS A C   1 
ATOM   979  O  O   . LYS A 1 152 ? 4.892   -3.914  -14.915 1.00 9.89  ? 131 LYS A O   1 
ATOM   980  C  CB  . LYS A 1 152 ? 2.991   -4.080  -17.646 1.00 10.80 ? 131 LYS A CB  1 
ATOM   981  C  CG  . LYS A 1 152 ? 1.808   -3.604  -18.481 1.00 12.35 ? 131 LYS A CG  1 
ATOM   982  C  CD  . LYS A 1 152 ? 2.028   -3.892  -19.956 1.00 16.07 ? 131 LYS A CD  1 
ATOM   983  C  CE  . LYS A 1 152 ? 0.848   -3.412  -20.782 1.00 18.02 ? 131 LYS A CE  1 
ATOM   984  N  NZ  . LYS A 1 152 ? 1.088   -3.557  -22.246 1.00 20.79 ? 131 LYS A NZ  1 
ATOM   985  N  N   . SER A 1 153 ? 3.711   -5.829  -15.157 1.00 9.75  ? 132 SER A N   1 
ATOM   986  C  CA  . SER A 1 153 ? 4.654   -6.660  -14.410 1.00 9.81  ? 132 SER A CA  1 
ATOM   987  C  C   . SER A 1 153 ? 6.076   -6.516  -14.926 1.00 9.69  ? 132 SER A C   1 
ATOM   988  O  O   . SER A 1 153 ? 6.317   -6.562  -16.140 1.00 9.56  ? 132 SER A O   1 
ATOM   989  C  CB  . SER A 1 153 ? 4.231   -8.128  -14.466 1.00 9.65  ? 132 SER A CB  1 
ATOM   990  O  OG  . SER A 1 153 ? 2.961   -8.306  -13.859 1.00 10.28 ? 132 SER A OG  1 
ATOM   991  N  N   . GLY A 1 154 ? 7.008   -6.334  -13.994 1.00 9.21  ? 133 GLY A N   1 
ATOM   992  C  CA  . GLY A 1 154 ? 8.417   -6.210  -14.318 1.00 9.23  ? 133 GLY A CA  1 
ATOM   993  C  C   . GLY A 1 154 ? 8.856   -4.806  -14.693 1.00 9.08  ? 133 GLY A C   1 
ATOM   994  O  O   . GLY A 1 154 ? 10.052  -4.552  -14.808 1.00 9.41  ? 133 GLY A O   1 
ATOM   995  N  N   . GLU A 1 155 ? 7.895   -3.900  -14.884 1.00 8.86  ? 134 GLU A N   1 
ATOM   996  C  CA  . GLU A 1 155 ? 8.221   -2.522  -15.261 1.00 8.76  ? 134 GLU A CA  1 
ATOM   997  C  C   . GLU A 1 155 ? 8.520   -1.626  -14.066 1.00 8.63  ? 134 GLU A C   1 
ATOM   998  O  O   . GLU A 1 155 ? 7.933   -1.778  -12.989 1.00 8.88  ? 134 GLU A O   1 
ATOM   999  C  CB  . GLU A 1 155 ? 7.103   -1.882  -16.085 1.00 8.91  ? 134 GLU A CB  1 
ATOM   1000 C  CG  . GLU A 1 155 ? 6.774   -2.624  -17.368 1.00 8.72  ? 134 GLU A CG  1 
ATOM   1001 C  CD  . GLU A 1 155 ? 5.708   -1.934  -18.217 1.00 10.00 ? 134 GLU A CD  1 
ATOM   1002 O  OE1 . GLU A 1 155 ? 4.957   -1.083  -17.693 1.00 9.99  ? 134 GLU A OE1 1 
ATOM   1003 O  OE2 . GLU A 1 155 ? 5.624   -2.264  -19.420 1.00 10.04 ? 134 GLU A OE2 1 
ATOM   1004 N  N   . LEU A 1 156 ? 9.423   -0.676  -14.302 1.00 8.10  ? 135 LEU A N   1 
ATOM   1005 C  CA  . LEU A 1 156 ? 9.682   0.429   -13.396 1.00 8.52  ? 135 LEU A CA  1 
ATOM   1006 C  C   . LEU A 1 156 ? 9.180   1.714   -14.061 1.00 8.72  ? 135 LEU A C   1 
ATOM   1007 O  O   . LEU A 1 156 ? 9.577   2.043   -15.179 1.00 8.79  ? 135 LEU A O   1 
ATOM   1008 C  CB  . LEU A 1 156 ? 11.181  0.544   -13.075 1.00 8.34  ? 135 LEU A CB  1 
ATOM   1009 C  CG  . LEU A 1 156 ? 11.627  1.800   -12.306 1.00 8.51  ? 135 LEU A CG  1 
ATOM   1010 C  CD1 . LEU A 1 156 ? 10.958  1.917   -10.931 1.00 10.24 ? 135 LEU A CD1 1 
ATOM   1011 C  CD2 . LEU A 1 156 ? 13.150  1.809   -12.172 1.00 9.93  ? 135 LEU A CD2 1 
ATOM   1012 N  N   . TRP A 1 157 ? 8.281   2.410   -13.373 1.00 9.20  ? 136 TRP A N   1 
ATOM   1013 C  CA  . TRP A 1 157 ? 7.810   3.718   -13.822 1.00 9.19  ? 136 TRP A CA  1 
ATOM   1014 C  C   . TRP A 1 157 ? 8.346   4.773   -12.867 1.00 9.49  ? 136 TRP A C   1 
ATOM   1015 O  O   . TRP A 1 157 ? 8.647   4.482   -11.697 1.00 9.64  ? 136 TRP A O   1 
ATOM   1016 C  CB  . TRP A 1 157 ? 6.281   3.758   -13.831 1.00 9.51  ? 136 TRP A CB  1 
ATOM   1017 C  CG  . TRP A 1 157 ? 5.631   3.084   -15.015 1.00 8.92  ? 136 TRP A CG  1 
ATOM   1018 C  CD1 . TRP A 1 157 ? 5.996   1.904   -15.610 1.00 9.32  ? 136 TRP A CD1 1 
ATOM   1019 C  CD2 . TRP A 1 157 ? 4.464   3.539   -15.707 1.00 9.72  ? 136 TRP A CD2 1 
ATOM   1020 N  NE1 . TRP A 1 157 ? 5.135   1.606   -16.639 1.00 9.33  ? 136 TRP A NE1 1 
ATOM   1021 C  CE2 . TRP A 1 157 ? 4.187   2.597   -16.724 1.00 10.72 ? 136 TRP A CE2 1 
ATOM   1022 C  CE3 . TRP A 1 157 ? 3.631   4.661   -15.573 1.00 10.10 ? 136 TRP A CE3 1 
ATOM   1023 C  CZ2 . TRP A 1 157 ? 3.110   2.741   -17.605 1.00 11.09 ? 136 TRP A CZ2 1 
ATOM   1024 C  CZ3 . TRP A 1 157 ? 2.555   4.805   -16.455 1.00 11.54 ? 136 TRP A CZ3 1 
ATOM   1025 C  CH2 . TRP A 1 157 ? 2.309   3.848   -17.457 1.00 10.37 ? 136 TRP A CH2 1 
ATOM   1026 N  N   . ALA A 1 158 ? 8.471   5.997   -13.372 1.00 9.00  ? 137 ALA A N   1 
ATOM   1027 C  CA  . ALA A 1 158 ? 9.017   7.105   -12.592 1.00 8.95  ? 137 ALA A CA  1 
ATOM   1028 C  C   . ALA A 1 158 ? 8.525   8.418   -13.151 1.00 9.14  ? 137 ALA A C   1 
ATOM   1029 O  O   . ALA A 1 158 ? 8.133   8.503   -14.325 1.00 9.47  ? 137 ALA A O   1 
ATOM   1030 C  CB  . ALA A 1 158 ? 10.550  7.074   -12.616 1.00 9.39  ? 137 ALA A CB  1 
ATOM   1031 N  N   . GLY A 1 159 ? 8.563   9.442   -12.305 1.00 9.27  ? 138 GLY A N   1 
ATOM   1032 C  CA  . GLY A 1 159 ? 8.276   10.803  -12.745 1.00 8.87  ? 138 GLY A CA  1 
ATOM   1033 C  C   . GLY A 1 159 ? 6.911   11.319  -12.348 1.00 9.18  ? 138 GLY A C   1 
ATOM   1034 O  O   . GLY A 1 159 ? 6.128   10.628  -11.680 1.00 8.89  ? 138 GLY A O   1 
ATOM   1035 N  N   . ARG A 1 160 ? 6.658   12.562  -12.757 1.00 9.16  ? 139 ARG A N   1 
ATOM   1036 C  CA  A ARG A 1 160 ? 5.394   13.242  -12.495 0.50 9.52  ? 139 ARG A CA  1 
ATOM   1037 C  CA  B ARG A 1 160 ? 5.401   13.250  -12.484 0.50 9.46  ? 139 ARG A CA  1 
ATOM   1038 C  C   . ARG A 1 160 ? 4.986   14.001  -13.757 1.00 9.60  ? 139 ARG A C   1 
ATOM   1039 O  O   . ARG A 1 160 ? 5.558   15.051  -14.068 1.00 10.16 ? 139 ARG A O   1 
ATOM   1040 C  CB  A ARG A 1 160 ? 5.533   14.223  -11.328 0.50 9.32  ? 139 ARG A CB  1 
ATOM   1041 C  CB  B ARG A 1 160 ? 5.575   14.238  -11.318 0.50 9.22  ? 139 ARG A CB  1 
ATOM   1042 C  CG  A ARG A 1 160 ? 6.111   13.626  -10.058 0.50 9.83  ? 139 ARG A CG  1 
ATOM   1043 C  CG  B ARG A 1 160 ? 6.008   13.611  -9.983  0.50 9.45  ? 139 ARG A CG  1 
ATOM   1044 C  CD  A ARG A 1 160 ? 6.519   14.730  -9.115  0.50 10.58 ? 139 ARG A CD  1 
ATOM   1045 C  CD  B ARG A 1 160 ? 7.140   14.425  -9.355  0.50 10.02 ? 139 ARG A CD  1 
ATOM   1046 N  NE  A ARG A 1 160 ? 5.376   15.262  -8.388  0.50 10.75 ? 139 ARG A NE  1 
ATOM   1047 N  NE  B ARG A 1 160 ? 8.250   14.558  -10.294 0.50 9.19  ? 139 ARG A NE  1 
ATOM   1048 C  CZ  A ARG A 1 160 ? 4.898   14.713  -7.279  0.50 10.81 ? 139 ARG A CZ  1 
ATOM   1049 C  CZ  B ARG A 1 160 ? 9.276   13.718  -10.366 0.50 9.50  ? 139 ARG A CZ  1 
ATOM   1050 N  NH1 A ARG A 1 160 ? 5.466   13.624  -6.793  0.50 8.52  ? 139 ARG A NH1 1 
ATOM   1051 N  NH1 B ARG A 1 160 ? 9.347   12.688  -9.540  0.50 6.78  ? 139 ARG A NH1 1 
ATOM   1052 N  NH2 A ARG A 1 160 ? 3.862   15.247  -6.659  0.50 9.81  ? 139 ARG A NH2 1 
ATOM   1053 N  NH2 B ARG A 1 160 ? 10.231  13.909  -11.268 0.50 9.37  ? 139 ARG A NH2 1 
ATOM   1054 N  N   . PRO A 1 161 ? 4.013   13.454  -14.522 1.00 9.81  ? 140 PRO A N   1 
ATOM   1055 C  CA  . PRO A 1 161 ? 3.300   12.181  -14.368 1.00 9.82  ? 140 PRO A CA  1 
ATOM   1056 C  C   . PRO A 1 161 ? 4.242   11.014  -14.598 1.00 9.42  ? 140 PRO A C   1 
ATOM   1057 O  O   . PRO A 1 161 ? 5.157   11.109  -15.434 1.00 9.47  ? 140 PRO A O   1 
ATOM   1058 C  CB  . PRO A 1 161 ? 2.252   12.226  -15.484 1.00 9.76  ? 140 PRO A CB  1 
ATOM   1059 C  CG  . PRO A 1 161 ? 2.846   13.108  -16.513 1.00 11.01 ? 140 PRO A CG  1 
ATOM   1060 C  CD  . PRO A 1 161 ? 3.563   14.171  -15.731 1.00 10.34 ? 140 PRO A CD  1 
ATOM   1061 N  N   . ALA A 1 162 ? 4.044   9.943   -13.835 1.00 9.12  ? 141 ALA A N   1 
ATOM   1062 C  CA  . ALA A 1 162 ? 4.851   8.742   -13.982 1.00 9.08  ? 141 ALA A CA  1 
ATOM   1063 C  C   . ALA A 1 162 ? 4.663   8.146   -15.369 1.00 9.39  ? 141 ALA A C   1 
ATOM   1064 O  O   . ALA A 1 162 ? 3.547   8.130   -15.905 1.00 9.05  ? 141 ALA A O   1 
ATOM   1065 C  CB  . ALA A 1 162 ? 4.487   7.723   -12.917 1.00 9.24  ? 141 ALA A CB  1 
ATOM   1066 N  N   . LYS A 1 163 ? 5.774   7.700   -15.947 1.00 9.12  ? 142 LYS A N   1 
ATOM   1067 C  CA  A LYS A 1 163 ? 5.790   7.024   -17.245 0.50 9.36  ? 142 LYS A CA  1 
ATOM   1068 C  CA  B LYS A 1 163 ? 5.734   6.967   -17.207 0.50 9.50  ? 142 LYS A CA  1 
ATOM   1069 C  C   . LYS A 1 163 ? 6.769   5.856   -17.185 1.00 9.33  ? 142 LYS A C   1 
ATOM   1070 O  O   . LYS A 1 163 ? 7.651   5.823   -16.320 1.00 9.37  ? 142 LYS A O   1 
ATOM   1071 C  CB  A LYS A 1 163 ? 6.206   7.992   -18.363 0.50 9.57  ? 142 LYS A CB  1 
ATOM   1072 C  CB  B LYS A 1 163 ? 5.906   7.895   -18.423 0.50 9.72  ? 142 LYS A CB  1 
ATOM   1073 C  CG  A LYS A 1 163 ? 5.205   9.101   -18.674 0.50 9.88  ? 142 LYS A CG  1 
ATOM   1074 C  CG  B LYS A 1 163 ? 7.252   8.603   -18.542 0.50 11.04 ? 142 LYS A CG  1 
ATOM   1075 C  CD  A LYS A 1 163 ? 5.673   9.947   -19.848 0.50 11.73 ? 142 LYS A CD  1 
ATOM   1076 C  CD  B LYS A 1 163 ? 7.205   9.633   -19.666 0.50 12.82 ? 142 LYS A CD  1 
ATOM   1077 C  CE  A LYS A 1 163 ? 4.539   10.781  -20.430 0.50 13.15 ? 142 LYS A CE  1 
ATOM   1078 C  CE  B LYS A 1 163 ? 8.588   10.123  -20.076 0.50 14.49 ? 142 LYS A CE  1 
ATOM   1079 N  NZ  A LYS A 1 163 ? 4.892   11.322  -21.776 0.50 14.20 ? 142 LYS A NZ  1 
ATOM   1080 N  NZ  B LYS A 1 163 ? 9.295   9.164   -20.971 0.50 15.24 ? 142 LYS A NZ  1 
ATOM   1081 N  N   . PHE A 1 164 ? 6.630   4.910   -18.106 1.00 9.23  ? 143 PHE A N   1 
ATOM   1082 C  CA  . PHE A 1 164 ? 7.573   3.803   -18.179 1.00 9.25  ? 143 PHE A CA  1 
ATOM   1083 C  C   . PHE A 1 164 ? 9.008   4.321   -18.311 1.00 9.07  ? 143 PHE A C   1 
ATOM   1084 O  O   . PHE A 1 164 ? 9.303   5.137   -19.188 1.00 9.34  ? 143 PHE A O   1 
ATOM   1085 C  CB  . PHE A 1 164 ? 7.223   2.888   -19.351 1.00 9.23  ? 143 PHE A CB  1 
ATOM   1086 C  CG  . PHE A 1 164 ? 8.238   1.810   -19.599 1.00 9.58  ? 143 PHE A CG  1 
ATOM   1087 C  CD1 . PHE A 1 164 ? 8.252   0.664   -18.815 1.00 10.15 ? 143 PHE A CD1 1 
ATOM   1088 C  CD2 . PHE A 1 164 ? 9.178   1.942   -20.614 1.00 11.10 ? 143 PHE A CD2 1 
ATOM   1089 C  CE1 . PHE A 1 164 ? 9.189   -0.339  -19.037 1.00 10.48 ? 143 PHE A CE1 1 
ATOM   1090 C  CE2 . PHE A 1 164 ? 10.125  0.939   -20.848 1.00 11.66 ? 143 PHE A CE2 1 
ATOM   1091 C  CZ  . PHE A 1 164 ? 10.122  -0.207  -20.055 1.00 10.77 ? 143 PHE A CZ  1 
ATOM   1092 N  N   . LEU A 1 165 ? 9.885   3.841   -17.428 1.00 8.83  ? 144 LEU A N   1 
ATOM   1093 C  CA  . LEU A 1 165 ? 11.307  4.177   -17.470 1.00 8.58  ? 144 LEU A CA  1 
ATOM   1094 C  C   . LEU A 1 165 ? 12.115  3.045   -18.100 1.00 8.56  ? 144 LEU A C   1 
ATOM   1095 O  O   . LEU A 1 165 ? 12.850  3.261   -19.066 1.00 9.00  ? 144 LEU A O   1 
ATOM   1096 C  CB  . LEU A 1 165 ? 11.838  4.478   -16.066 1.00 8.81  ? 144 LEU A CB  1 
ATOM   1097 C  CG  . LEU A 1 165 ? 13.292  4.963   -15.969 1.00 9.56  ? 144 LEU A CG  1 
ATOM   1098 C  CD1 . LEU A 1 165 ? 13.491  6.336   -16.652 1.00 11.68 ? 144 LEU A CD1 1 
ATOM   1099 C  CD2 . LEU A 1 165 ? 13.722  5.013   -14.515 1.00 10.39 ? 144 LEU A CD2 1 
ATOM   1100 N  N   . ARG A 1 166 ? 11.972  1.846   -17.540 1.00 8.23  ? 145 ARG A N   1 
ATOM   1101 C  CA  . ARG A 1 166 ? 12.716  0.672   -18.001 1.00 7.97  ? 145 ARG A CA  1 
ATOM   1102 C  C   . ARG A 1 166 ? 12.162  -0.562  -17.300 1.00 8.04  ? 145 ARG A C   1 
ATOM   1103 O  O   . ARG A 1 166 ? 11.386  -0.452  -16.354 1.00 8.11  ? 145 ARG A O   1 
ATOM   1104 C  CB  . ARG A 1 166 ? 14.204  0.814   -17.674 1.00 7.56  ? 145 ARG A CB  1 
ATOM   1105 C  CG  . ARG A 1 166 ? 14.497  1.041   -16.185 1.00 7.59  ? 145 ARG A CG  1 
ATOM   1106 C  CD  . ARG A 1 166 ? 15.990  0.997   -15.900 1.00 7.96  ? 145 ARG A CD  1 
ATOM   1107 N  NE  . ARG A 1 166 ? 16.314  1.359   -14.519 1.00 8.28  ? 145 ARG A NE  1 
ATOM   1108 C  CZ  . ARG A 1 166 ? 16.237  0.525   -13.480 1.00 9.92  ? 145 ARG A CZ  1 
ATOM   1109 N  NH1 . ARG A 1 166 ? 15.825  -0.731  -13.655 1.00 9.93  ? 145 ARG A NH1 1 
ATOM   1110 N  NH2 . ARG A 1 166 ? 16.558  0.949   -12.258 1.00 9.06  ? 145 ARG A NH2 1 
ATOM   1111 N  N   . MET A 1 167 ? 12.566  -1.738  -17.767 1.00 8.32  ? 146 MET A N   1 
ATOM   1112 C  CA  . MET A 1 167 ? 12.335  -2.949  -16.990 1.00 8.28  ? 146 MET A CA  1 
ATOM   1113 C  C   . MET A 1 167 ? 13.280  -2.981  -15.783 1.00 9.01  ? 146 MET A C   1 
ATOM   1114 O  O   . MET A 1 167 ? 14.334  -2.339  -15.776 1.00 8.51  ? 146 MET A O   1 
ATOM   1115 C  CB  . MET A 1 167 ? 12.513  -4.204  -17.855 1.00 8.19  ? 146 MET A CB  1 
ATOM   1116 C  CG  . MET A 1 167 ? 11.564  -4.288  -19.051 1.00 8.45  ? 146 MET A CG  1 
ATOM   1117 S  SD  . MET A 1 167 ? 9.810   -4.236  -18.627 1.00 9.46  ? 146 MET A SD  1 
ATOM   1118 C  CE  . MET A 1 167 ? 9.533   -5.881  -17.965 1.00 9.94  ? 146 MET A CE  1 
ATOM   1119 N  N   . MET A 1 168 ? 12.875  -3.727  -14.758 1.00 9.22  ? 147 MET A N   1 
ATOM   1120 C  CA  . MET A 1 168 ? 13.687  -3.921  -13.566 1.00 9.58  ? 147 MET A CA  1 
ATOM   1121 C  C   . MET A 1 168 ? 14.808  -4.933  -13.770 1.00 9.60  ? 147 MET A C   1 
ATOM   1122 O  O   . MET A 1 168 ? 14.679  -5.882  -14.551 1.00 10.01 ? 147 MET A O   1 
ATOM   1123 C  CB  . MET A 1 168 ? 12.808  -4.370  -12.408 1.00 9.68  ? 147 MET A CB  1 
ATOM   1124 C  CG  . MET A 1 168 ? 12.128  -3.228  -11.676 1.00 9.98  ? 147 MET A CG  1 
ATOM   1125 S  SD  . MET A 1 168 ? 11.201  -3.805  -10.244 1.00 13.84 ? 147 MET A SD  1 
ATOM   1126 C  CE  . MET A 1 168 ? 9.706   -4.343  -11.074 1.00 10.47 ? 147 MET A CE  1 
ATOM   1127 N  N   . THR A 1 169 ? 15.903  -4.727  -13.047 1.00 9.54  ? 148 THR A N   1 
ATOM   1128 C  CA  . THR A 1 169 ? 17.019  -5.662  -13.048 1.00 9.47  ? 148 THR A CA  1 
ATOM   1129 C  C   . THR A 1 169 ? 16.649  -6.904  -12.238 1.00 9.57  ? 148 THR A C   1 
ATOM   1130 O  O   . THR A 1 169 ? 15.648  -6.905  -11.512 1.00 9.05  ? 148 THR A O   1 
ATOM   1131 C  CB  . THR A 1 169 ? 18.265  -5.025  -12.408 1.00 9.41  ? 148 THR A CB  1 
ATOM   1132 O  OG1 . THR A 1 169 ? 17.979  -4.735  -11.037 1.00 9.46  ? 148 THR A OG1 1 
ATOM   1133 C  CG2 . THR A 1 169 ? 18.620  -3.725  -13.111 1.00 9.99  ? 148 THR A CG2 1 
ATOM   1134 N  N   . GLU A 1 170 ? 17.472  -7.942  -12.348 1.00 9.43  ? 149 GLU A N   1 
ATOM   1135 C  CA  . GLU A 1 170 ? 17.310  -9.143  -11.529 1.00 9.52  ? 149 GLU A CA  1 
ATOM   1136 C  C   . GLU A 1 170 ? 17.298  -8.782  -10.035 1.00 9.84  ? 149 GLU A C   1 
ATOM   1137 O  O   . GLU A 1 170 ? 16.452  -9.270  -9.284  1.00 9.66  ? 149 GLU A O   1 
ATOM   1138 C  CB  . GLU A 1 170 ? 18.435  -10.140 -11.815 1.00 9.68  ? 149 GLU A CB  1 
ATOM   1139 C  CG  . GLU A 1 170 ? 18.377  -11.399 -10.940 1.00 9.71  ? 149 GLU A CG  1 
ATOM   1140 C  CD  . GLU A 1 170 ? 19.568  -12.316 -11.143 1.00 9.87  ? 149 GLU A CD  1 
ATOM   1141 O  OE1 . GLU A 1 170 ? 19.940  -12.573 -12.308 1.00 11.73 ? 149 GLU A OE1 1 
ATOM   1142 O  OE2 . GLU A 1 170 ? 20.124  -12.797 -10.138 1.00 10.55 ? 149 GLU A OE2 1 
ATOM   1143 N  N   . GLU A 1 171 ? 18.243  -7.940  -9.616  1.00 10.21 ? 150 GLU A N   1 
ATOM   1144 C  CA  . GLU A 1 171 ? 18.340  -7.518  -8.217  1.00 10.88 ? 150 GLU A CA  1 
ATOM   1145 C  C   . GLU A 1 171 ? 17.064  -6.814  -7.739  1.00 10.23 ? 150 GLU A C   1 
ATOM   1146 O  O   . GLU A 1 171 ? 16.571  -7.083  -6.633  1.00 9.67  ? 150 GLU A O   1 
ATOM   1147 C  CB  . GLU A 1 171 ? 19.571  -6.626  -8.009  1.00 11.57 ? 150 GLU A CB  1 
ATOM   1148 C  CG  . GLU A 1 171 ? 19.825  -6.206  -6.564  1.00 16.28 ? 150 GLU A CG  1 
ATOM   1149 C  CD  . GLU A 1 171 ? 20.992  -5.238  -6.407  1.00 21.17 ? 150 GLU A CD  1 
ATOM   1150 O  OE1 . GLU A 1 171 ? 21.732  -4.995  -7.393  1.00 25.61 ? 150 GLU A OE1 1 
ATOM   1151 O  OE2 . GLU A 1 171 ? 21.174  -4.716  -5.285  1.00 23.92 ? 150 GLU A OE2 1 
ATOM   1152 N  N   . GLU A 1 172 ? 16.528  -5.934  -8.581  1.00 9.75  ? 151 GLU A N   1 
ATOM   1153 C  CA  . GLU A 1 172 ? 15.297  -5.204  -8.258  1.00 9.47  ? 151 GLU A CA  1 
ATOM   1154 C  C   . GLU A 1 172 ? 14.083  -6.123  -8.144  1.00 9.54  ? 151 GLU A C   1 
ATOM   1155 O  O   . GLU A 1 172 ? 13.258  -5.954  -7.233  1.00 9.39  ? 151 GLU A O   1 
ATOM   1156 C  CB  . GLU A 1 172 ? 15.046  -4.102  -9.284  1.00 9.72  ? 151 GLU A CB  1 
ATOM   1157 C  CG  . GLU A 1 172 ? 15.958  -2.905  -9.085  1.00 9.71  ? 151 GLU A CG  1 
ATOM   1158 C  CD  . GLU A 1 172 ? 15.961  -1.952  -10.253 1.00 9.57  ? 151 GLU A CD  1 
ATOM   1159 O  OE1 . GLU A 1 172 ? 15.530  -2.342  -11.360 1.00 8.70  ? 151 GLU A OE1 1 
ATOM   1160 O  OE2 . GLU A 1 172 ? 16.404  -0.804  -10.052 1.00 10.04 ? 151 GLU A OE2 1 
ATOM   1161 N  N   . ILE A 1 173 ? 13.979  -7.099  -9.049  1.00 9.03  ? 152 ILE A N   1 
ATOM   1162 C  CA  A ILE A 1 173 ? 12.874  -8.067  -9.019  0.50 9.03  ? 152 ILE A CA  1 
ATOM   1163 C  CA  B ILE A 1 173 ? 12.860  -8.037  -8.999  0.50 9.17  ? 152 ILE A CA  1 
ATOM   1164 C  C   . ILE A 1 173 ? 12.964  -8.918  -7.748  1.00 9.18  ? 152 ILE A C   1 
ATOM   1165 O  O   . ILE A 1 173 ? 11.962  -9.122  -7.040  1.00 8.59  ? 152 ILE A O   1 
ATOM   1166 C  CB  A ILE A 1 173 ? 12.857  -8.976  -10.275 0.50 9.07  ? 152 ILE A CB  1 
ATOM   1167 C  CB  B ILE A 1 173 ? 12.713  -8.833  -10.317 0.50 9.36  ? 152 ILE A CB  1 
ATOM   1168 C  CG1 A ILE A 1 173 ? 12.624  -8.146  -11.539 0.50 9.31  ? 152 ILE A CG1 1 
ATOM   1169 C  CG1 B ILE A 1 173 ? 12.315  -7.868  -11.439 0.50 9.95  ? 152 ILE A CG1 1 
ATOM   1170 C  CG2 A ILE A 1 173 ? 11.756  -10.032 -10.169 0.50 9.06  ? 152 ILE A CG2 1 
ATOM   1171 C  CG2 B ILE A 1 173 ? 11.663  -9.934  -10.185 0.50 9.29  ? 152 ILE A CG2 1 
ATOM   1172 C  CD1 A ILE A 1 173 ? 11.185  -7.716  -11.729 0.50 8.06  ? 152 ILE A CD1 1 
ATOM   1173 C  CD1 B ILE A 1 173 ? 12.232  -8.481  -12.810 0.50 11.35 ? 152 ILE A CD1 1 
ATOM   1174 N  N   . LEU A 1 174 ? 14.166  -9.409  -7.450  1.00 9.01  ? 153 LEU A N   1 
ATOM   1175 C  CA  . LEU A 1 174 ? 14.364  -10.169 -6.212  1.00 9.13  ? 153 LEU A CA  1 
ATOM   1176 C  C   . LEU A 1 174 ? 14.002  -9.344  -4.975  1.00 9.03  ? 153 LEU A C   1 
ATOM   1177 O  O   . LEU A 1 174 ? 13.489  -9.879  -3.984  1.00 9.20  ? 153 LEU A O   1 
ATOM   1178 C  CB  . LEU A 1 174 ? 15.807  -10.664 -6.100  1.00 9.18  ? 153 LEU A CB  1 
ATOM   1179 C  CG  . LEU A 1 174 ? 16.199  -11.768 -7.084  1.00 8.51  ? 153 LEU A CG  1 
ATOM   1180 C  CD1 . LEU A 1 174 ? 17.712  -11.980 -7.043  1.00 8.69  ? 153 LEU A CD1 1 
ATOM   1181 C  CD2 . LEU A 1 174 ? 15.469  -13.076 -6.758  1.00 9.24  ? 153 LEU A CD2 1 
ATOM   1182 N  N   . TYR A 1 175 ? 14.293  -8.050  -5.028  1.00 9.20  ? 154 TYR A N   1 
ATOM   1183 C  CA  . TYR A 1 175 ? 14.053  -7.176  -3.879  1.00 9.26  ? 154 TYR A CA  1 
ATOM   1184 C  C   . TYR A 1 175 ? 12.573  -6.997  -3.551  1.00 9.47  ? 154 TYR A C   1 
ATOM   1185 O  O   . TYR A 1 175 ? 12.227  -6.625  -2.435  1.00 9.72  ? 154 TYR A O   1 
ATOM   1186 C  CB  . TYR A 1 175 ? 14.725  -5.810  -4.052  1.00 9.22  ? 154 TYR A CB  1 
ATOM   1187 C  CG  . TYR A 1 175 ? 14.718  -4.983  -2.771  1.00 10.20 ? 154 TYR A CG  1 
ATOM   1188 C  CD1 . TYR A 1 175 ? 15.475  -5.365  -1.666  1.00 10.94 ? 154 TYR A CD1 1 
ATOM   1189 C  CD2 . TYR A 1 175 ? 13.938  -3.828  -2.671  1.00 11.46 ? 154 TYR A CD2 1 
ATOM   1190 C  CE1 . TYR A 1 175 ? 15.455  -4.613  -0.475  1.00 11.25 ? 154 TYR A CE1 1 
ATOM   1191 C  CE2 . TYR A 1 175 ? 13.917  -3.073  -1.499  1.00 12.11 ? 154 TYR A CE2 1 
ATOM   1192 C  CZ  . TYR A 1 175 ? 14.674  -3.469  -0.409  1.00 11.74 ? 154 TYR A CZ  1 
ATOM   1193 O  OH  . TYR A 1 175 ? 14.648  -2.707  0.739   1.00 11.82 ? 154 TYR A OH  1 
ATOM   1194 N  N   . LEU A 1 176 ? 11.693  -7.241  -4.518  1.00 9.43  ? 155 LEU A N   1 
ATOM   1195 C  CA  . LEU A 1 176 ? 10.261  -7.072  -4.252  1.00 9.67  ? 155 LEU A CA  1 
ATOM   1196 C  C   . LEU A 1 176 ? 9.820   -7.984  -3.106  1.00 10.21 ? 155 LEU A C   1 
ATOM   1197 O  O   . LEU A 1 176 ? 9.205   -7.523  -2.134  1.00 11.17 ? 155 LEU A O   1 
ATOM   1198 C  CB  . LEU A 1 176 ? 9.436   -7.337  -5.510  1.00 9.43  ? 155 LEU A CB  1 
ATOM   1199 C  CG  . LEU A 1 176 ? 9.807   -6.515  -6.748  1.00 9.38  ? 155 LEU A CG  1 
ATOM   1200 C  CD1 . LEU A 1 176 ? 9.069   -7.052  -7.975  1.00 9.37  ? 155 LEU A CD1 1 
ATOM   1201 C  CD2 . LEU A 1 176 ? 9.528   -5.016  -6.557  1.00 10.45 ? 155 LEU A CD2 1 
ATOM   1202 N  N   . GLN A 1 177 ? 10.163  -9.269  -3.197  1.00 10.14 ? 156 GLN A N   1 
ATOM   1203 C  CA  . GLN A 1 177 ? 9.815   -10.197 -2.119  1.00 10.10 ? 156 GLN A CA  1 
ATOM   1204 C  C   . GLN A 1 177 ? 10.671  -9.968  -0.879  1.00 9.98  ? 156 GLN A C   1 
ATOM   1205 O  O   . GLN A 1 177 ? 10.170  -10.057 0.241   1.00 9.58  ? 156 GLN A O   1 
ATOM   1206 C  CB  . GLN A 1 177 ? 9.894   -11.663 -2.573  1.00 10.87 ? 156 GLN A CB  1 
ATOM   1207 C  CG  . GLN A 1 177 ? 9.448   -12.698 -1.520  1.00 12.01 ? 156 GLN A CG  1 
ATOM   1208 C  CD  . GLN A 1 177 ? 7.965   -12.615 -1.119  1.00 15.36 ? 156 GLN A CD  1 
ATOM   1209 O  OE1 . GLN A 1 177 ? 7.131   -12.077 -1.851  1.00 16.28 ? 156 GLN A OE1 1 
ATOM   1210 N  NE2 . GLN A 1 177 ? 7.637   -13.178 0.046   1.00 13.32 ? 156 GLN A NE2 1 
ATOM   1211 N  N   . LYS A 1 178 ? 11.956  -9.670  -1.078  1.00 9.50  ? 157 LYS A N   1 
ATOM   1212 C  CA  . LYS A 1 178 ? 12.860  -9.434  0.051   1.00 9.37  ? 157 LYS A CA  1 
ATOM   1213 C  C   . LYS A 1 178 ? 12.419  -8.255  0.922   1.00 8.56  ? 157 LYS A C   1 
ATOM   1214 O  O   . LYS A 1 178 ? 12.416  -8.359  2.148   1.00 8.35  ? 157 LYS A O   1 
ATOM   1215 C  CB  . LYS A 1 178 ? 14.304  -9.250  -0.423  1.00 10.37 ? 157 LYS A CB  1 
ATOM   1216 C  CG  . LYS A 1 178 ? 15.344  -9.270  0.692   1.00 13.07 ? 157 LYS A CG  1 
ATOM   1217 C  CD  . LYS A 1 178 ? 15.325  -10.577 1.476   1.00 17.82 ? 157 LYS A CD  1 
ATOM   1218 C  CE  . LYS A 1 178 ? 16.354  -10.554 2.592   1.00 20.47 ? 157 LYS A CE  1 
ATOM   1219 N  NZ  . LYS A 1 178 ? 15.786  -11.107 3.848   1.00 21.48 ? 157 LYS A NZ  1 
ATOM   1220 N  N   . SER A 1 179 ? 12.037  -7.149  0.288   1.00 7.64  ? 158 SER A N   1 
ATOM   1221 C  CA  . SER A 1 179 ? 11.519  -5.990  1.023   1.00 7.18  ? 158 SER A CA  1 
ATOM   1222 C  C   . SER A 1 179 ? 10.361  -6.378  1.932   1.00 7.11  ? 158 SER A C   1 
ATOM   1223 O  O   . SER A 1 179 ? 10.334  -5.998  3.107   1.00 7.23  ? 158 SER A O   1 
ATOM   1224 C  CB  . SER A 1 179 ? 11.058  -4.902  0.048   1.00 6.85  ? 158 SER A CB  1 
ATOM   1225 O  OG  . SER A 1 179 ? 10.524  -3.793  0.747   1.00 5.65  ? 158 SER A OG  1 
ATOM   1226 N  N   . ALA A 1 180 ? 9.411   -7.140  1.389   1.00 7.26  ? 159 ALA A N   1 
ATOM   1227 C  CA  . ALA A 1 180 ? 8.233   -7.546  2.158   1.00 7.35  ? 159 ALA A CA  1 
ATOM   1228 C  C   . ALA A 1 180 ? 8.637   -8.442  3.338   1.00 7.25  ? 159 ALA A C   1 
ATOM   1229 O  O   . ALA A 1 180 ? 8.177   -8.239  4.459   1.00 6.99  ? 159 ALA A O   1 
ATOM   1230 C  CB  . ALA A 1 180 ? 7.211   -8.247  1.256   1.00 7.27  ? 159 ALA A CB  1 
ATOM   1231 N  N   . GLU A 1 181 ? 9.508   -9.419  3.085   1.00 7.17  ? 160 GLU A N   1 
ATOM   1232 C  CA  . GLU A 1 181 ? 9.976   -10.304 4.153   1.00 7.60  ? 160 GLU A CA  1 
ATOM   1233 C  C   . GLU A 1 181 ? 10.752  -9.547  5.241   1.00 6.83  ? 160 GLU A C   1 
ATOM   1234 O  O   . GLU A 1 181 ? 10.582  -9.804  6.441   1.00 6.60  ? 160 GLU A O   1 
ATOM   1235 C  CB  . GLU A 1 181 ? 10.802  -11.454 3.565   1.00 8.38  ? 160 GLU A CB  1 
ATOM   1236 C  CG  . GLU A 1 181 ? 9.963   -12.451 2.748   1.00 11.80 ? 160 GLU A CG  1 
ATOM   1237 C  CD  . GLU A 1 181 ? 8.882   -13.176 3.560   1.00 17.01 ? 160 GLU A CD  1 
ATOM   1238 O  OE1 . GLU A 1 181 ? 9.016   -13.324 4.800   1.00 19.32 ? 160 GLU A OE1 1 
ATOM   1239 O  OE2 . GLU A 1 181 ? 7.883   -13.614 2.942   1.00 20.21 ? 160 GLU A OE2 1 
ATOM   1240 N  N   . ASN A 1 182 ? 11.572  -8.588  4.818   1.00 6.06  ? 161 ASN A N   1 
ATOM   1241 C  CA  . ASN A 1 182 ? 12.308  -7.748  5.759   1.00 6.18  ? 161 ASN A CA  1 
ATOM   1242 C  C   . ASN A 1 182 ? 11.359  -7.016  6.692   1.00 6.26  ? 161 ASN A C   1 
ATOM   1243 O  O   . ASN A 1 182 ? 11.603  -6.947  7.900   1.00 6.27  ? 161 ASN A O   1 
ATOM   1244 C  CB  . ASN A 1 182 ? 13.180  -6.726  5.022   1.00 5.99  ? 161 ASN A CB  1 
ATOM   1245 C  CG  . ASN A 1 182 ? 14.378  -7.347  4.329   1.00 6.69  ? 161 ASN A CG  1 
ATOM   1246 O  OD1 . ASN A 1 182 ? 14.699  -8.526  4.515   1.00 7.22  ? 161 ASN A OD1 1 
ATOM   1247 N  ND2 . ASN A 1 182 ? 15.056  -6.541  3.512   1.00 8.69  ? 161 ASN A ND2 1 
ATOM   1248 N  N   . TYR A 1 183 ? 10.272  -6.483  6.127   1.00 6.60  ? 162 TYR A N   1 
ATOM   1249 C  CA  . TYR A 1 183 ? 9.315   -5.711  6.914   1.00 6.47  ? 162 TYR A CA  1 
ATOM   1250 C  C   . TYR A 1 183 ? 8.503   -6.569  7.873   1.00 7.03  ? 162 TYR A C   1 
ATOM   1251 O  O   . TYR A 1 183 ? 8.181   -6.125  8.987   1.00 7.49  ? 162 TYR A O   1 
ATOM   1252 C  CB  . TYR A 1 183 ? 8.425   -4.825  6.019   1.00 6.71  ? 162 TYR A CB  1 
ATOM   1253 C  CG  . TYR A 1 183 ? 8.863   -3.388  6.112   1.00 6.33  ? 162 TYR A CG  1 
ATOM   1254 C  CD1 . TYR A 1 183 ? 8.350   -2.558  7.110   1.00 6.96  ? 162 TYR A CD1 1 
ATOM   1255 C  CD2 . TYR A 1 183 ? 9.848   -2.879  5.266   1.00 6.43  ? 162 TYR A CD2 1 
ATOM   1256 C  CE1 . TYR A 1 183 ? 8.789   -1.241  7.241   1.00 6.61  ? 162 TYR A CE1 1 
ATOM   1257 C  CE2 . TYR A 1 183 ? 10.295  -1.567  5.396   1.00 7.38  ? 162 TYR A CE2 1 
ATOM   1258 C  CZ  . TYR A 1 183 ? 9.751   -0.760  6.383   1.00 7.87  ? 162 TYR A CZ  1 
ATOM   1259 O  OH  . TYR A 1 183 ? 10.178  0.533   6.516   1.00 7.97  ? 162 TYR A OH  1 
ATOM   1260 N  N   . ILE A 1 184 ? 8.190   -7.796  7.463   1.00 6.25  ? 163 ILE A N   1 
ATOM   1261 C  CA  . ILE A 1 184 ? 7.538   -8.730  8.387   1.00 6.24  ? 163 ILE A CA  1 
ATOM   1262 C  C   . ILE A 1 184 ? 8.461   -8.943  9.586   1.00 6.06  ? 163 ILE A C   1 
ATOM   1263 O  O   . ILE A 1 184 ? 8.026   -8.814  10.736  1.00 6.82  ? 163 ILE A O   1 
ATOM   1264 C  CB  . ILE A 1 184 ? 7.172   -10.078 7.717   1.00 5.77  ? 163 ILE A CB  1 
ATOM   1265 C  CG1 . ILE A 1 184 ? 6.156   -9.855  6.585   1.00 5.92  ? 163 ILE A CG1 1 
ATOM   1266 C  CG2 . ILE A 1 184 ? 6.608   -11.067 8.766   1.00 6.71  ? 163 ILE A CG2 1 
ATOM   1267 C  CD1 . ILE A 1 184 ? 5.951   -11.080 5.661   1.00 8.19  ? 163 ILE A CD1 1 
ATOM   1268 N  N   . ALA A 1 185 ? 9.733   -9.229  9.313   1.00 6.01  ? 164 ALA A N   1 
ATOM   1269 C  CA  . ALA A 1 185 ? 10.708  -9.470  10.383  1.00 6.35  ? 164 ALA A CA  1 
ATOM   1270 C  C   . ALA A 1 185 ? 10.884  -8.242  11.272  1.00 6.58  ? 164 ALA A C   1 
ATOM   1271 O  O   . ALA A 1 185 ? 10.892  -8.356  12.508  1.00 6.96  ? 164 ALA A O   1 
ATOM   1272 C  CB  . ALA A 1 185 ? 12.044  -9.912  9.801   1.00 6.31  ? 164 ALA A CB  1 
ATOM   1273 N  N   . LEU A 1 186 ? 11.005  -7.076  10.638  1.00 6.55  ? 165 LEU A N   1 
ATOM   1274 C  CA  . LEU A 1 186 ? 11.150  -5.799  11.349  1.00 6.94  ? 165 LEU A CA  1 
ATOM   1275 C  C   . LEU A 1 186 ? 9.979   -5.559  12.299  1.00 7.24  ? 165 LEU A C   1 
ATOM   1276 O  O   . LEU A 1 186 ? 10.176  -5.198  13.470  1.00 7.16  ? 165 LEU A O   1 
ATOM   1277 C  CB  . LEU A 1 186 ? 11.263  -4.641  10.342  1.00 6.56  ? 165 LEU A CB  1 
ATOM   1278 C  CG  . LEU A 1 186 ? 11.557  -3.242  10.905  1.00 7.50  ? 165 LEU A CG  1 
ATOM   1279 C  CD1 . LEU A 1 186 ? 12.910  -3.200  11.622  1.00 6.91  ? 165 LEU A CD1 1 
ATOM   1280 C  CD2 . LEU A 1 186 ? 11.527  -2.204  9.800   1.00 7.87  ? 165 LEU A CD2 1 
ATOM   1281 N  N   . SER A 1 187 ? 8.763   -5.778  11.800  1.00 6.86  ? 166 SER A N   1 
ATOM   1282 C  CA  . SER A 1 187 ? 7.558   -5.537  12.599  1.00 6.94  ? 166 SER A CA  1 
ATOM   1283 C  C   . SER A 1 187 ? 7.422   -6.483  13.798  1.00 7.57  ? 166 SER A C   1 
ATOM   1284 O  O   . SER A 1 187 ? 6.766   -6.135  14.781  1.00 7.26  ? 166 SER A O   1 
ATOM   1285 C  CB  . SER A 1 187 ? 6.305   -5.586  11.720  1.00 6.92  ? 166 SER A CB  1 
ATOM   1286 O  OG  . SER A 1 187 ? 6.003   -6.911  11.312  1.00 8.49  ? 166 SER A OG  1 
ATOM   1287 N  N   . ARG A 1 188 ? 8.050   -7.664  13.723  1.00 8.40  ? 167 ARG A N   1 
ATOM   1288 C  CA  A ARG A 1 188 ? 7.949   -8.614  14.823  0.50 9.29  ? 167 ARG A CA  1 
ATOM   1289 C  CA  B ARG A 1 188 ? 8.020   -8.665  14.803  0.50 9.04  ? 167 ARG A CA  1 
ATOM   1290 C  C   . ARG A 1 188 ? 8.765   -8.183  16.043  1.00 10.03 ? 167 ARG A C   1 
ATOM   1291 O  O   . ARG A 1 188 ? 8.555   -8.696  17.139  1.00 10.64 ? 167 ARG A O   1 
ATOM   1292 C  CB  A ARG A 1 188 ? 8.286   -10.031 14.357  0.50 9.20  ? 167 ARG A CB  1 
ATOM   1293 C  CB  B ARG A 1 188 ? 8.656   -9.992  14.363  0.50 8.78  ? 167 ARG A CB  1 
ATOM   1294 C  CG  A ARG A 1 188 ? 7.089   -10.687 13.700  0.50 9.46  ? 167 ARG A CG  1 
ATOM   1295 C  CG  B ARG A 1 188 ? 7.974   -10.735 13.230  0.50 7.79  ? 167 ARG A CG  1 
ATOM   1296 C  CD  A ARG A 1 188 ? 7.460   -11.838 12.808  0.50 9.38  ? 167 ARG A CD  1 
ATOM   1297 C  CD  B ARG A 1 188 ? 6.466   -10.808 13.394  0.50 6.81  ? 167 ARG A CD  1 
ATOM   1298 N  NE  A ARG A 1 188 ? 6.282   -12.346 12.117  0.50 9.50  ? 167 ARG A NE  1 
ATOM   1299 N  NE  B ARG A 1 188 ? 5.788   -9.740  12.666  0.50 5.90  ? 167 ARG A NE  1 
ATOM   1300 C  CZ  A ARG A 1 188 ? 6.267   -13.464 11.407  0.50 10.19 ? 167 ARG A CZ  1 
ATOM   1301 C  CZ  B ARG A 1 188 ? 4.481   -9.716  12.430  0.50 5.89  ? 167 ARG A CZ  1 
ATOM   1302 N  NH1 A ARG A 1 188 ? 7.372   -14.186 11.299  0.50 9.51  ? 167 ARG A NH1 1 
ATOM   1303 N  NH1 B ARG A 1 188 ? 3.718   -10.705 12.875  0.50 5.53  ? 167 ARG A NH1 1 
ATOM   1304 N  NH2 A ARG A 1 188 ? 5.154   -13.860 10.807  0.50 10.00 ? 167 ARG A NH2 1 
ATOM   1305 N  NH2 B ARG A 1 188 ? 3.937   -8.706  11.753  0.50 5.42  ? 167 ARG A NH2 1 
ATOM   1306 N  N   . GLY A 1 189 ? 9.664   -7.218  15.853  1.00 10.99 ? 168 GLY A N   1 
ATOM   1307 C  CA  . GLY A 1 189 ? 10.472  -6.692  16.951  1.00 12.61 ? 168 GLY A CA  1 
ATOM   1308 C  C   . GLY A 1 189 ? 9.759   -5.617  17.748  1.00 13.80 ? 168 GLY A C   1 
ATOM   1309 O  O   . GLY A 1 189 ? 10.294  -5.121  18.747  1.00 14.83 ? 168 GLY A O   1 
ATOM   1310 N  N   . TYR A 1 190 ? 8.559   -5.255  17.298  1.00 14.49 ? 169 TYR A N   1 
ATOM   1311 C  CA  . TYR A 1 190 ? 7.701   -4.322  18.006  1.00 15.70 ? 169 TYR A CA  1 
ATOM   1312 C  C   . TYR A 1 190 ? 6.736   -5.100  18.908  1.00 17.32 ? 169 TYR A C   1 
ATOM   1313 O  O   . TYR A 1 190 ? 6.828   -4.991  20.131  1.00 18.66 ? 169 TYR A O   1 
ATOM   1314 C  CB  . TYR A 1 190 ? 6.947   -3.413  17.026  1.00 14.99 ? 169 TYR A CB  1 
ATOM   1315 C  CG  . TYR A 1 190 ? 7.819   -2.359  16.360  1.00 11.98 ? 169 TYR A CG  1 
ATOM   1316 C  CD1 . TYR A 1 190 ? 8.669   -2.688  15.306  1.00 10.27 ? 169 TYR A CD1 1 
ATOM   1317 C  CD2 . TYR A 1 190 ? 7.793   -1.027  16.794  1.00 10.71 ? 169 TYR A CD2 1 
ATOM   1318 C  CE1 . TYR A 1 190 ? 9.477   -1.729  14.701  1.00 9.14  ? 169 TYR A CE1 1 
ATOM   1319 C  CE2 . TYR A 1 190 ? 8.596   -0.062  16.194  1.00 9.50  ? 169 TYR A CE2 1 
ATOM   1320 C  CZ  . TYR A 1 190 ? 9.431   -0.420  15.151  1.00 9.05  ? 169 TYR A CZ  1 
ATOM   1321 O  OH  . TYR A 1 190 ? 10.229  0.525   14.550  1.00 8.72  ? 169 TYR A OH  1 
ATOM   1322 N  N   . LEU A 1 191 ? 5.860   -5.898  18.282  1.00 18.68 ? 170 LEU A N   1 
ATOM   1323 C  CA  . LEU A 1 191 ? 4.732   -6.606  18.923  1.00 20.03 ? 170 LEU A CA  1 
ATOM   1324 C  C   . LEU A 1 191 ? 5.056   -7.236  20.274  1.00 20.36 ? 170 LEU A C   1 
ATOM   1325 O  O   . LEU A 1 191 ? 5.639   -8.320  20.337  1.00 20.99 ? 170 LEU A O   1 
ATOM   1326 C  CB  . LEU A 1 191 ? 4.180   -7.695  17.981  1.00 20.29 ? 170 LEU A CB  1 
ATOM   1327 C  CG  . LEU A 1 191 ? 3.543   -7.307  16.640  1.00 21.17 ? 170 LEU A CG  1 
ATOM   1328 C  CD1 . LEU A 1 191 ? 3.588   -8.482  15.669  1.00 22.21 ? 170 LEU A CD1 1 
ATOM   1329 C  CD2 . LEU A 1 191 ? 2.111   -6.824  16.844  1.00 21.71 ? 170 LEU A CD2 1 
ATOM   1330 O  OXT . LEU A 1 191 ? 4.722   -6.695  21.327  1.00 21.11 ? 170 LEU A OXT 1 
HETATM 1331 MG MG  . MG  B 2 .   ? -9.631  11.115  -0.709  1.00 18.33 ? 171 MG  A MG  1 
HETATM 1332 O  O   . HOH C 3 .   ? -0.468  -12.144 -9.076  1.00 34.02 ? 172 HOH A O   1 
HETATM 1333 O  O   . HOH C 3 .   ? -9.319  -1.188  -6.774  1.00 35.23 ? 173 HOH A O   1 
HETATM 1334 O  O   . HOH C 3 .   ? -3.658  -5.187  -15.677 1.00 33.60 ? 174 HOH A O   1 
HETATM 1335 O  O   . HOH C 3 .   ? -0.973  -6.596  -19.191 1.00 41.67 ? 175 HOH A O   1 
HETATM 1336 O  O   . HOH C 3 .   ? -1.840  -8.850  -17.282 1.00 33.25 ? 176 HOH A O   1 
HETATM 1337 O  O   . HOH C 3 .   ? 5.950   -6.528  4.585   1.00 8.09  ? 177 HOH A O   1 
HETATM 1338 O  O   . HOH C 3 .   ? -18.231 -3.746  14.945  1.00 39.03 ? 178 HOH A O   1 
HETATM 1339 O  O   . HOH C 3 .   ? -12.390 -6.764  -3.466  1.00 46.67 ? 179 HOH A O   1 
HETATM 1340 O  O   . HOH C 3 .   ? 20.774  -9.948  -7.947  1.00 35.75 ? 180 HOH A O   1 
HETATM 1341 O  O   . HOH C 3 .   ? -6.729  -8.350  15.587  1.00 36.96 ? 181 HOH A O   1 
HETATM 1342 O  O   . HOH C 3 .   ? -0.843  -16.415 15.734  1.00 31.26 ? 182 HOH A O   1 
HETATM 1343 O  O   . HOH C 3 .   ? -1.233  -16.880 11.164  1.00 32.98 ? 183 HOH A O   1 
HETATM 1344 O  O   . HOH C 3 .   ? -14.847 -6.055  12.108  1.00 31.50 ? 184 HOH A O   1 
HETATM 1345 O  O   . HOH C 3 .   ? -13.412 -6.445  2.060   1.00 36.14 ? 185 HOH A O   1 
HETATM 1346 O  O   . HOH C 3 .   ? -12.961 5.276   1.286   1.00 21.17 ? 186 HOH A O   1 
HETATM 1347 O  O   . HOH C 3 .   ? -10.868 2.862   -0.603  1.00 26.98 ? 187 HOH A O   1 
HETATM 1348 O  O   . HOH C 3 .   ? -12.489 7.917   -10.809 1.00 38.10 ? 188 HOH A O   1 
HETATM 1349 O  O   . HOH C 3 .   ? -9.138  10.586  -15.775 1.00 45.37 ? 189 HOH A O   1 
HETATM 1350 O  O   . HOH C 3 .   ? -12.655 4.815   -9.041  1.00 26.20 ? 190 HOH A O   1 
HETATM 1351 O  O   . HOH C 3 .   ? 7.352   -5.696  -1.617  1.00 9.05  ? 191 HOH A O   1 
HETATM 1352 O  O   . HOH C 3 .   ? -7.103  -14.540 16.111  1.00 32.02 ? 192 HOH A O   1 
HETATM 1353 O  O   . HOH C 3 .   ? 2.450   -17.317 3.017   1.00 39.49 ? 193 HOH A O   1 
HETATM 1354 O  O   . HOH C 3 .   ? -1.599  -1.017  -20.634 1.00 34.23 ? 194 HOH A O   1 
HETATM 1355 O  O   . HOH C 3 .   ? 13.028  5.545   -20.508 1.00 27.89 ? 195 HOH A O   1 
HETATM 1356 O  O   . HOH C 3 .   ? -4.710  -15.705 -0.381  1.00 42.69 ? 196 HOH A O   1 
HETATM 1357 O  O   . HOH C 3 .   ? -10.931 12.581  -0.498  1.00 16.96 ? 197 HOH A O   1 
HETATM 1358 O  O   . HOH C 3 .   ? -11.805 7.905   -5.021  1.00 33.95 ? 198 HOH A O   1 
HETATM 1359 O  O   . HOH C 3 .   ? -11.330 10.245  -5.400  1.00 33.95 ? 199 HOH A O   1 
HETATM 1360 O  O   . HOH C 3 .   ? -10.822 12.804  -5.564  1.00 47.39 ? 200 HOH A O   1 
HETATM 1361 O  O   . HOH C 3 .   ? 4.900   -6.529  7.160   1.00 8.90  ? 201 HOH A O   1 
HETATM 1362 O  O   . HOH C 3 .   ? 12.825  -3.443  -6.201  1.00 13.51 ? 202 HOH A O   1 
HETATM 1363 O  O   . HOH C 3 .   ? 6.675   13.026  5.289   1.00 7.99  ? 203 HOH A O   1 
HETATM 1364 O  O   . HOH C 3 .   ? -7.668  10.336  -7.555  1.00 8.08  ? 204 HOH A O   1 
HETATM 1365 O  O   . HOH C 3 .   ? -2.618  8.050   11.925  1.00 12.60 ? 205 HOH A O   1 
HETATM 1366 O  O   . HOH C 3 .   ? -3.949  -11.851 1.450   1.00 9.94  ? 206 HOH A O   1 
HETATM 1367 O  O   . HOH C 3 .   ? -8.260  9.865   16.398  1.00 12.62 ? 207 HOH A O   1 
HETATM 1368 O  O   . HOH C 3 .   ? 4.515   5.023   -20.099 1.00 14.36 ? 208 HOH A O   1 
HETATM 1369 O  O   . HOH C 3 .   ? 11.222  -3.600  20.696  1.00 8.38  ? 209 HOH A O   1 
HETATM 1370 O  O   . HOH C 3 .   ? 14.231  -2.196  -20.269 1.00 9.85  ? 210 HOH A O   1 
HETATM 1371 O  O   . HOH C 3 .   ? 1.099   8.580   -14.747 1.00 10.80 ? 211 HOH A O   1 
HETATM 1372 O  O   . HOH C 3 .   ? 8.225   -8.962  -11.697 1.00 13.62 ? 212 HOH A O   1 
HETATM 1373 O  O   . HOH C 3 .   ? -1.674  -9.896  -7.791  1.00 15.35 ? 213 HOH A O   1 
HETATM 1374 O  O   . HOH C 3 .   ? 13.899  -3.638  3.814   1.00 21.97 ? 214 HOH A O   1 
HETATM 1375 O  O   . HOH C 3 .   ? -4.542  -12.894 5.507   1.00 15.07 ? 215 HOH A O   1 
HETATM 1376 O  O   . HOH C 3 .   ? 10.214  -12.504 7.232   1.00 18.88 ? 216 HOH A O   1 
HETATM 1377 O  O   . HOH C 3 .   ? -21.482 10.346  6.978   1.00 9.58  ? 217 HOH A O   1 
HETATM 1378 O  O   . HOH C 3 .   ? 9.164   -15.064 13.234  1.00 13.07 ? 218 HOH A O   1 
HETATM 1379 O  O   . HOH C 3 .   ? 20.797  -7.263  -11.091 1.00 14.14 ? 219 HOH A O   1 
HETATM 1380 O  O   . HOH C 3 .   ? 19.819  -3.216  -9.739  1.00 17.39 ? 220 HOH A O   1 
HETATM 1381 O  O   . HOH C 3 .   ? -3.796  9.380   -16.576 1.00 13.60 ? 221 HOH A O   1 
HETATM 1382 O  O   . HOH C 3 .   ? 8.802   13.761  -14.281 1.00 19.24 ? 222 HOH A O   1 
HETATM 1383 O  O   . HOH C 3 .   ? -3.658  -10.914 -3.816  1.00 16.18 ? 223 HOH A O   1 
HETATM 1384 O  O   . HOH C 3 .   ? -17.737 -4.355  11.429  1.00 16.05 ? 224 HOH A O   1 
HETATM 1385 O  O   . HOH C 3 .   ? 5.121   1.799   19.294  1.00 19.44 ? 225 HOH A O   1 
HETATM 1386 O  O   . HOH C 3 .   ? 12.047  -2.237  2.082   1.00 19.14 ? 226 HOH A O   1 
HETATM 1387 O  O   . HOH C 3 .   ? 3.227   -13.845 5.520   1.00 16.89 ? 227 HOH A O   1 
HETATM 1388 O  O   . HOH C 3 .   ? -16.745 7.270   14.066  1.00 20.82 ? 228 HOH A O   1 
HETATM 1389 O  O   . HOH C 3 .   ? 2.654   10.386  12.765  1.00 16.08 ? 229 HOH A O   1 
HETATM 1390 O  O   . HOH C 3 .   ? -1.019  -8.753  -12.174 1.00 17.29 ? 230 HOH A O   1 
HETATM 1391 O  O   . HOH C 3 .   ? 6.669   -10.429 17.833  1.00 14.27 ? 231 HOH A O   1 
HETATM 1392 O  O   . HOH C 3 .   ? 8.313   6.295   -21.384 1.00 19.64 ? 232 HOH A O   1 
HETATM 1393 O  O   . HOH C 3 .   ? 13.405  5.179   -6.501  1.00 18.15 ? 233 HOH A O   1 
HETATM 1394 O  O   . HOH C 3 .   ? 9.878   9.777   -9.727  1.00 14.83 ? 234 HOH A O   1 
HETATM 1395 O  O   . HOH C 3 .   ? 13.050  8.799   -7.853  1.00 20.65 ? 235 HOH A O   1 
HETATM 1396 O  O   . HOH C 3 .   ? 21.748  -14.552 -12.601 1.00 17.72 ? 236 HOH A O   1 
HETATM 1397 O  O   . HOH C 3 .   ? -1.435  2.807   -18.961 1.00 15.38 ? 237 HOH A O   1 
HETATM 1398 O  O   . HOH C 3 .   ? 14.005  2.078   -21.232 1.00 16.72 ? 238 HOH A O   1 
HETATM 1399 O  O   . HOH C 3 .   ? -2.365  7.602   19.322  1.00 25.24 ? 239 HOH A O   1 
HETATM 1400 O  O   . HOH C 3 .   ? 10.257  3.764   1.949   1.00 20.09 ? 240 HOH A O   1 
HETATM 1401 O  O   . HOH C 3 .   ? -0.233  -4.386  16.539  1.00 20.25 ? 241 HOH A O   1 
HETATM 1402 O  O   . HOH C 3 .   ? -7.669  0.490   -9.925  1.00 14.12 ? 242 HOH A O   1 
HETATM 1403 O  O   . HOH C 3 .   ? 17.892  -7.866  -4.418  1.00 17.30 ? 243 HOH A O   1 
HETATM 1404 O  O   . HOH C 3 .   ? -6.823  -8.828  3.764   1.00 21.75 ? 244 HOH A O   1 
HETATM 1405 O  O   . HOH C 3 .   ? -5.067  12.188  -13.236 1.00 23.38 ? 245 HOH A O   1 
HETATM 1406 O  O   . HOH C 3 .   ? 13.767  -12.588 -3.273  1.00 16.26 ? 246 HOH A O   1 
HETATM 1407 O  O   . HOH C 3 .   ? -2.645  9.102   15.697  1.00 18.96 ? 247 HOH A O   1 
HETATM 1408 O  O   . HOH C 3 .   ? 10.574  7.646   -18.848 1.00 21.61 ? 248 HOH A O   1 
HETATM 1409 O  O   . HOH C 3 .   ? 17.555  -7.135  2.152   1.00 22.60 ? 249 HOH A O   1 
HETATM 1410 O  O   . HOH C 3 .   ? -2.925  -13.894 -4.953  1.00 29.08 ? 250 HOH A O   1 
HETATM 1411 O  O   . HOH C 3 .   ? -5.733  -8.066  -1.013  1.00 16.97 ? 251 HOH A O   1 
HETATM 1412 O  O   . HOH C 3 .   ? -0.820  11.568  -17.269 1.00 22.60 ? 252 HOH A O   1 
HETATM 1413 O  O   . HOH C 3 .   ? -8.552  -9.786  8.148   1.00 25.51 ? 253 HOH A O   1 
HETATM 1414 O  O   . HOH C 3 .   ? 2.959   11.590  -1.420  1.00 32.12 ? 254 HOH A O   1 
HETATM 1415 O  O   . HOH C 3 .   ? 6.481   -4.725  -20.330 1.00 35.80 ? 255 HOH A O   1 
HETATM 1416 O  O   . HOH C 3 .   ? -14.468 -4.932  7.719   1.00 30.70 ? 256 HOH A O   1 
HETATM 1417 O  O   . HOH C 3 .   ? -4.355  -6.965  -5.877  1.00 20.08 ? 257 HOH A O   1 
HETATM 1418 O  O   . HOH C 3 .   ? -8.336  0.985   -14.178 1.00 27.40 ? 258 HOH A O   1 
HETATM 1419 O  O   . HOH C 3 .   ? -10.336 -7.133  13.836  1.00 20.28 ? 259 HOH A O   1 
HETATM 1420 O  O   . HOH C 3 .   ? 2.922   1.000   18.516  1.00 20.40 ? 260 HOH A O   1 
HETATM 1421 O  O   . HOH C 3 .   ? 5.227   -13.724 -2.907  1.00 26.69 ? 261 HOH A O   1 
HETATM 1422 O  O   . HOH C 3 .   ? -0.642  11.203  15.649  0.33 11.08 ? 262 HOH A O   1 
HETATM 1423 O  O   . HOH C 3 .   ? 14.927  -1.828  -5.651  1.00 17.35 ? 263 HOH A O   1 
HETATM 1424 O  O   . HOH C 3 .   ? 0.046   4.489   -20.491 1.00 16.20 ? 264 HOH A O   1 
HETATM 1425 O  O   . HOH C 3 .   ? 1.969   8.277   -18.031 1.00 18.64 ? 265 HOH A O   1 
HETATM 1426 O  O   . HOH C 3 .   ? 10.723  -10.928 -5.616  1.00 19.50 ? 266 HOH A O   1 
HETATM 1427 O  O   . HOH C 3 .   ? -3.090  -5.597  -10.035 1.00 17.73 ? 267 HOH A O   1 
HETATM 1428 O  O   . HOH C 3 .   ? 0.293   11.839  12.494  0.33 31.16 ? 268 HOH A O   1 
HETATM 1429 O  O   . HOH C 3 .   ? 13.568  -0.395  -22.104 1.00 22.54 ? 269 HOH A O   1 
HETATM 1430 O  O   . HOH C 3 .   ? 11.164  3.938   -1.370  1.00 26.03 ? 270 HOH A O   1 
HETATM 1431 O  O   . HOH C 3 .   ? 2.142   6.444   -20.007 1.00 17.80 ? 271 HOH A O   1 
HETATM 1432 O  O   . HOH C 3 .   ? -4.411  -10.466 -1.012  1.00 21.98 ? 272 HOH A O   1 
HETATM 1433 O  O   . HOH C 3 .   ? 6.995   -10.099 -13.880 1.00 21.00 ? 273 HOH A O   1 
HETATM 1434 O  O   . HOH C 3 .   ? 10.967  2.380   -5.829  1.00 23.84 ? 274 HOH A O   1 
HETATM 1435 O  O   . HOH C 3 .   ? -6.972  -13.001 13.311  1.00 16.33 ? 275 HOH A O   1 
HETATM 1436 O  O   . HOH C 3 .   ? 11.128  0.593   1.858   1.00 25.50 ? 276 HOH A O   1 
HETATM 1437 O  O   . HOH C 3 .   ? 12.892  -13.008 -0.731  1.00 23.37 ? 277 HOH A O   1 
HETATM 1438 O  O   . HOH C 3 .   ? -21.111 6.763   9.358   1.00 19.84 ? 278 HOH A O   1 
HETATM 1439 O  O   . HOH C 3 .   ? 17.419  3.986   -14.241 1.00 23.98 ? 279 HOH A O   1 
HETATM 1440 O  O   . HOH C 3 .   ? -17.614 0.423   1.991   1.00 30.38 ? 280 HOH A O   1 
HETATM 1441 O  O   . HOH C 3 .   ? 1.344   -10.011 -14.961 1.00 29.82 ? 281 HOH A O   1 
HETATM 1442 O  O   . HOH C 3 .   ? 5.015   -7.103  -18.387 1.00 21.57 ? 282 HOH A O   1 
HETATM 1443 O  O   . HOH C 3 .   ? -5.315  -8.476  -4.125  1.00 22.40 ? 283 HOH A O   1 
HETATM 1444 O  O   . HOH C 3 .   ? -5.766  -11.496 3.372   1.00 25.04 ? 284 HOH A O   1 
HETATM 1445 O  O   . HOH C 3 .   ? 11.882  -13.411 -5.498  1.00 28.99 ? 285 HOH A O   1 
HETATM 1446 O  O   . HOH C 3 .   ? -6.448  -12.668 7.644   1.00 24.69 ? 286 HOH A O   1 
HETATM 1447 O  O   . HOH C 3 .   ? 6.744   13.435  -3.038  1.00 27.67 ? 287 HOH A O   1 
HETATM 1448 O  O   . HOH C 3 .   ? 9.959   8.571   -16.414 1.00 26.64 ? 288 HOH A O   1 
HETATM 1449 O  O   . HOH C 3 .   ? 5.687   -14.823 4.828   1.00 22.60 ? 289 HOH A O   1 
HETATM 1450 O  O   . HOH C 3 .   ? 6.858   12.598  -16.792 1.00 24.91 ? 290 HOH A O   1 
HETATM 1451 O  O   . HOH C 3 .   ? -12.481 -4.216  3.253   1.00 23.13 ? 291 HOH A O   1 
HETATM 1452 O  O   . HOH C 3 .   ? 5.818   6.174   -22.138 1.00 24.74 ? 292 HOH A O   1 
HETATM 1453 O  O   . HOH C 3 .   ? 16.849  -3.476  2.724   1.00 30.08 ? 293 HOH A O   1 
HETATM 1454 O  O   . HOH C 3 .   ? -3.202  -7.123  14.990  1.00 17.70 ? 294 HOH A O   1 
HETATM 1455 O  O   . HOH C 3 .   ? -14.937 8.587   15.340  1.00 25.58 ? 295 HOH A O   1 
HETATM 1456 O  O   . HOH C 3 .   ? -7.092  10.269  18.836  1.00 21.23 ? 296 HOH A O   1 
HETATM 1457 O  O   . HOH C 3 .   ? 4.299   -12.214 -7.108  1.00 29.11 ? 297 HOH A O   1 
HETATM 1458 O  O   . HOH C 3 .   ? 1.950   -13.617 -6.961  1.00 31.47 ? 298 HOH A O   1 
HETATM 1459 O  O   . HOH C 3 .   ? -7.667  -8.652  1.305   1.00 34.63 ? 299 HOH A O   1 
HETATM 1460 O  O   . HOH C 3 .   ? -22.862 0.636   6.346   1.00 29.00 ? 300 HOH A O   1 
HETATM 1461 O  O   . HOH C 3 .   ? -17.939 1.652   6.337   1.00 32.32 ? 301 HOH A O   1 
HETATM 1462 O  O   . HOH C 3 .   ? -22.438 -2.081  13.784  1.00 21.78 ? 302 HOH A O   1 
HETATM 1463 O  O   . HOH C 3 .   ? 13.805  3.543   -8.783  1.00 29.37 ? 303 HOH A O   1 
HETATM 1464 O  O   . HOH C 3 .   ? 4.017   2.349   -21.052 1.00 20.38 ? 304 HOH A O   1 
HETATM 1465 O  O   . HOH C 3 .   ? -7.405  2.144   -17.019 1.00 31.10 ? 305 HOH A O   1 
HETATM 1466 O  O   . HOH C 3 .   ? -2.392  -8.297  -10.036 1.00 29.38 ? 306 HOH A O   1 
HETATM 1467 O  O   . HOH C 3 .   ? -1.623  10.519  18.193  0.33 26.75 ? 307 HOH A O   1 
HETATM 1468 O  O   . HOH C 3 .   ? -3.530  -15.066 4.574   1.00 26.50 ? 308 HOH A O   1 
HETATM 1469 O  O   . HOH C 3 .   ? 9.601   -13.096 10.018  1.00 34.06 ? 309 HOH A O   1 
HETATM 1470 O  O   . HOH C 3 .   ? 0.488   0.246   -19.527 1.00 25.89 ? 310 HOH A O   1 
HETATM 1471 O  O   . HOH C 3 .   ? 18.745  -5.121  -3.721  1.00 36.56 ? 311 HOH A O   1 
HETATM 1472 O  O   . HOH C 3 .   ? 1.334   10.880  -18.866 1.00 25.36 ? 312 HOH A O   1 
HETATM 1473 O  O   . HOH C 3 .   ? 17.286  -3.374  -5.379  1.00 25.06 ? 313 HOH A O   1 
HETATM 1474 O  O   . HOH C 3 .   ? 9.533   -15.155 -4.312  1.00 33.63 ? 314 HOH A O   1 
HETATM 1475 O  O   . HOH C 3 .   ? 4.094   -13.124 14.771  1.00 27.69 ? 315 HOH A O   1 
HETATM 1476 O  O   . HOH C 3 .   ? -3.896  14.386  -11.995 1.00 40.63 ? 316 HOH A O   1 
HETATM 1477 O  O   . HOH C 3 .   ? 9.247   11.517  -17.246 1.00 31.62 ? 317 HOH A O   1 
HETATM 1478 O  O   . HOH C 3 .   ? -12.850 -3.742  14.600  1.00 31.85 ? 318 HOH A O   1 
HETATM 1479 O  O   . HOH C 3 .   ? -5.401  6.563   -18.227 1.00 24.62 ? 319 HOH A O   1 
HETATM 1480 O  O   . HOH C 3 .   ? 14.266  5.388   -10.948 1.00 31.04 ? 320 HOH A O   1 
HETATM 1481 O  O   . HOH C 3 .   ? 19.312  -2.610  -7.191  1.00 29.40 ? 321 HOH A O   1 
HETATM 1482 O  O   . HOH C 3 .   ? 12.053  9.601   -15.110 1.00 27.13 ? 322 HOH A O   1 
HETATM 1483 O  O   . HOH C 3 .   ? 5.650   13.750  -19.049 1.00 30.31 ? 323 HOH A O   1 
HETATM 1484 O  O   . HOH C 3 .   ? -0.718  14.322  -15.959 1.00 30.32 ? 324 HOH A O   1 
HETATM 1485 O  O   . HOH C 3 .   ? 1.963   -7.930  -18.156 1.00 26.23 ? 325 HOH A O   1 
HETATM 1486 O  O   . HOH C 3 .   ? 20.177  -0.218  -12.990 1.00 35.32 ? 326 HOH A O   1 
HETATM 1487 O  O   . HOH C 3 .   ? 19.241  -0.662  -10.543 1.00 33.36 ? 327 HOH A O   1 
HETATM 1488 O  O   . HOH C 3 .   ? 15.639  1.371   -8.100  1.00 45.26 ? 328 HOH A O   1 
HETATM 1489 O  O   . HOH C 3 .   ? 11.081  5.340   -22.365 1.00 40.36 ? 329 HOH A O   1 
HETATM 1490 O  O   . HOH C 3 .   ? 12.028  11.641  -10.999 1.00 28.43 ? 330 HOH A O   1 
HETATM 1491 O  O   . HOH C 3 .   ? -3.240  3.247   20.551  1.00 30.32 ? 331 HOH A O   1 
HETATM 1492 O  O   . HOH C 3 .   ? -11.135 2.563   -8.801  1.00 23.51 ? 332 HOH A O   1 
HETATM 1493 O  O   . HOH C 3 .   ? -8.192  -8.604  -1.369  1.00 36.44 ? 333 HOH A O   1 
HETATM 1494 O  O   . HOH C 3 .   ? -3.834  -15.610 10.170  1.00 30.90 ? 334 HOH A O   1 
HETATM 1495 O  O   . HOH C 3 .   ? 2.424   7.890   -22.381 1.00 29.38 ? 335 HOH A O   1 
HETATM 1496 O  O   . HOH C 3 .   ? 3.351   -0.121  -19.937 1.00 30.73 ? 336 HOH A O   1 
HETATM 1497 O  O   . HOH C 3 .   ? 12.653  9.200   -10.355 1.00 36.72 ? 337 HOH A O   1 
HETATM 1498 O  O   . HOH C 3 .   ? -4.088  3.398   -19.135 1.00 25.41 ? 338 HOH A O   1 
HETATM 1499 O  O   . HOH C 3 .   ? 2.313   -14.980 11.818  1.00 34.11 ? 339 HOH A O   1 
HETATM 1500 O  O   . HOH C 3 .   ? 8.426   -11.195 -7.075  1.00 30.26 ? 340 HOH A O   1 
HETATM 1501 O  O   . HOH C 3 .   ? 18.481  -7.813  -0.234  1.00 38.81 ? 341 HOH A O   1 
HETATM 1502 O  O   . HOH C 3 .   ? -18.760 -1.203  14.326  1.00 27.54 ? 342 HOH A O   1 
HETATM 1503 O  O   . HOH C 3 .   ? -3.170  -14.575 2.029   1.00 28.54 ? 343 HOH A O   1 
HETATM 1504 O  O   . HOH C 3 .   ? 17.707  -14.028 5.568   1.00 30.01 ? 344 HOH A O   1 
HETATM 1505 O  O   . HOH C 3 .   ? 21.419  -12.591 -7.330  1.00 30.77 ? 345 HOH A O   1 
HETATM 1506 O  O   . HOH C 3 .   ? 2.194   -13.866 -3.221  1.00 37.47 ? 346 HOH A O   1 
HETATM 1507 O  O   . HOH C 3 .   ? 8.478   17.382  -11.193 0.33 13.86 ? 347 HOH A O   1 
HETATM 1508 O  O   . HOH C 3 .   ? 13.674  9.990   -17.597 1.00 34.88 ? 348 HOH A O   1 
HETATM 1509 O  O   . HOH C 3 .   ? 4.520   12.633  -4.910  1.00 38.75 ? 349 HOH A O   1 
HETATM 1510 O  O   . HOH C 3 .   ? -20.028 3.931   3.597   1.00 31.58 ? 350 HOH A O   1 
HETATM 1511 O  O   . HOH C 3 .   ? 18.889  -0.159  -6.287  1.00 34.15 ? 351 HOH A O   1 
HETATM 1512 O  O   . HOH C 3 .   ? 0.507   -16.519 0.446   1.00 30.86 ? 352 HOH A O   1 
HETATM 1513 O  O   . HOH C 3 .   ? 4.121   12.929  0.486   1.00 33.37 ? 353 HOH A O   1 
HETATM 1514 O  O   . HOH C 3 .   ? -12.890 -4.566  -5.765  1.00 34.63 ? 354 HOH A O   1 
HETATM 1515 O  O   . HOH C 3 .   ? -1.676  -14.013 16.688  1.00 31.23 ? 355 HOH A O   1 
HETATM 1516 O  O   . HOH C 3 .   ? -9.223  -0.308  -11.970 1.00 32.87 ? 356 HOH A O   1 
HETATM 1517 O  O   . HOH C 3 .   ? 7.365   -13.599 -4.948  1.00 29.46 ? 357 HOH A O   1 
HETATM 1518 O  O   . HOH C 3 .   ? -16.466 -5.547  2.686   1.00 36.26 ? 358 HOH A O   1 
HETATM 1519 O  O   . HOH C 3 .   ? 18.768  -10.804 5.015   1.00 35.33 ? 359 HOH A O   1 
HETATM 1520 O  O   . HOH C 3 .   ? -9.771  7.619   16.742  1.00 26.56 ? 360 HOH A O   1 
HETATM 1521 O  O   . HOH C 3 .   ? -19.374 0.419   16.310  1.00 38.16 ? 361 HOH A O   1 
HETATM 1522 O  O   . HOH C 3 .   ? -4.330  -14.696 13.272  1.00 34.43 ? 362 HOH A O   1 
HETATM 1523 O  O   . HOH C 3 .   ? 1.200   1.524   21.444  1.00 37.93 ? 363 HOH A O   1 
HETATM 1524 O  O   . HOH C 3 .   ? -17.280 2.093   3.993   1.00 34.38 ? 364 HOH A O   1 
HETATM 1525 O  O   . HOH C 3 .   ? 4.003   -16.339 9.605   1.00 33.65 ? 365 HOH A O   1 
HETATM 1526 O  O   . HOH C 3 .   ? -0.821  -15.994 -4.495  1.00 39.33 ? 366 HOH A O   1 
# 
loop_
_pdbx_poly_seq_scheme.asym_id 
_pdbx_poly_seq_scheme.entity_id 
_pdbx_poly_seq_scheme.seq_id 
_pdbx_poly_seq_scheme.mon_id 
_pdbx_poly_seq_scheme.ndb_seq_num 
_pdbx_poly_seq_scheme.pdb_seq_num 
_pdbx_poly_seq_scheme.auth_seq_num 
_pdbx_poly_seq_scheme.pdb_mon_id 
_pdbx_poly_seq_scheme.auth_mon_id 
_pdbx_poly_seq_scheme.pdb_strand_id 
_pdbx_poly_seq_scheme.pdb_ins_code 
_pdbx_poly_seq_scheme.hetero 
A 1 1   MET 1   -20 ?   ?   ?   A . n 
A 1 2   ALA 2   -19 ?   ?   ?   A . n 
A 1 3   HIS 3   -18 ?   ?   ?   A . n 
A 1 4   HIS 4   -17 ?   ?   ?   A . n 
A 1 5   HIS 5   -16 ?   ?   ?   A . n 
A 1 6   HIS 6   -15 ?   ?   ?   A . n 
A 1 7   HIS 7   -14 ?   ?   ?   A . n 
A 1 8   HIS 8   -13 ?   ?   ?   A . n 
A 1 9   MET 9   -12 ?   ?   ?   A . n 
A 1 10  GLY 10  -11 ?   ?   ?   A . n 
A 1 11  THR 11  -10 ?   ?   ?   A . n 
A 1 12  LEU 12  -9  ?   ?   ?   A . n 
A 1 13  GLU 13  -8  ?   ?   ?   A . n 
A 1 14  ALA 14  -7  ?   ?   ?   A . n 
A 1 15  GLN 15  -6  ?   ?   ?   A . n 
A 1 16  THR 16  -5  ?   ?   ?   A . n 
A 1 17  GLN 17  -4  ?   ?   ?   A . n 
A 1 18  GLY 18  -3  ?   ?   ?   A . n 
A 1 19  PRO 19  -2  ?   ?   ?   A . n 
A 1 20  GLY 20  -1  ?   ?   ?   A . n 
A 1 21  SER 21  0   ?   ?   ?   A . n 
A 1 22  MET 22  1   1   MET MET A . n 
A 1 23  ARG 23  2   2   ARG ARG A . n 
A 1 24  GLU 24  3   3   GLU GLU A . n 
A 1 25  VAL 25  4   4   VAL VAL A . n 
A 1 26  LEU 26  5   5   LEU LEU A . n 
A 1 27  VAL 27  6   6   VAL VAL A . n 
A 1 28  PRO 28  7   7   PRO PRO A . n 
A 1 29  TYR 29  8   8   TYR TYR A . n 
A 1 30  ALA 30  9   9   ALA ALA A . n 
A 1 31  GLY 31  10  10  GLY GLY A . n 
A 1 32  VAL 32  11  11  VAL VAL A . n 
A 1 33  SER 33  12  12  SER SER A . n 
A 1 34  PRO 34  13  13  PRO PRO A . n 
A 1 35  SER 35  14  14  SER SER A . n 
A 1 36  VAL 36  15  15  VAL VAL A . n 
A 1 37  ASP 37  16  16  ASP ASP A . n 
A 1 38  SER 38  17  17  SER SER A . n 
A 1 39  THR 39  18  18  THR THR A . n 
A 1 40  ALA 40  19  19  ALA ALA A . n 
A 1 41  PHE 41  20  20  PHE PHE A . n 
A 1 42  ILE 42  21  21  ILE ILE A . n 
A 1 43  ALA 43  22  22  ALA ALA A . n 
A 1 44  GLY 44  23  23  GLY GLY A . n 
A 1 45  ASN 45  24  24  ASN ASN A . n 
A 1 46  ALA 46  25  25  ALA ALA A . n 
A 1 47  ARG 47  26  26  ARG ARG A . n 
A 1 48  ILE 48  27  27  ILE ILE A . n 
A 1 49  ILE 49  28  28  ILE ILE A . n 
A 1 50  GLY 50  29  29  GLY GLY A . n 
A 1 51  ASP 51  30  30  ASP ASP A . n 
A 1 52  VAL 52  31  31  VAL VAL A . n 
A 1 53  CYS 53  32  32  CYS CYS A . n 
A 1 54  ILE 54  33  33  ILE ILE A . n 
A 1 55  GLY 55  34  34  GLY GLY A . n 
A 1 56  LYS 56  35  35  LYS LYS A . n 
A 1 57  ASN 57  36  36  ASN ASN A . n 
A 1 58  ALA 58  37  37  ALA ALA A . n 
A 1 59  SER 59  38  38  SER SER A . n 
A 1 60  ILE 60  39  39  ILE ILE A . n 
A 1 61  TRP 61  40  40  TRP TRP A . n 
A 1 62  TYR 62  41  41  TYR TYR A . n 
A 1 63  GLY 63  42  42  GLY GLY A . n 
A 1 64  THR 64  43  43  THR THR A . n 
A 1 65  VAL 65  44  44  VAL VAL A . n 
A 1 66  LEU 66  45  45  LEU LEU A . n 
A 1 67  ARG 67  46  46  ARG ARG A . n 
A 1 68  GLY 68  47  47  GLY GLY A . n 
A 1 69  ASP 69  48  48  ASP ASP A . n 
A 1 70  VAL 70  49  49  VAL VAL A . n 
A 1 71  ASP 71  50  50  ASP ASP A . n 
A 1 72  LYS 72  51  51  LYS LYS A . n 
A 1 73  ILE 73  52  52  ILE ILE A . n 
A 1 74  GLU 74  53  53  GLU GLU A . n 
A 1 75  VAL 75  54  54  VAL VAL A . n 
A 1 76  GLY 76  55  55  GLY GLY A . n 
A 1 77  GLU 77  56  56  GLU GLU A . n 
A 1 78  GLY 78  57  57  GLY GLY A . n 
A 1 79  THR 79  58  58  THR THR A . n 
A 1 80  ASN 80  59  59  ASN ASN A . n 
A 1 81  ILE 81  60  60  ILE ILE A . n 
A 1 82  GLN 82  61  61  GLN GLN A . n 
A 1 83  ASP 83  62  62  ASP ASP A . n 
A 1 84  ASN 84  63  63  ASN ASN A . n 
A 1 85  THR 85  64  64  THR THR A . n 
A 1 86  VAL 86  65  65  VAL VAL A . n 
A 1 87  VAL 87  66  66  VAL VAL A . n 
A 1 88  HIS 88  67  67  HIS HIS A . n 
A 1 89  THR 89  68  68  THR THR A . n 
A 1 90  ASP 90  69  ?   ?   ?   A . n 
A 1 91  SER 91  70  ?   ?   ?   A . n 
A 1 92  MET 92  71  ?   ?   ?   A . n 
A 1 93  HIS 93  72  ?   ?   ?   A . n 
A 1 94  GLY 94  73  73  GLY GLY A . n 
A 1 95  ASP 95  74  74  ASP ASP A . n 
A 1 96  THR 96  75  75  THR THR A . n 
A 1 97  VAL 97  76  76  VAL VAL A . n 
A 1 98  ILE 98  77  77  ILE ILE A . n 
A 1 99  GLY 99  78  78  GLY GLY A . n 
A 1 100 LYS 100 79  79  LYS LYS A . n 
A 1 101 PHE 101 80  80  PHE PHE A . n 
A 1 102 VAL 102 81  81  VAL VAL A . n 
A 1 103 THR 103 82  82  THR THR A . n 
A 1 104 ILE 104 83  83  ILE ILE A . n 
A 1 105 GLY 105 84  84  GLY GLY A . n 
A 1 106 HIS 106 85  85  HIS HIS A . n 
A 1 107 SER 107 86  86  SER SER A . n 
A 1 108 CYS 108 87  87  CYS CYS A . n 
A 1 109 ILE 109 88  88  ILE ILE A . n 
A 1 110 LEU 110 89  89  LEU LEU A . n 
A 1 111 HIS 111 90  90  HIS HIS A . n 
A 1 112 ALA 112 91  91  ALA ALA A . n 
A 1 113 CYS 113 92  92  CYS CYS A . n 
A 1 114 THR 114 93  93  THR THR A . n 
A 1 115 LEU 115 94  94  LEU LEU A . n 
A 1 116 GLY 116 95  95  GLY GLY A . n 
A 1 117 ASN 117 96  96  ASN ASN A . n 
A 1 118 ASN 118 97  97  ASN ASN A . n 
A 1 119 ALA 119 98  98  ALA ALA A . n 
A 1 120 PHE 120 99  99  PHE PHE A . n 
A 1 121 VAL 121 100 100 VAL VAL A . n 
A 1 122 GLY 122 101 101 GLY GLY A . n 
A 1 123 MET 123 102 102 MET MET A . n 
A 1 124 GLY 124 103 103 GLY GLY A . n 
A 1 125 SER 125 104 104 SER SER A . n 
A 1 126 ILE 126 105 105 ILE ILE A . n 
A 1 127 VAL 127 106 106 VAL VAL A . n 
A 1 128 MET 128 107 107 MET MET A . n 
A 1 129 ASP 129 108 108 ASP ASP A . n 
A 1 130 ARG 130 109 109 ARG ARG A . n 
A 1 131 ALA 131 110 110 ALA ALA A . n 
A 1 132 VAL 132 111 111 VAL VAL A . n 
A 1 133 MET 133 112 112 MET MET A . n 
A 1 134 GLU 134 113 113 GLU GLU A . n 
A 1 135 GLU 135 114 114 GLU GLU A . n 
A 1 136 GLY 136 115 115 GLY GLY A . n 
A 1 137 SER 137 116 116 SER SER A . n 
A 1 138 MET 138 117 117 MET MET A . n 
A 1 139 LEU 139 118 118 LEU LEU A . n 
A 1 140 ALA 140 119 119 ALA ALA A . n 
A 1 141 ALA 141 120 120 ALA ALA A . n 
A 1 142 GLY 142 121 121 GLY GLY A . n 
A 1 143 SER 143 122 122 SER SER A . n 
A 1 144 LEU 144 123 123 LEU LEU A . n 
A 1 145 LEU 145 124 124 LEU LEU A . n 
A 1 146 THR 146 125 125 THR THR A . n 
A 1 147 ARG 147 126 126 ARG ARG A . n 
A 1 148 GLY 148 127 127 GLY GLY A . n 
A 1 149 LYS 149 128 128 LYS LYS A . n 
A 1 150 ILE 150 129 129 ILE ILE A . n 
A 1 151 VAL 151 130 130 VAL VAL A . n 
A 1 152 LYS 152 131 131 LYS LYS A . n 
A 1 153 SER 153 132 132 SER SER A . n 
A 1 154 GLY 154 133 133 GLY GLY A . n 
A 1 155 GLU 155 134 134 GLU GLU A . n 
A 1 156 LEU 156 135 135 LEU LEU A . n 
A 1 157 TRP 157 136 136 TRP TRP A . n 
A 1 158 ALA 158 137 137 ALA ALA A . n 
A 1 159 GLY 159 138 138 GLY GLY A . n 
A 1 160 ARG 160 139 139 ARG ARG A . n 
A 1 161 PRO 161 140 140 PRO PRO A . n 
A 1 162 ALA 162 141 141 ALA ALA A . n 
A 1 163 LYS 163 142 142 LYS LYS A . n 
A 1 164 PHE 164 143 143 PHE PHE A . n 
A 1 165 LEU 165 144 144 LEU LEU A . n 
A 1 166 ARG 166 145 145 ARG ARG A . n 
A 1 167 MET 167 146 146 MET MET A . n 
A 1 168 MET 168 147 147 MET MET A . n 
A 1 169 THR 169 148 148 THR THR A . n 
A 1 170 GLU 170 149 149 GLU GLU A . n 
A 1 171 GLU 171 150 150 GLU GLU A . n 
A 1 172 GLU 172 151 151 GLU GLU A . n 
A 1 173 ILE 173 152 152 ILE ILE A . n 
A 1 174 LEU 174 153 153 LEU LEU A . n 
A 1 175 TYR 175 154 154 TYR TYR A . n 
A 1 176 LEU 176 155 155 LEU LEU A . n 
A 1 177 GLN 177 156 156 GLN GLN A . n 
A 1 178 LYS 178 157 157 LYS LYS A . n 
A 1 179 SER 179 158 158 SER SER A . n 
A 1 180 ALA 180 159 159 ALA ALA A . n 
A 1 181 GLU 181 160 160 GLU GLU A . n 
A 1 182 ASN 182 161 161 ASN ASN A . n 
A 1 183 TYR 183 162 162 TYR TYR A . n 
A 1 184 ILE 184 163 163 ILE ILE A . n 
A 1 185 ALA 185 164 164 ALA ALA A . n 
A 1 186 LEU 186 165 165 LEU LEU A . n 
A 1 187 SER 187 166 166 SER SER A . n 
A 1 188 ARG 188 167 167 ARG ARG A . n 
A 1 189 GLY 189 168 168 GLY GLY A . n 
A 1 190 TYR 190 169 169 TYR TYR A . n 
A 1 191 LEU 191 170 170 LEU LEU A . n 
# 
_pdbx_SG_project.id                    1 
_pdbx_SG_project.project_name          ? 
_pdbx_SG_project.full_name_of_center   'Seattle Structural Genomics Center for Infectious Disease' 
_pdbx_SG_project.initial_of_center     SSGCID 
# 
loop_
_pdbx_nonpoly_scheme.asym_id 
_pdbx_nonpoly_scheme.entity_id 
_pdbx_nonpoly_scheme.mon_id 
_pdbx_nonpoly_scheme.ndb_seq_num 
_pdbx_nonpoly_scheme.pdb_seq_num 
_pdbx_nonpoly_scheme.auth_seq_num 
_pdbx_nonpoly_scheme.pdb_mon_id 
_pdbx_nonpoly_scheme.auth_mon_id 
_pdbx_nonpoly_scheme.pdb_strand_id 
_pdbx_nonpoly_scheme.pdb_ins_code 
B 2 MG  1   171 1   MG  MG  A . 
C 3 HOH 1   172 172 HOH HOH A . 
C 3 HOH 2   173 173 HOH HOH A . 
C 3 HOH 3   174 174 HOH HOH A . 
C 3 HOH 4   175 175 HOH HOH A . 
C 3 HOH 5   176 176 HOH HOH A . 
C 3 HOH 6   177 1   HOH HOH A . 
C 3 HOH 7   178 178 HOH HOH A . 
C 3 HOH 8   179 179 HOH HOH A . 
C 3 HOH 9   180 180 HOH HOH A . 
C 3 HOH 10  181 181 HOH HOH A . 
C 3 HOH 11  182 182 HOH HOH A . 
C 3 HOH 12  183 183 HOH HOH A . 
C 3 HOH 13  184 184 HOH HOH A . 
C 3 HOH 14  185 185 HOH HOH A . 
C 3 HOH 15  186 186 HOH HOH A . 
C 3 HOH 16  187 187 HOH HOH A . 
C 3 HOH 17  188 188 HOH HOH A . 
C 3 HOH 18  189 189 HOH HOH A . 
C 3 HOH 19  190 190 HOH HOH A . 
C 3 HOH 20  191 2   HOH HOH A . 
C 3 HOH 21  192 192 HOH HOH A . 
C 3 HOH 22  193 193 HOH HOH A . 
C 3 HOH 23  194 194 HOH HOH A . 
C 3 HOH 24  195 195 HOH HOH A . 
C 3 HOH 25  196 196 HOH HOH A . 
C 3 HOH 26  197 197 HOH HOH A . 
C 3 HOH 27  198 198 HOH HOH A . 
C 3 HOH 28  199 199 HOH HOH A . 
C 3 HOH 29  200 200 HOH HOH A . 
C 3 HOH 30  201 3   HOH HOH A . 
C 3 HOH 31  202 4   HOH HOH A . 
C 3 HOH 32  203 5   HOH HOH A . 
C 3 HOH 33  204 6   HOH HOH A . 
C 3 HOH 34  205 7   HOH HOH A . 
C 3 HOH 35  206 8   HOH HOH A . 
C 3 HOH 36  207 9   HOH HOH A . 
C 3 HOH 37  208 10  HOH HOH A . 
C 3 HOH 38  209 11  HOH HOH A . 
C 3 HOH 39  210 12  HOH HOH A . 
C 3 HOH 40  211 13  HOH HOH A . 
C 3 HOH 41  212 14  HOH HOH A . 
C 3 HOH 42  213 15  HOH HOH A . 
C 3 HOH 43  214 16  HOH HOH A . 
C 3 HOH 44  215 17  HOH HOH A . 
C 3 HOH 45  216 18  HOH HOH A . 
C 3 HOH 46  217 19  HOH HOH A . 
C 3 HOH 47  218 20  HOH HOH A . 
C 3 HOH 48  219 21  HOH HOH A . 
C 3 HOH 49  220 22  HOH HOH A . 
C 3 HOH 50  221 23  HOH HOH A . 
C 3 HOH 51  222 24  HOH HOH A . 
C 3 HOH 52  223 25  HOH HOH A . 
C 3 HOH 53  224 26  HOH HOH A . 
C 3 HOH 54  225 27  HOH HOH A . 
C 3 HOH 55  226 28  HOH HOH A . 
C 3 HOH 56  227 29  HOH HOH A . 
C 3 HOH 57  228 30  HOH HOH A . 
C 3 HOH 58  229 31  HOH HOH A . 
C 3 HOH 59  230 32  HOH HOH A . 
C 3 HOH 60  231 33  HOH HOH A . 
C 3 HOH 61  232 34  HOH HOH A . 
C 3 HOH 62  233 35  HOH HOH A . 
C 3 HOH 63  234 36  HOH HOH A . 
C 3 HOH 64  235 37  HOH HOH A . 
C 3 HOH 65  236 38  HOH HOH A . 
C 3 HOH 66  237 39  HOH HOH A . 
C 3 HOH 67  238 40  HOH HOH A . 
C 3 HOH 68  239 41  HOH HOH A . 
C 3 HOH 69  240 42  HOH HOH A . 
C 3 HOH 70  241 43  HOH HOH A . 
C 3 HOH 71  242 44  HOH HOH A . 
C 3 HOH 72  243 45  HOH HOH A . 
C 3 HOH 73  244 46  HOH HOH A . 
C 3 HOH 74  245 47  HOH HOH A . 
C 3 HOH 75  246 48  HOH HOH A . 
C 3 HOH 76  247 49  HOH HOH A . 
C 3 HOH 77  248 50  HOH HOH A . 
C 3 HOH 78  249 51  HOH HOH A . 
C 3 HOH 79  250 52  HOH HOH A . 
C 3 HOH 80  251 53  HOH HOH A . 
C 3 HOH 81  252 54  HOH HOH A . 
C 3 HOH 82  253 55  HOH HOH A . 
C 3 HOH 83  254 56  HOH HOH A . 
C 3 HOH 84  255 57  HOH HOH A . 
C 3 HOH 85  256 58  HOH HOH A . 
C 3 HOH 86  257 59  HOH HOH A . 
C 3 HOH 87  258 60  HOH HOH A . 
C 3 HOH 88  259 61  HOH HOH A . 
C 3 HOH 89  260 62  HOH HOH A . 
C 3 HOH 90  261 63  HOH HOH A . 
C 3 HOH 91  262 64  HOH HOH A . 
C 3 HOH 92  263 65  HOH HOH A . 
C 3 HOH 93  264 66  HOH HOH A . 
C 3 HOH 94  265 67  HOH HOH A . 
C 3 HOH 95  266 68  HOH HOH A . 
C 3 HOH 96  267 69  HOH HOH A . 
C 3 HOH 97  268 70  HOH HOH A . 
C 3 HOH 98  269 71  HOH HOH A . 
C 3 HOH 99  270 72  HOH HOH A . 
C 3 HOH 100 271 73  HOH HOH A . 
C 3 HOH 101 272 74  HOH HOH A . 
C 3 HOH 102 273 75  HOH HOH A . 
C 3 HOH 103 274 76  HOH HOH A . 
C 3 HOH 104 275 77  HOH HOH A . 
C 3 HOH 105 276 78  HOH HOH A . 
C 3 HOH 106 277 79  HOH HOH A . 
C 3 HOH 107 278 80  HOH HOH A . 
C 3 HOH 108 279 81  HOH HOH A . 
C 3 HOH 109 280 82  HOH HOH A . 
C 3 HOH 110 281 83  HOH HOH A . 
C 3 HOH 111 282 84  HOH HOH A . 
C 3 HOH 112 283 85  HOH HOH A . 
C 3 HOH 113 284 86  HOH HOH A . 
C 3 HOH 114 285 87  HOH HOH A . 
C 3 HOH 115 286 88  HOH HOH A . 
C 3 HOH 116 287 89  HOH HOH A . 
C 3 HOH 117 288 90  HOH HOH A . 
C 3 HOH 118 289 91  HOH HOH A . 
C 3 HOH 119 290 92  HOH HOH A . 
C 3 HOH 120 291 93  HOH HOH A . 
C 3 HOH 121 292 94  HOH HOH A . 
C 3 HOH 122 293 95  HOH HOH A . 
C 3 HOH 123 294 96  HOH HOH A . 
C 3 HOH 124 295 97  HOH HOH A . 
C 3 HOH 125 296 98  HOH HOH A . 
C 3 HOH 126 297 99  HOH HOH A . 
C 3 HOH 127 298 100 HOH HOH A . 
C 3 HOH 128 299 101 HOH HOH A . 
C 3 HOH 129 300 102 HOH HOH A . 
C 3 HOH 130 301 103 HOH HOH A . 
C 3 HOH 131 302 104 HOH HOH A . 
C 3 HOH 132 303 105 HOH HOH A . 
C 3 HOH 133 304 106 HOH HOH A . 
C 3 HOH 134 305 107 HOH HOH A . 
C 3 HOH 135 306 108 HOH HOH A . 
C 3 HOH 136 307 109 HOH HOH A . 
C 3 HOH 137 308 110 HOH HOH A . 
C 3 HOH 138 309 111 HOH HOH A . 
C 3 HOH 139 310 112 HOH HOH A . 
C 3 HOH 140 311 113 HOH HOH A . 
C 3 HOH 141 312 114 HOH HOH A . 
C 3 HOH 142 313 115 HOH HOH A . 
C 3 HOH 143 314 116 HOH HOH A . 
C 3 HOH 144 315 117 HOH HOH A . 
C 3 HOH 145 316 119 HOH HOH A . 
C 3 HOH 146 317 120 HOH HOH A . 
C 3 HOH 147 318 121 HOH HOH A . 
C 3 HOH 148 319 122 HOH HOH A . 
C 3 HOH 149 320 123 HOH HOH A . 
C 3 HOH 150 321 124 HOH HOH A . 
C 3 HOH 151 322 125 HOH HOH A . 
C 3 HOH 152 323 126 HOH HOH A . 
C 3 HOH 153 324 127 HOH HOH A . 
C 3 HOH 154 325 128 HOH HOH A . 
C 3 HOH 155 326 129 HOH HOH A . 
C 3 HOH 156 327 130 HOH HOH A . 
C 3 HOH 157 328 131 HOH HOH A . 
C 3 HOH 158 329 132 HOH HOH A . 
C 3 HOH 159 330 133 HOH HOH A . 
C 3 HOH 160 331 134 HOH HOH A . 
C 3 HOH 161 332 135 HOH HOH A . 
C 3 HOH 162 333 136 HOH HOH A . 
C 3 HOH 163 334 137 HOH HOH A . 
C 3 HOH 164 335 138 HOH HOH A . 
C 3 HOH 165 336 139 HOH HOH A . 
C 3 HOH 166 337 140 HOH HOH A . 
C 3 HOH 167 338 141 HOH HOH A . 
C 3 HOH 168 339 142 HOH HOH A . 
C 3 HOH 169 340 143 HOH HOH A . 
C 3 HOH 170 341 144 HOH HOH A . 
C 3 HOH 171 342 145 HOH HOH A . 
C 3 HOH 172 343 146 HOH HOH A . 
C 3 HOH 173 344 147 HOH HOH A . 
C 3 HOH 174 345 148 HOH HOH A . 
C 3 HOH 175 346 150 HOH HOH A . 
C 3 HOH 176 347 151 HOH HOH A . 
C 3 HOH 177 348 153 HOH HOH A . 
C 3 HOH 178 349 154 HOH HOH A . 
C 3 HOH 179 350 155 HOH HOH A . 
C 3 HOH 180 351 156 HOH HOH A . 
C 3 HOH 181 352 157 HOH HOH A . 
C 3 HOH 182 353 158 HOH HOH A . 
C 3 HOH 183 354 159 HOH HOH A . 
C 3 HOH 184 355 160 HOH HOH A . 
C 3 HOH 185 356 161 HOH HOH A . 
C 3 HOH 186 357 162 HOH HOH A . 
C 3 HOH 187 358 163 HOH HOH A . 
C 3 HOH 188 359 164 HOH HOH A . 
C 3 HOH 189 360 165 HOH HOH A . 
C 3 HOH 190 361 166 HOH HOH A . 
C 3 HOH 191 362 167 HOH HOH A . 
C 3 HOH 192 363 168 HOH HOH A . 
C 3 HOH 193 364 169 HOH HOH A . 
C 3 HOH 194 365 170 HOH HOH A . 
C 3 HOH 195 366 171 HOH HOH A . 
# 
_pdbx_struct_assembly.id                   1 
_pdbx_struct_assembly.details              author_and_software_defined_assembly 
_pdbx_struct_assembly.method_details       PISA 
_pdbx_struct_assembly.oligomeric_details   trimeric 
_pdbx_struct_assembly.oligomeric_count     3 
# 
_pdbx_struct_assembly_gen.assembly_id       1 
_pdbx_struct_assembly_gen.oper_expression   1,2,3 
_pdbx_struct_assembly_gen.asym_id_list      A,B,C 
# 
loop_
_pdbx_struct_assembly_prop.biol_id 
_pdbx_struct_assembly_prop.type 
_pdbx_struct_assembly_prop.value 
_pdbx_struct_assembly_prop.details 
1 'ABSA (A^2)' 4760  ? 
1 MORE         -49   ? 
1 'SSA (A^2)'  18120 ? 
# 
loop_
_pdbx_struct_oper_list.id 
_pdbx_struct_oper_list.type 
_pdbx_struct_oper_list.name 
_pdbx_struct_oper_list.symmetry_operation 
_pdbx_struct_oper_list.matrix[1][1] 
_pdbx_struct_oper_list.matrix[1][2] 
_pdbx_struct_oper_list.matrix[1][3] 
_pdbx_struct_oper_list.vector[1] 
_pdbx_struct_oper_list.matrix[2][1] 
_pdbx_struct_oper_list.matrix[2][2] 
_pdbx_struct_oper_list.matrix[2][3] 
_pdbx_struct_oper_list.vector[2] 
_pdbx_struct_oper_list.matrix[3][1] 
_pdbx_struct_oper_list.matrix[3][2] 
_pdbx_struct_oper_list.matrix[3][3] 
_pdbx_struct_oper_list.vector[3] 
1 'identity operation'         1_555  x,y,z             1.0000000000  0.0000000000  0.0000000000  0.0000000000  0.0000000000  1.0000000000  0.0000000000  0.0000000000  0.0000000000  0.0000000000  1.0000000000 0.0000000000 
2 'crystal symmetry operation' 8_645  -z+1,x-1/2,-y+1/2 -0.3504276997 0.9011515617  -0.2551985309 -7.0411251250 -0.7010259546 -0.4330586972 -0.5665887184 24.2324903491 -0.6210982517 -0.0196475875 0.7834863968 3.1304774056 
3 'crystal symmetry operation' 11_556 y+1/2,-z+1/2,-x+1 -0.3504276997 -0.7010259546 -0.6210982517 16.4645334421 0.9011515617  -0.4330586972 -0.0196475875 16.9007179306 -0.2551985309 -0.5665887184 0.7834863968 9.4802843995 
# 
loop_
_pdbx_struct_special_symmetry.id 
_pdbx_struct_special_symmetry.PDB_model_num 
_pdbx_struct_special_symmetry.auth_asym_id 
_pdbx_struct_special_symmetry.auth_comp_id 
_pdbx_struct_special_symmetry.auth_seq_id 
_pdbx_struct_special_symmetry.PDB_ins_code 
_pdbx_struct_special_symmetry.label_asym_id 
_pdbx_struct_special_symmetry.label_comp_id 
_pdbx_struct_special_symmetry.label_seq_id 
1 1 A HOH 262 ? C HOH . 
2 1 A HOH 268 ? C HOH . 
3 1 A HOH 307 ? C HOH . 
4 1 A HOH 347 ? C HOH . 
# 
loop_
_pdbx_struct_conn_angle.id 
_pdbx_struct_conn_angle.ptnr1_label_atom_id 
_pdbx_struct_conn_angle.ptnr1_label_alt_id 
_pdbx_struct_conn_angle.ptnr1_label_asym_id 
_pdbx_struct_conn_angle.ptnr1_label_comp_id 
_pdbx_struct_conn_angle.ptnr1_label_seq_id 
_pdbx_struct_conn_angle.ptnr1_auth_atom_id 
_pdbx_struct_conn_angle.ptnr1_auth_asym_id 
_pdbx_struct_conn_angle.ptnr1_auth_comp_id 
_pdbx_struct_conn_angle.ptnr1_auth_seq_id 
_pdbx_struct_conn_angle.ptnr1_PDB_ins_code 
_pdbx_struct_conn_angle.ptnr1_symmetry 
_pdbx_struct_conn_angle.ptnr2_label_atom_id 
_pdbx_struct_conn_angle.ptnr2_label_alt_id 
_pdbx_struct_conn_angle.ptnr2_label_asym_id 
_pdbx_struct_conn_angle.ptnr2_label_comp_id 
_pdbx_struct_conn_angle.ptnr2_label_seq_id 
_pdbx_struct_conn_angle.ptnr2_auth_atom_id 
_pdbx_struct_conn_angle.ptnr2_auth_asym_id 
_pdbx_struct_conn_angle.ptnr2_auth_comp_id 
_pdbx_struct_conn_angle.ptnr2_auth_seq_id 
_pdbx_struct_conn_angle.ptnr2_PDB_ins_code 
_pdbx_struct_conn_angle.ptnr2_symmetry 
_pdbx_struct_conn_angle.ptnr3_label_atom_id 
_pdbx_struct_conn_angle.ptnr3_label_alt_id 
_pdbx_struct_conn_angle.ptnr3_label_asym_id 
_pdbx_struct_conn_angle.ptnr3_label_comp_id 
_pdbx_struct_conn_angle.ptnr3_label_seq_id 
_pdbx_struct_conn_angle.ptnr3_auth_atom_id 
_pdbx_struct_conn_angle.ptnr3_auth_asym_id 
_pdbx_struct_conn_angle.ptnr3_auth_comp_id 
_pdbx_struct_conn_angle.ptnr3_auth_seq_id 
_pdbx_struct_conn_angle.ptnr3_PDB_ins_code 
_pdbx_struct_conn_angle.ptnr3_symmetry 
_pdbx_struct_conn_angle.value 
_pdbx_struct_conn_angle.value_esd 
1  ND1 A A HIS 88  ? A HIS 67 ? 1_555 MG ? B MG . ? A MG 171 ? 1_555 ND1 B A HIS 88  ? A HIS 67  ? 1_555 5.8   ? 
2  ND1 A A HIS 88  ? A HIS 67 ? 1_555 MG ? B MG . ? A MG 171 ? 1_555 NE2 ? A HIS 106 ? A HIS 85  ? 8_645 98.4  ? 
3  ND1 B A HIS 88  ? A HIS 67 ? 1_555 MG ? B MG . ? A MG 171 ? 1_555 NE2 ? A HIS 106 ? A HIS 85  ? 8_645 103.8 ? 
4  ND1 A A HIS 88  ? A HIS 67 ? 1_555 MG ? B MG . ? A MG 171 ? 1_555 NE2 A A HIS 111 ? A HIS 90  ? 1_555 123.8 ? 
5  ND1 B A HIS 88  ? A HIS 67 ? 1_555 MG ? B MG . ? A MG 171 ? 1_555 NE2 A A HIS 111 ? A HIS 90  ? 1_555 122.5 ? 
6  NE2 ? A HIS 106 ? A HIS 85 ? 8_645 MG ? B MG . ? A MG 171 ? 1_555 NE2 A A HIS 111 ? A HIS 90  ? 1_555 76.6  ? 
7  ND1 A A HIS 88  ? A HIS 67 ? 1_555 MG ? B MG . ? A MG 171 ? 1_555 NE2 B A HIS 111 ? A HIS 90  ? 1_555 124.3 ? 
8  ND1 B A HIS 88  ? A HIS 67 ? 1_555 MG ? B MG . ? A MG 171 ? 1_555 NE2 B A HIS 111 ? A HIS 90  ? 1_555 123.1 ? 
9  NE2 ? A HIS 106 ? A HIS 85 ? 8_645 MG ? B MG . ? A MG 171 ? 1_555 NE2 B A HIS 111 ? A HIS 90  ? 1_555 76.1  ? 
10 NE2 A A HIS 111 ? A HIS 90 ? 1_555 MG ? B MG . ? A MG 171 ? 1_555 NE2 B A HIS 111 ? A HIS 90  ? 1_555 0.7   ? 
11 ND1 A A HIS 88  ? A HIS 67 ? 1_555 MG ? B MG . ? A MG 171 ? 1_555 O   ? C HOH .   ? A HOH 197 ? 1_555 94.5  ? 
12 ND1 B A HIS 88  ? A HIS 67 ? 1_555 MG ? B MG . ? A MG 171 ? 1_555 O   ? C HOH .   ? A HOH 197 ? 1_555 94.2  ? 
13 NE2 ? A HIS 106 ? A HIS 85 ? 8_645 MG ? B MG . ? A MG 171 ? 1_555 O   ? C HOH .   ? A HOH 197 ? 1_555 113.0 ? 
14 NE2 A A HIS 111 ? A HIS 90 ? 1_555 MG ? B MG . ? A MG 171 ? 1_555 O   ? C HOH .   ? A HOH 197 ? 1_555 139.6 ? 
15 NE2 B A HIS 111 ? A HIS 90 ? 1_555 MG ? B MG . ? A MG 171 ? 1_555 O   ? C HOH .   ? A HOH 197 ? 1_555 139.4 ? 
# 
loop_
_pdbx_audit_revision_history.ordinal 
_pdbx_audit_revision_history.data_content_type 
_pdbx_audit_revision_history.major_revision 
_pdbx_audit_revision_history.minor_revision 
_pdbx_audit_revision_history.revision_date 
1 'Structure model' 1 0 2009-09-22 
2 'Structure model' 1 1 2011-07-13 
3 'Structure model' 1 2 2023-09-06 
# 
_pdbx_audit_revision_details.ordinal             1 
_pdbx_audit_revision_details.revision_ordinal    1 
_pdbx_audit_revision_details.data_content_type   'Structure model' 
_pdbx_audit_revision_details.provider            repository 
_pdbx_audit_revision_details.type                'Initial release' 
_pdbx_audit_revision_details.description         ? 
_pdbx_audit_revision_details.details             ? 
# 
loop_
_pdbx_audit_revision_group.ordinal 
_pdbx_audit_revision_group.revision_ordinal 
_pdbx_audit_revision_group.data_content_type 
_pdbx_audit_revision_group.group 
1 2 'Structure model' Advisory                    
2 2 'Structure model' 'Version format compliance' 
3 3 'Structure model' 'Data collection'           
4 3 'Structure model' 'Database references'       
5 3 'Structure model' 'Derived calculations'      
6 3 'Structure model' 'Refinement description'    
# 
loop_
_pdbx_audit_revision_category.ordinal 
_pdbx_audit_revision_category.revision_ordinal 
_pdbx_audit_revision_category.data_content_type 
_pdbx_audit_revision_category.category 
1 3 'Structure model' chem_comp_atom                
2 3 'Structure model' chem_comp_bond                
3 3 'Structure model' database_2                    
4 3 'Structure model' pdbx_initial_refinement_model 
5 3 'Structure model' pdbx_struct_conn_angle        
6 3 'Structure model' struct_conn                   
7 3 'Structure model' struct_ref_seq_dif            
8 3 'Structure model' struct_site                   
# 
loop_
_pdbx_audit_revision_item.ordinal 
_pdbx_audit_revision_item.revision_ordinal 
_pdbx_audit_revision_item.data_content_type 
_pdbx_audit_revision_item.item 
1  3 'Structure model' '_database_2.pdbx_DOI'                       
2  3 'Structure model' '_database_2.pdbx_database_accession'        
3  3 'Structure model' '_pdbx_struct_conn_angle.ptnr1_auth_seq_id'  
4  3 'Structure model' '_pdbx_struct_conn_angle.ptnr1_label_alt_id' 
5  3 'Structure model' '_pdbx_struct_conn_angle.ptnr1_label_seq_id' 
6  3 'Structure model' '_pdbx_struct_conn_angle.ptnr1_symmetry'     
7  3 'Structure model' '_pdbx_struct_conn_angle.ptnr3_auth_seq_id'  
8  3 'Structure model' '_pdbx_struct_conn_angle.ptnr3_label_alt_id' 
9  3 'Structure model' '_pdbx_struct_conn_angle.ptnr3_label_seq_id' 
10 3 'Structure model' '_pdbx_struct_conn_angle.ptnr3_symmetry'     
11 3 'Structure model' '_pdbx_struct_conn_angle.value'              
12 3 'Structure model' '_struct_conn.pdbx_dist_value'               
13 3 'Structure model' '_struct_conn.pdbx_ptnr1_label_alt_id'       
14 3 'Structure model' '_struct_conn.ptnr1_auth_seq_id'             
15 3 'Structure model' '_struct_conn.ptnr1_label_seq_id'            
16 3 'Structure model' '_struct_conn.ptnr1_symmetry'                
17 3 'Structure model' '_struct_ref_seq_dif.details'                
18 3 'Structure model' '_struct_site.pdbx_auth_asym_id'             
19 3 'Structure model' '_struct_site.pdbx_auth_comp_id'             
20 3 'Structure model' '_struct_site.pdbx_auth_seq_id'              
# 
loop_
_pdbx_refine_tls.pdbx_refine_id 
_pdbx_refine_tls.id 
_pdbx_refine_tls.details 
_pdbx_refine_tls.method 
_pdbx_refine_tls.origin_x 
_pdbx_refine_tls.origin_y 
_pdbx_refine_tls.origin_z 
_pdbx_refine_tls.T[1][1] 
_pdbx_refine_tls.T[2][2] 
_pdbx_refine_tls.T[3][3] 
_pdbx_refine_tls.T[1][2] 
_pdbx_refine_tls.T[1][3] 
_pdbx_refine_tls.T[2][3] 
_pdbx_refine_tls.L[1][1] 
_pdbx_refine_tls.L[2][2] 
_pdbx_refine_tls.L[3][3] 
_pdbx_refine_tls.L[1][2] 
_pdbx_refine_tls.L[1][3] 
_pdbx_refine_tls.L[2][3] 
_pdbx_refine_tls.S[1][1] 
_pdbx_refine_tls.S[2][2] 
_pdbx_refine_tls.S[3][3] 
_pdbx_refine_tls.S[1][2] 
_pdbx_refine_tls.S[1][3] 
_pdbx_refine_tls.S[2][3] 
_pdbx_refine_tls.S[2][1] 
_pdbx_refine_tls.S[3][1] 
_pdbx_refine_tls.S[3][2] 
'X-RAY DIFFRACTION' 1 ? refined -13.3310 0.3458  12.7849  0.0372 0.0759 0.0665 0.0012  0.0322  0.0485  8.6424 3.8129 1.5931 -1.0981 -1.2456 0.1414  -0.1008 0.0647  0.0360  -0.4309 -0.2991 0.3099  0.3561  0.0693  0.0018  
'X-RAY DIFFRACTION' 2 ? refined -3.4417  -0.7660 7.4740   0.0262 0.0084 0.0485 -0.0053 -0.0009 0.0105  1.6200 1.3594 0.8510 -0.5774 -0.1460 -0.0378 -0.0045 0.0074  -0.0030 -0.0761 -0.1402 0.1311  0.0647  0.0911  -0.0433 
'X-RAY DIFFRACTION' 3 ? refined 0.2026   1.5387  -5.9539  0.0277 0.0220 0.0447 0.0140  -0.0209 -0.0076 0.8466 1.3934 1.6029 -0.1164 -0.1056 0.2980  0.0747  -0.0469 -0.0277 0.0697  -0.0377 0.1159  -0.0684 0.0303  -0.1011 
'X-RAY DIFFRACTION' 4 ? refined 7.0657   2.7369  -15.7942 0.1105 0.0504 0.0071 0.0312  0.0026  -0.0029 2.1486 2.5376 0.7129 -1.1059 -0.4550 -0.2617 0.1107  -0.0720 -0.0387 0.2541  0.0515  -0.0629 -0.3057 -0.0386 -0.0328 
'X-RAY DIFFRACTION' 5 ? refined 13.8815  -8.1906 -3.5915  0.0624 0.0261 0.0359 0.0221  -0.0147 -0.0126 2.2605 0.2071 9.5318 -0.0448 -3.0914 0.0726  -0.0343 0.0115  0.0228  -0.1857 -0.0262 0.0023  -0.0074 0.1403  0.3561  
'X-RAY DIFFRACTION' 6 ? refined 8.5964   -6.6347 12.1501  0.0650 0.0579 0.0536 0.0218  -0.0001 0.0250  1.6407 7.7297 3.8448 0.3861  2.3676  1.6380  0.0485  0.0165  -0.0650 -0.1346 -0.1000 0.2197  0.4131  0.1830  -0.0748  
# 
loop_
_pdbx_refine_tls_group.pdbx_refine_id 
_pdbx_refine_tls_group.id 
_pdbx_refine_tls_group.refine_tls_id 
_pdbx_refine_tls_group.beg_auth_asym_id 
_pdbx_refine_tls_group.beg_auth_seq_id 
_pdbx_refine_tls_group.end_auth_asym_id 
_pdbx_refine_tls_group.end_auth_seq_id 
_pdbx_refine_tls_group.selection_details 
_pdbx_refine_tls_group.beg_label_asym_id 
_pdbx_refine_tls_group.beg_label_seq_id 
_pdbx_refine_tls_group.end_label_asym_id 
_pdbx_refine_tls_group.end_label_seq_id 
_pdbx_refine_tls_group.selection 
'X-RAY DIFFRACTION' 1 1 A 1   A 15  ? . . . . ? 
'X-RAY DIFFRACTION' 2 2 A 16  A 67  ? . . . . ? 
'X-RAY DIFFRACTION' 3 3 A 68  A 126 ? . . . . ? 
'X-RAY DIFFRACTION' 4 4 A 127 A 148 ? . . . . ? 
'X-RAY DIFFRACTION' 5 5 A 149 A 160 ? . . . . ? 
'X-RAY DIFFRACTION' 6 6 A 161 A 170 ? . . . . ? 
# 
_pdbx_phasing_MR.entry_id                     3IXC 
_pdbx_phasing_MR.method_rotation              ? 
_pdbx_phasing_MR.method_translation           ? 
_pdbx_phasing_MR.model_details                'Phaser MODE: MR_AUTO' 
_pdbx_phasing_MR.R_factor                     51.230 
_pdbx_phasing_MR.R_rigid_body                 ? 
_pdbx_phasing_MR.correlation_coeff_Fo_to_Fc   ? 
_pdbx_phasing_MR.correlation_coeff_Io_to_Ic   ? 
_pdbx_phasing_MR.d_res_high_rotation          2.500 
_pdbx_phasing_MR.d_res_low_rotation           30.700 
_pdbx_phasing_MR.d_res_high_translation       2.500 
_pdbx_phasing_MR.d_res_low_translation        30.700 
_pdbx_phasing_MR.packing                      ? 
_pdbx_phasing_MR.reflns_percent_rotation      ? 
_pdbx_phasing_MR.reflns_percent_translation   ? 
_pdbx_phasing_MR.sigma_F_rotation             ? 
_pdbx_phasing_MR.sigma_F_translation          ? 
_pdbx_phasing_MR.sigma_I_rotation             ? 
_pdbx_phasing_MR.sigma_I_translation          ? 
# 
_phasing.method   MR 
# 
loop_
_software.pdbx_ordinal 
_software.name 
_software.version 
_software.date 
_software.type 
_software.contact_author 
_software.contact_author_email 
_software.classification 
_software.location 
_software.language 
_software.citation_id 
1 PHASER      2.1.4 'Wed Jun 24 14:00:05 2009' program 'Randy J. Read'      cimr-phaser@lists.cam.ac.uk phasing           
http://www-structmed.cimr.cam.ac.uk/phaser/  ?          ? 
2 REFMAC      .     ?                          program 'Garib N. Murshudov' garib@ysbl.york.ac.uk       refinement        
http://www.ccp4.ac.uk/dist/html/refmac5.html Fortran_77 ? 
3 PDB_EXTRACT 3.005 'June 11, 2008'            package PDB                  help@deposit.rcsb.org       'data extraction' 
http://sw-tools.pdb.org/apps/PDB_EXTRACT/    C++        ? 
4 HKL-2000    .     ?                          ?       ?                    ?                           'data reduction'  ? ? ? 
5 HKL-2000    .     ?                          ?       ?                    ?                           'data scaling'    ? ? ? 
# 
_pdbx_entry_details.entry_id                 3IXC 
_pdbx_entry_details.nonpolymer_details       
;THE METAL ION AT RESIDUE 171 IN CHAIN A IS UNKNOWN
BUT SUSPECTED TO BE MG2+ BASED ON SOME EVIDENCE.
;
_pdbx_entry_details.compound_details         ? 
_pdbx_entry_details.source_details           ? 
_pdbx_entry_details.sequence_details         ? 
_pdbx_entry_details.has_ligand_of_interest   ? 
# 
loop_
_pdbx_validate_torsion.id 
_pdbx_validate_torsion.PDB_model_num 
_pdbx_validate_torsion.auth_comp_id 
_pdbx_validate_torsion.auth_asym_id 
_pdbx_validate_torsion.auth_seq_id 
_pdbx_validate_torsion.PDB_ins_code 
_pdbx_validate_torsion.label_alt_id 
_pdbx_validate_torsion.phi 
_pdbx_validate_torsion.psi 
1 1 HIS A 90  ? B -100.02 -159.77 
2 1 ALA A 91  ? ? 4.60    64.41   
3 1 ALA A 91  ? ? -51.14  64.41   
4 1 ARG A 109 ? ? 73.89   -3.28   
5 1 TYR A 169 ? ? -93.63  -64.09  
# 
loop_
_pdbx_unobs_or_zero_occ_atoms.id 
_pdbx_unobs_or_zero_occ_atoms.PDB_model_num 
_pdbx_unobs_or_zero_occ_atoms.polymer_flag 
_pdbx_unobs_or_zero_occ_atoms.occupancy_flag 
_pdbx_unobs_or_zero_occ_atoms.auth_asym_id 
_pdbx_unobs_or_zero_occ_atoms.auth_comp_id 
_pdbx_unobs_or_zero_occ_atoms.auth_seq_id 
_pdbx_unobs_or_zero_occ_atoms.PDB_ins_code 
_pdbx_unobs_or_zero_occ_atoms.auth_atom_id 
_pdbx_unobs_or_zero_occ_atoms.label_alt_id 
_pdbx_unobs_or_zero_occ_atoms.label_asym_id 
_pdbx_unobs_or_zero_occ_atoms.label_comp_id 
_pdbx_unobs_or_zero_occ_atoms.label_seq_id 
_pdbx_unobs_or_zero_occ_atoms.label_atom_id 
1  1 Y 1 A MET 1  ? CG  ? A MET 22 CG  
2  1 Y 1 A MET 1  ? SD  ? A MET 22 SD  
3  1 Y 1 A MET 1  ? CE  ? A MET 22 CE  
4  1 Y 1 A ARG 2  ? CG  ? A ARG 23 CG  
5  1 Y 1 A ARG 2  ? CD  ? A ARG 23 CD  
6  1 Y 1 A ARG 2  ? NE  ? A ARG 23 NE  
7  1 Y 1 A ARG 2  ? CZ  ? A ARG 23 CZ  
8  1 Y 1 A ARG 2  ? NH1 ? A ARG 23 NH1 
9  1 Y 1 A ARG 2  ? NH2 ? A ARG 23 NH2 
10 1 Y 1 A GLU 3  ? CG  ? A GLU 24 CG  
11 1 Y 1 A GLU 3  ? CD  ? A GLU 24 CD  
12 1 Y 1 A GLU 3  ? OE1 ? A GLU 24 OE1 
13 1 Y 1 A GLU 3  ? OE2 ? A GLU 24 OE2 
14 1 Y 1 A ASP 50 ? CG  ? A ASP 71 CG  
15 1 Y 1 A ASP 50 ? OD1 ? A ASP 71 OD1 
16 1 Y 1 A ASP 50 ? OD2 ? A ASP 71 OD2 
# 
loop_
_pdbx_unobs_or_zero_occ_residues.id 
_pdbx_unobs_or_zero_occ_residues.PDB_model_num 
_pdbx_unobs_or_zero_occ_residues.polymer_flag 
_pdbx_unobs_or_zero_occ_residues.occupancy_flag 
_pdbx_unobs_or_zero_occ_residues.auth_asym_id 
_pdbx_unobs_or_zero_occ_residues.auth_comp_id 
_pdbx_unobs_or_zero_occ_residues.auth_seq_id 
_pdbx_unobs_or_zero_occ_residues.PDB_ins_code 
_pdbx_unobs_or_zero_occ_residues.label_asym_id 
_pdbx_unobs_or_zero_occ_residues.label_comp_id 
_pdbx_unobs_or_zero_occ_residues.label_seq_id 
1  1 Y 1 A MET -20 ? A MET 1  
2  1 Y 1 A ALA -19 ? A ALA 2  
3  1 Y 1 A HIS -18 ? A HIS 3  
4  1 Y 1 A HIS -17 ? A HIS 4  
5  1 Y 1 A HIS -16 ? A HIS 5  
6  1 Y 1 A HIS -15 ? A HIS 6  
7  1 Y 1 A HIS -14 ? A HIS 7  
8  1 Y 1 A HIS -13 ? A HIS 8  
9  1 Y 1 A MET -12 ? A MET 9  
10 1 Y 1 A GLY -11 ? A GLY 10 
11 1 Y 1 A THR -10 ? A THR 11 
12 1 Y 1 A LEU -9  ? A LEU 12 
13 1 Y 1 A GLU -8  ? A GLU 13 
14 1 Y 1 A ALA -7  ? A ALA 14 
15 1 Y 1 A GLN -6  ? A GLN 15 
16 1 Y 1 A THR -5  ? A THR 16 
17 1 Y 1 A GLN -4  ? A GLN 17 
18 1 Y 1 A GLY -3  ? A GLY 18 
19 1 Y 1 A PRO -2  ? A PRO 19 
20 1 Y 1 A GLY -1  ? A GLY 20 
21 1 Y 1 A SER 0   ? A SER 21 
22 1 Y 1 A ASP 69  ? A ASP 90 
23 1 Y 1 A SER 70  ? A SER 91 
24 1 Y 1 A MET 71  ? A MET 92 
25 1 Y 1 A HIS 72  ? A HIS 93 
# 
loop_
_chem_comp_atom.comp_id 
_chem_comp_atom.atom_id 
_chem_comp_atom.type_symbol 
_chem_comp_atom.pdbx_aromatic_flag 
_chem_comp_atom.pdbx_stereo_config 
_chem_comp_atom.pdbx_ordinal 
ALA N    N  N N 1   
ALA CA   C  N S 2   
ALA C    C  N N 3   
ALA O    O  N N 4   
ALA CB   C  N N 5   
ALA OXT  O  N N 6   
ALA H    H  N N 7   
ALA H2   H  N N 8   
ALA HA   H  N N 9   
ALA HB1  H  N N 10  
ALA HB2  H  N N 11  
ALA HB3  H  N N 12  
ALA HXT  H  N N 13  
ARG N    N  N N 14  
ARG CA   C  N S 15  
ARG C    C  N N 16  
ARG O    O  N N 17  
ARG CB   C  N N 18  
ARG CG   C  N N 19  
ARG CD   C  N N 20  
ARG NE   N  N N 21  
ARG CZ   C  N N 22  
ARG NH1  N  N N 23  
ARG NH2  N  N N 24  
ARG OXT  O  N N 25  
ARG H    H  N N 26  
ARG H2   H  N N 27  
ARG HA   H  N N 28  
ARG HB2  H  N N 29  
ARG HB3  H  N N 30  
ARG HG2  H  N N 31  
ARG HG3  H  N N 32  
ARG HD2  H  N N 33  
ARG HD3  H  N N 34  
ARG HE   H  N N 35  
ARG HH11 H  N N 36  
ARG HH12 H  N N 37  
ARG HH21 H  N N 38  
ARG HH22 H  N N 39  
ARG HXT  H  N N 40  
ASN N    N  N N 41  
ASN CA   C  N S 42  
ASN C    C  N N 43  
ASN O    O  N N 44  
ASN CB   C  N N 45  
ASN CG   C  N N 46  
ASN OD1  O  N N 47  
ASN ND2  N  N N 48  
ASN OXT  O  N N 49  
ASN H    H  N N 50  
ASN H2   H  N N 51  
ASN HA   H  N N 52  
ASN HB2  H  N N 53  
ASN HB3  H  N N 54  
ASN HD21 H  N N 55  
ASN HD22 H  N N 56  
ASN HXT  H  N N 57  
ASP N    N  N N 58  
ASP CA   C  N S 59  
ASP C    C  N N 60  
ASP O    O  N N 61  
ASP CB   C  N N 62  
ASP CG   C  N N 63  
ASP OD1  O  N N 64  
ASP OD2  O  N N 65  
ASP OXT  O  N N 66  
ASP H    H  N N 67  
ASP H2   H  N N 68  
ASP HA   H  N N 69  
ASP HB2  H  N N 70  
ASP HB3  H  N N 71  
ASP HD2  H  N N 72  
ASP HXT  H  N N 73  
CYS N    N  N N 74  
CYS CA   C  N R 75  
CYS C    C  N N 76  
CYS O    O  N N 77  
CYS CB   C  N N 78  
CYS SG   S  N N 79  
CYS OXT  O  N N 80  
CYS H    H  N N 81  
CYS H2   H  N N 82  
CYS HA   H  N N 83  
CYS HB2  H  N N 84  
CYS HB3  H  N N 85  
CYS HG   H  N N 86  
CYS HXT  H  N N 87  
GLN N    N  N N 88  
GLN CA   C  N S 89  
GLN C    C  N N 90  
GLN O    O  N N 91  
GLN CB   C  N N 92  
GLN CG   C  N N 93  
GLN CD   C  N N 94  
GLN OE1  O  N N 95  
GLN NE2  N  N N 96  
GLN OXT  O  N N 97  
GLN H    H  N N 98  
GLN H2   H  N N 99  
GLN HA   H  N N 100 
GLN HB2  H  N N 101 
GLN HB3  H  N N 102 
GLN HG2  H  N N 103 
GLN HG3  H  N N 104 
GLN HE21 H  N N 105 
GLN HE22 H  N N 106 
GLN HXT  H  N N 107 
GLU N    N  N N 108 
GLU CA   C  N S 109 
GLU C    C  N N 110 
GLU O    O  N N 111 
GLU CB   C  N N 112 
GLU CG   C  N N 113 
GLU CD   C  N N 114 
GLU OE1  O  N N 115 
GLU OE2  O  N N 116 
GLU OXT  O  N N 117 
GLU H    H  N N 118 
GLU H2   H  N N 119 
GLU HA   H  N N 120 
GLU HB2  H  N N 121 
GLU HB3  H  N N 122 
GLU HG2  H  N N 123 
GLU HG3  H  N N 124 
GLU HE2  H  N N 125 
GLU HXT  H  N N 126 
GLY N    N  N N 127 
GLY CA   C  N N 128 
GLY C    C  N N 129 
GLY O    O  N N 130 
GLY OXT  O  N N 131 
GLY H    H  N N 132 
GLY H2   H  N N 133 
GLY HA2  H  N N 134 
GLY HA3  H  N N 135 
GLY HXT  H  N N 136 
HIS N    N  N N 137 
HIS CA   C  N S 138 
HIS C    C  N N 139 
HIS O    O  N N 140 
HIS CB   C  N N 141 
HIS CG   C  Y N 142 
HIS ND1  N  Y N 143 
HIS CD2  C  Y N 144 
HIS CE1  C  Y N 145 
HIS NE2  N  Y N 146 
HIS OXT  O  N N 147 
HIS H    H  N N 148 
HIS H2   H  N N 149 
HIS HA   H  N N 150 
HIS HB2  H  N N 151 
HIS HB3  H  N N 152 
HIS HD1  H  N N 153 
HIS HD2  H  N N 154 
HIS HE1  H  N N 155 
HIS HE2  H  N N 156 
HIS HXT  H  N N 157 
HOH O    O  N N 158 
HOH H1   H  N N 159 
HOH H2   H  N N 160 
ILE N    N  N N 161 
ILE CA   C  N S 162 
ILE C    C  N N 163 
ILE O    O  N N 164 
ILE CB   C  N S 165 
ILE CG1  C  N N 166 
ILE CG2  C  N N 167 
ILE CD1  C  N N 168 
ILE OXT  O  N N 169 
ILE H    H  N N 170 
ILE H2   H  N N 171 
ILE HA   H  N N 172 
ILE HB   H  N N 173 
ILE HG12 H  N N 174 
ILE HG13 H  N N 175 
ILE HG21 H  N N 176 
ILE HG22 H  N N 177 
ILE HG23 H  N N 178 
ILE HD11 H  N N 179 
ILE HD12 H  N N 180 
ILE HD13 H  N N 181 
ILE HXT  H  N N 182 
LEU N    N  N N 183 
LEU CA   C  N S 184 
LEU C    C  N N 185 
LEU O    O  N N 186 
LEU CB   C  N N 187 
LEU CG   C  N N 188 
LEU CD1  C  N N 189 
LEU CD2  C  N N 190 
LEU OXT  O  N N 191 
LEU H    H  N N 192 
LEU H2   H  N N 193 
LEU HA   H  N N 194 
LEU HB2  H  N N 195 
LEU HB3  H  N N 196 
LEU HG   H  N N 197 
LEU HD11 H  N N 198 
LEU HD12 H  N N 199 
LEU HD13 H  N N 200 
LEU HD21 H  N N 201 
LEU HD22 H  N N 202 
LEU HD23 H  N N 203 
LEU HXT  H  N N 204 
LYS N    N  N N 205 
LYS CA   C  N S 206 
LYS C    C  N N 207 
LYS O    O  N N 208 
LYS CB   C  N N 209 
LYS CG   C  N N 210 
LYS CD   C  N N 211 
LYS CE   C  N N 212 
LYS NZ   N  N N 213 
LYS OXT  O  N N 214 
LYS H    H  N N 215 
LYS H2   H  N N 216 
LYS HA   H  N N 217 
LYS HB2  H  N N 218 
LYS HB3  H  N N 219 
LYS HG2  H  N N 220 
LYS HG3  H  N N 221 
LYS HD2  H  N N 222 
LYS HD3  H  N N 223 
LYS HE2  H  N N 224 
LYS HE3  H  N N 225 
LYS HZ1  H  N N 226 
LYS HZ2  H  N N 227 
LYS HZ3  H  N N 228 
LYS HXT  H  N N 229 
MET N    N  N N 230 
MET CA   C  N S 231 
MET C    C  N N 232 
MET O    O  N N 233 
MET CB   C  N N 234 
MET CG   C  N N 235 
MET SD   S  N N 236 
MET CE   C  N N 237 
MET OXT  O  N N 238 
MET H    H  N N 239 
MET H2   H  N N 240 
MET HA   H  N N 241 
MET HB2  H  N N 242 
MET HB3  H  N N 243 
MET HG2  H  N N 244 
MET HG3  H  N N 245 
MET HE1  H  N N 246 
MET HE2  H  N N 247 
MET HE3  H  N N 248 
MET HXT  H  N N 249 
MG  MG   MG N N 250 
PHE N    N  N N 251 
PHE CA   C  N S 252 
PHE C    C  N N 253 
PHE O    O  N N 254 
PHE CB   C  N N 255 
PHE CG   C  Y N 256 
PHE CD1  C  Y N 257 
PHE CD2  C  Y N 258 
PHE CE1  C  Y N 259 
PHE CE2  C  Y N 260 
PHE CZ   C  Y N 261 
PHE OXT  O  N N 262 
PHE H    H  N N 263 
PHE H2   H  N N 264 
PHE HA   H  N N 265 
PHE HB2  H  N N 266 
PHE HB3  H  N N 267 
PHE HD1  H  N N 268 
PHE HD2  H  N N 269 
PHE HE1  H  N N 270 
PHE HE2  H  N N 271 
PHE HZ   H  N N 272 
PHE HXT  H  N N 273 
PRO N    N  N N 274 
PRO CA   C  N S 275 
PRO C    C  N N 276 
PRO O    O  N N 277 
PRO CB   C  N N 278 
PRO CG   C  N N 279 
PRO CD   C  N N 280 
PRO OXT  O  N N 281 
PRO H    H  N N 282 
PRO HA   H  N N 283 
PRO HB2  H  N N 284 
PRO HB3  H  N N 285 
PRO HG2  H  N N 286 
PRO HG3  H  N N 287 
PRO HD2  H  N N 288 
PRO HD3  H  N N 289 
PRO HXT  H  N N 290 
SER N    N  N N 291 
SER CA   C  N S 292 
SER C    C  N N 293 
SER O    O  N N 294 
SER CB   C  N N 295 
SER OG   O  N N 296 
SER OXT  O  N N 297 
SER H    H  N N 298 
SER H2   H  N N 299 
SER HA   H  N N 300 
SER HB2  H  N N 301 
SER HB3  H  N N 302 
SER HG   H  N N 303 
SER HXT  H  N N 304 
THR N    N  N N 305 
THR CA   C  N S 306 
THR C    C  N N 307 
THR O    O  N N 308 
THR CB   C  N R 309 
THR OG1  O  N N 310 
THR CG2  C  N N 311 
THR OXT  O  N N 312 
THR H    H  N N 313 
THR H2   H  N N 314 
THR HA   H  N N 315 
THR HB   H  N N 316 
THR HG1  H  N N 317 
THR HG21 H  N N 318 
THR HG22 H  N N 319 
THR HG23 H  N N 320 
THR HXT  H  N N 321 
TRP N    N  N N 322 
TRP CA   C  N S 323 
TRP C    C  N N 324 
TRP O    O  N N 325 
TRP CB   C  N N 326 
TRP CG   C  Y N 327 
TRP CD1  C  Y N 328 
TRP CD2  C  Y N 329 
TRP NE1  N  Y N 330 
TRP CE2  C  Y N 331 
TRP CE3  C  Y N 332 
TRP CZ2  C  Y N 333 
TRP CZ3  C  Y N 334 
TRP CH2  C  Y N 335 
TRP OXT  O  N N 336 
TRP H    H  N N 337 
TRP H2   H  N N 338 
TRP HA   H  N N 339 
TRP HB2  H  N N 340 
TRP HB3  H  N N 341 
TRP HD1  H  N N 342 
TRP HE1  H  N N 343 
TRP HE3  H  N N 344 
TRP HZ2  H  N N 345 
TRP HZ3  H  N N 346 
TRP HH2  H  N N 347 
TRP HXT  H  N N 348 
TYR N    N  N N 349 
TYR CA   C  N S 350 
TYR C    C  N N 351 
TYR O    O  N N 352 
TYR CB   C  N N 353 
TYR CG   C  Y N 354 
TYR CD1  C  Y N 355 
TYR CD2  C  Y N 356 
TYR CE1  C  Y N 357 
TYR CE2  C  Y N 358 
TYR CZ   C  Y N 359 
TYR OH   O  N N 360 
TYR OXT  O  N N 361 
TYR H    H  N N 362 
TYR H2   H  N N 363 
TYR HA   H  N N 364 
TYR HB2  H  N N 365 
TYR HB3  H  N N 366 
TYR HD1  H  N N 367 
TYR HD2  H  N N 368 
TYR HE1  H  N N 369 
TYR HE2  H  N N 370 
TYR HH   H  N N 371 
TYR HXT  H  N N 372 
VAL N    N  N N 373 
VAL CA   C  N S 374 
VAL C    C  N N 375 
VAL O    O  N N 376 
VAL CB   C  N N 377 
VAL CG1  C  N N 378 
VAL CG2  C  N N 379 
VAL OXT  O  N N 380 
VAL H    H  N N 381 
VAL H2   H  N N 382 
VAL HA   H  N N 383 
VAL HB   H  N N 384 
VAL HG11 H  N N 385 
VAL HG12 H  N N 386 
VAL HG13 H  N N 387 
VAL HG21 H  N N 388 
VAL HG22 H  N N 389 
VAL HG23 H  N N 390 
VAL HXT  H  N N 391 
# 
loop_
_chem_comp_bond.comp_id 
_chem_comp_bond.atom_id_1 
_chem_comp_bond.atom_id_2 
_chem_comp_bond.value_order 
_chem_comp_bond.pdbx_aromatic_flag 
_chem_comp_bond.pdbx_stereo_config 
_chem_comp_bond.pdbx_ordinal 
ALA N   CA   sing N N 1   
ALA N   H    sing N N 2   
ALA N   H2   sing N N 3   
ALA CA  C    sing N N 4   
ALA CA  CB   sing N N 5   
ALA CA  HA   sing N N 6   
ALA C   O    doub N N 7   
ALA C   OXT  sing N N 8   
ALA CB  HB1  sing N N 9   
ALA CB  HB2  sing N N 10  
ALA CB  HB3  sing N N 11  
ALA OXT HXT  sing N N 12  
ARG N   CA   sing N N 13  
ARG N   H    sing N N 14  
ARG N   H2   sing N N 15  
ARG CA  C    sing N N 16  
ARG CA  CB   sing N N 17  
ARG CA  HA   sing N N 18  
ARG C   O    doub N N 19  
ARG C   OXT  sing N N 20  
ARG CB  CG   sing N N 21  
ARG CB  HB2  sing N N 22  
ARG CB  HB3  sing N N 23  
ARG CG  CD   sing N N 24  
ARG CG  HG2  sing N N 25  
ARG CG  HG3  sing N N 26  
ARG CD  NE   sing N N 27  
ARG CD  HD2  sing N N 28  
ARG CD  HD3  sing N N 29  
ARG NE  CZ   sing N N 30  
ARG NE  HE   sing N N 31  
ARG CZ  NH1  sing N N 32  
ARG CZ  NH2  doub N N 33  
ARG NH1 HH11 sing N N 34  
ARG NH1 HH12 sing N N 35  
ARG NH2 HH21 sing N N 36  
ARG NH2 HH22 sing N N 37  
ARG OXT HXT  sing N N 38  
ASN N   CA   sing N N 39  
ASN N   H    sing N N 40  
ASN N   H2   sing N N 41  
ASN CA  C    sing N N 42  
ASN CA  CB   sing N N 43  
ASN CA  HA   sing N N 44  
ASN C   O    doub N N 45  
ASN C   OXT  sing N N 46  
ASN CB  CG   sing N N 47  
ASN CB  HB2  sing N N 48  
ASN CB  HB3  sing N N 49  
ASN CG  OD1  doub N N 50  
ASN CG  ND2  sing N N 51  
ASN ND2 HD21 sing N N 52  
ASN ND2 HD22 sing N N 53  
ASN OXT HXT  sing N N 54  
ASP N   CA   sing N N 55  
ASP N   H    sing N N 56  
ASP N   H2   sing N N 57  
ASP CA  C    sing N N 58  
ASP CA  CB   sing N N 59  
ASP CA  HA   sing N N 60  
ASP C   O    doub N N 61  
ASP C   OXT  sing N N 62  
ASP CB  CG   sing N N 63  
ASP CB  HB2  sing N N 64  
ASP CB  HB3  sing N N 65  
ASP CG  OD1  doub N N 66  
ASP CG  OD2  sing N N 67  
ASP OD2 HD2  sing N N 68  
ASP OXT HXT  sing N N 69  
CYS N   CA   sing N N 70  
CYS N   H    sing N N 71  
CYS N   H2   sing N N 72  
CYS CA  C    sing N N 73  
CYS CA  CB   sing N N 74  
CYS CA  HA   sing N N 75  
CYS C   O    doub N N 76  
CYS C   OXT  sing N N 77  
CYS CB  SG   sing N N 78  
CYS CB  HB2  sing N N 79  
CYS CB  HB3  sing N N 80  
CYS SG  HG   sing N N 81  
CYS OXT HXT  sing N N 82  
GLN N   CA   sing N N 83  
GLN N   H    sing N N 84  
GLN N   H2   sing N N 85  
GLN CA  C    sing N N 86  
GLN CA  CB   sing N N 87  
GLN CA  HA   sing N N 88  
GLN C   O    doub N N 89  
GLN C   OXT  sing N N 90  
GLN CB  CG   sing N N 91  
GLN CB  HB2  sing N N 92  
GLN CB  HB3  sing N N 93  
GLN CG  CD   sing N N 94  
GLN CG  HG2  sing N N 95  
GLN CG  HG3  sing N N 96  
GLN CD  OE1  doub N N 97  
GLN CD  NE2  sing N N 98  
GLN NE2 HE21 sing N N 99  
GLN NE2 HE22 sing N N 100 
GLN OXT HXT  sing N N 101 
GLU N   CA   sing N N 102 
GLU N   H    sing N N 103 
GLU N   H2   sing N N 104 
GLU CA  C    sing N N 105 
GLU CA  CB   sing N N 106 
GLU CA  HA   sing N N 107 
GLU C   O    doub N N 108 
GLU C   OXT  sing N N 109 
GLU CB  CG   sing N N 110 
GLU CB  HB2  sing N N 111 
GLU CB  HB3  sing N N 112 
GLU CG  CD   sing N N 113 
GLU CG  HG2  sing N N 114 
GLU CG  HG3  sing N N 115 
GLU CD  OE1  doub N N 116 
GLU CD  OE2  sing N N 117 
GLU OE2 HE2  sing N N 118 
GLU OXT HXT  sing N N 119 
GLY N   CA   sing N N 120 
GLY N   H    sing N N 121 
GLY N   H2   sing N N 122 
GLY CA  C    sing N N 123 
GLY CA  HA2  sing N N 124 
GLY CA  HA3  sing N N 125 
GLY C   O    doub N N 126 
GLY C   OXT  sing N N 127 
GLY OXT HXT  sing N N 128 
HIS N   CA   sing N N 129 
HIS N   H    sing N N 130 
HIS N   H2   sing N N 131 
HIS CA  C    sing N N 132 
HIS CA  CB   sing N N 133 
HIS CA  HA   sing N N 134 
HIS C   O    doub N N 135 
HIS C   OXT  sing N N 136 
HIS CB  CG   sing N N 137 
HIS CB  HB2  sing N N 138 
HIS CB  HB3  sing N N 139 
HIS CG  ND1  sing Y N 140 
HIS CG  CD2  doub Y N 141 
HIS ND1 CE1  doub Y N 142 
HIS ND1 HD1  sing N N 143 
HIS CD2 NE2  sing Y N 144 
HIS CD2 HD2  sing N N 145 
HIS CE1 NE2  sing Y N 146 
HIS CE1 HE1  sing N N 147 
HIS NE2 HE2  sing N N 148 
HIS OXT HXT  sing N N 149 
HOH O   H1   sing N N 150 
HOH O   H2   sing N N 151 
ILE N   CA   sing N N 152 
ILE N   H    sing N N 153 
ILE N   H2   sing N N 154 
ILE CA  C    sing N N 155 
ILE CA  CB   sing N N 156 
ILE CA  HA   sing N N 157 
ILE C   O    doub N N 158 
ILE C   OXT  sing N N 159 
ILE CB  CG1  sing N N 160 
ILE CB  CG2  sing N N 161 
ILE CB  HB   sing N N 162 
ILE CG1 CD1  sing N N 163 
ILE CG1 HG12 sing N N 164 
ILE CG1 HG13 sing N N 165 
ILE CG2 HG21 sing N N 166 
ILE CG2 HG22 sing N N 167 
ILE CG2 HG23 sing N N 168 
ILE CD1 HD11 sing N N 169 
ILE CD1 HD12 sing N N 170 
ILE CD1 HD13 sing N N 171 
ILE OXT HXT  sing N N 172 
LEU N   CA   sing N N 173 
LEU N   H    sing N N 174 
LEU N   H2   sing N N 175 
LEU CA  C    sing N N 176 
LEU CA  CB   sing N N 177 
LEU CA  HA   sing N N 178 
LEU C   O    doub N N 179 
LEU C   OXT  sing N N 180 
LEU CB  CG   sing N N 181 
LEU CB  HB2  sing N N 182 
LEU CB  HB3  sing N N 183 
LEU CG  CD1  sing N N 184 
LEU CG  CD2  sing N N 185 
LEU CG  HG   sing N N 186 
LEU CD1 HD11 sing N N 187 
LEU CD1 HD12 sing N N 188 
LEU CD1 HD13 sing N N 189 
LEU CD2 HD21 sing N N 190 
LEU CD2 HD22 sing N N 191 
LEU CD2 HD23 sing N N 192 
LEU OXT HXT  sing N N 193 
LYS N   CA   sing N N 194 
LYS N   H    sing N N 195 
LYS N   H2   sing N N 196 
LYS CA  C    sing N N 197 
LYS CA  CB   sing N N 198 
LYS CA  HA   sing N N 199 
LYS C   O    doub N N 200 
LYS C   OXT  sing N N 201 
LYS CB  CG   sing N N 202 
LYS CB  HB2  sing N N 203 
LYS CB  HB3  sing N N 204 
LYS CG  CD   sing N N 205 
LYS CG  HG2  sing N N 206 
LYS CG  HG3  sing N N 207 
LYS CD  CE   sing N N 208 
LYS CD  HD2  sing N N 209 
LYS CD  HD3  sing N N 210 
LYS CE  NZ   sing N N 211 
LYS CE  HE2  sing N N 212 
LYS CE  HE3  sing N N 213 
LYS NZ  HZ1  sing N N 214 
LYS NZ  HZ2  sing N N 215 
LYS NZ  HZ3  sing N N 216 
LYS OXT HXT  sing N N 217 
MET N   CA   sing N N 218 
MET N   H    sing N N 219 
MET N   H2   sing N N 220 
MET CA  C    sing N N 221 
MET CA  CB   sing N N 222 
MET CA  HA   sing N N 223 
MET C   O    doub N N 224 
MET C   OXT  sing N N 225 
MET CB  CG   sing N N 226 
MET CB  HB2  sing N N 227 
MET CB  HB3  sing N N 228 
MET CG  SD   sing N N 229 
MET CG  HG2  sing N N 230 
MET CG  HG3  sing N N 231 
MET SD  CE   sing N N 232 
MET CE  HE1  sing N N 233 
MET CE  HE2  sing N N 234 
MET CE  HE3  sing N N 235 
MET OXT HXT  sing N N 236 
PHE N   CA   sing N N 237 
PHE N   H    sing N N 238 
PHE N   H2   sing N N 239 
PHE CA  C    sing N N 240 
PHE CA  CB   sing N N 241 
PHE CA  HA   sing N N 242 
PHE C   O    doub N N 243 
PHE C   OXT  sing N N 244 
PHE CB  CG   sing N N 245 
PHE CB  HB2  sing N N 246 
PHE CB  HB3  sing N N 247 
PHE CG  CD1  doub Y N 248 
PHE CG  CD2  sing Y N 249 
PHE CD1 CE1  sing Y N 250 
PHE CD1 HD1  sing N N 251 
PHE CD2 CE2  doub Y N 252 
PHE CD2 HD2  sing N N 253 
PHE CE1 CZ   doub Y N 254 
PHE CE1 HE1  sing N N 255 
PHE CE2 CZ   sing Y N 256 
PHE CE2 HE2  sing N N 257 
PHE CZ  HZ   sing N N 258 
PHE OXT HXT  sing N N 259 
PRO N   CA   sing N N 260 
PRO N   CD   sing N N 261 
PRO N   H    sing N N 262 
PRO CA  C    sing N N 263 
PRO CA  CB   sing N N 264 
PRO CA  HA   sing N N 265 
PRO C   O    doub N N 266 
PRO C   OXT  sing N N 267 
PRO CB  CG   sing N N 268 
PRO CB  HB2  sing N N 269 
PRO CB  HB3  sing N N 270 
PRO CG  CD   sing N N 271 
PRO CG  HG2  sing N N 272 
PRO CG  HG3  sing N N 273 
PRO CD  HD2  sing N N 274 
PRO CD  HD3  sing N N 275 
PRO OXT HXT  sing N N 276 
SER N   CA   sing N N 277 
SER N   H    sing N N 278 
SER N   H2   sing N N 279 
SER CA  C    sing N N 280 
SER CA  CB   sing N N 281 
SER CA  HA   sing N N 282 
SER C   O    doub N N 283 
SER C   OXT  sing N N 284 
SER CB  OG   sing N N 285 
SER CB  HB2  sing N N 286 
SER CB  HB3  sing N N 287 
SER OG  HG   sing N N 288 
SER OXT HXT  sing N N 289 
THR N   CA   sing N N 290 
THR N   H    sing N N 291 
THR N   H2   sing N N 292 
THR CA  C    sing N N 293 
THR CA  CB   sing N N 294 
THR CA  HA   sing N N 295 
THR C   O    doub N N 296 
THR C   OXT  sing N N 297 
THR CB  OG1  sing N N 298 
THR CB  CG2  sing N N 299 
THR CB  HB   sing N N 300 
THR OG1 HG1  sing N N 301 
THR CG2 HG21 sing N N 302 
THR CG2 HG22 sing N N 303 
THR CG2 HG23 sing N N 304 
THR OXT HXT  sing N N 305 
TRP N   CA   sing N N 306 
TRP N   H    sing N N 307 
TRP N   H2   sing N N 308 
TRP CA  C    sing N N 309 
TRP CA  CB   sing N N 310 
TRP CA  HA   sing N N 311 
TRP C   O    doub N N 312 
TRP C   OXT  sing N N 313 
TRP CB  CG   sing N N 314 
TRP CB  HB2  sing N N 315 
TRP CB  HB3  sing N N 316 
TRP CG  CD1  doub Y N 317 
TRP CG  CD2  sing Y N 318 
TRP CD1 NE1  sing Y N 319 
TRP CD1 HD1  sing N N 320 
TRP CD2 CE2  doub Y N 321 
TRP CD2 CE3  sing Y N 322 
TRP NE1 CE2  sing Y N 323 
TRP NE1 HE1  sing N N 324 
TRP CE2 CZ2  sing Y N 325 
TRP CE3 CZ3  doub Y N 326 
TRP CE3 HE3  sing N N 327 
TRP CZ2 CH2  doub Y N 328 
TRP CZ2 HZ2  sing N N 329 
TRP CZ3 CH2  sing Y N 330 
TRP CZ3 HZ3  sing N N 331 
TRP CH2 HH2  sing N N 332 
TRP OXT HXT  sing N N 333 
TYR N   CA   sing N N 334 
TYR N   H    sing N N 335 
TYR N   H2   sing N N 336 
TYR CA  C    sing N N 337 
TYR CA  CB   sing N N 338 
TYR CA  HA   sing N N 339 
TYR C   O    doub N N 340 
TYR C   OXT  sing N N 341 
TYR CB  CG   sing N N 342 
TYR CB  HB2  sing N N 343 
TYR CB  HB3  sing N N 344 
TYR CG  CD1  doub Y N 345 
TYR CG  CD2  sing Y N 346 
TYR CD1 CE1  sing Y N 347 
TYR CD1 HD1  sing N N 348 
TYR CD2 CE2  doub Y N 349 
TYR CD2 HD2  sing N N 350 
TYR CE1 CZ   doub Y N 351 
TYR CE1 HE1  sing N N 352 
TYR CE2 CZ   sing Y N 353 
TYR CE2 HE2  sing N N 354 
TYR CZ  OH   sing N N 355 
TYR OH  HH   sing N N 356 
TYR OXT HXT  sing N N 357 
VAL N   CA   sing N N 358 
VAL N   H    sing N N 359 
VAL N   H2   sing N N 360 
VAL CA  C    sing N N 361 
VAL CA  CB   sing N N 362 
VAL CA  HA   sing N N 363 
VAL C   O    doub N N 364 
VAL C   OXT  sing N N 365 
VAL CB  CG1  sing N N 366 
VAL CB  CG2  sing N N 367 
VAL CB  HB   sing N N 368 
VAL CG1 HG11 sing N N 369 
VAL CG1 HG12 sing N N 370 
VAL CG1 HG13 sing N N 371 
VAL CG2 HG21 sing N N 372 
VAL CG2 HG22 sing N N 373 
VAL CG2 HG23 sing N N 374 
VAL OXT HXT  sing N N 375 
# 
loop_
_pdbx_entity_nonpoly.entity_id 
_pdbx_entity_nonpoly.name 
_pdbx_entity_nonpoly.comp_id 
2 'MAGNESIUM ION' MG  
3 water           HOH 
# 
_pdbx_initial_refinement_model.id               1 
_pdbx_initial_refinement_model.entity_id_list   ? 
_pdbx_initial_refinement_model.type             'experimental model' 
_pdbx_initial_refinement_model.source_name      PDB 
_pdbx_initial_refinement_model.accession_code   1XHD 
_pdbx_initial_refinement_model.details          'PDB ENTRY 1XHD' 
# 
